data_3V0B
#
_entry.id   3V0B
#
_cell.length_a   282.232
_cell.length_b   282.232
_cell.length_c   374.818
_cell.angle_alpha   90.00
_cell.angle_beta   90.00
_cell.angle_gamma   120.00
#
_symmetry.space_group_name_H-M   'P 62 2 2'
#
loop_
_entity.id
_entity.type
_entity.pdbx_description
1 polymer BoNT/A
2 polymer NTNH
3 non-polymer 'ZINC ION'
4 non-polymer 'CALCIUM ION'
#
loop_
_entity_poly.entity_id
_entity_poly.type
_entity_poly.pdbx_seq_one_letter_code
_entity_poly.pdbx_strand_id
1 'polypeptide(L)'
;MPFVNKQFNYKDPVNGVDIAYIKIPNAGQMQPVKAFKIHNKIWVIPERDTFTNPEEGDLNPPPEAKQVPVSYYDSTYLST
DNEKDNYLKGVTKLFERIYSTDLGRMLLTSIVRGIPFWGGSTIDTELKVIDTNCINVIQPDGSYRSEELNLVIIGPSADI
IQFECKSFGHEVLNLTRNGYGSTQYIRFSPDFTFGFEESLEVDTNPLLGAGKFATDPAVTLAHQLIHAGHRLYGIAINPN
RVFKVNTNAYYEMSGLEVSFEELRTFGGHDAKFIDSLQENEFRLYYYNKFKDIASTLNKAKSIVGTTASLQYMKNVFKEK
YLLSEDTSGKFSVDKLKFDKLYKMLTEIYTEDNFVKFFKVLNAKTFLNFDKAVFKINIVPKVNYTIYDGFNLRNTNLAAN
FNGQNTEINNMNFTKLKNFTGLFEFYKLLCVRGIITSKTKSLDKGYNKALNDLCIKVNNWDLFFSPSEDNFTNDLNKGEE
ITSDTNIEAAEENISLDLIQQYYLTFNFDNEPENISIENLSSDIIGQLELMPNIERFPNGKKYELDKYTMFHYLRAQEFE
HGKSRIALTNSVNEALLNPSRVYTFFSSDYVKKVNKATEAAMFLGWVEQLVYDFTDETSEVSTTDKIADITIIIPYIGPA
LNIGNMLYKDDFVGALIFSGAVILLEFIPEIAIPVLGTFALVSYIANKVLTVQTIDNALSKRNEKWDEVYKYIVTNWLAK
VNTQIDLIRKKMKEALENQAEATKAIINYQYNQYTEEEKNNINFNIDDLSSKLNESINKAMININKFLNQCSVSYLMNSM
IPYGVKRLEDFDASLKDALLKYIYDNRGTLIGQVDRLKDKVNNTLSTDIPFQLSKYVDNQRLLSTFTEYIKNIINTSILN
LRYESNHLIDLSRYASKINIGSKVNFDPIDKNQIQLFNLESSKIEVILKNAIVYNSMYENFSTSFWIRIPKYFNSISLNN
EYTIINCMENNSGWKVSLNYGEIIWTLQDTQEIKQRVVFKYSQMINISDYINRWIFVTITNNRLNNSKIYINGRLIDQKP
ISNLGNIHASNNIMFKLDGCRDTHRYIWIKYFNLFDKELNEKEIKDLYDNQSNSGILKDFWGDYLQYDKPYYMLNLYDPN
KYVDVNNVGIRGYMYLKGPRGSVMTTNIYLNSSLYRGAKFIIKKYASGNKDNIVRNNDRVYINVVVKNKEYRLATNASQA
GVEKILSALEIPDVGNLSQVVVMKSKNDQGITNKCKMNLQDNNGNDIGFIGFHQFNNIAKLVASNWYNRQIERSSRTLGC
SWEFIPVDDGWGERPL
;
A
2 'polypeptide(L)'
;GSMNINDNLSINSPVDNKNVVVVRARKTDTVFKAFKVAPNIWVAPERYYGESLSIDEEYKVDGGIYDSNFLSQDSEKDKF
LQAIITLLKRINSTNAGEKLLSLISTAIPFPYGYIGGGYYAPNMITFGSAPKSNKKLNSLISSTIPFPYAGYRETNYLSS
EDNKSFYASNIVIFGPGANIVENNTVFYKKEDAENGMGTMTEIWFQPFLTYKYDEFYIDPAIELIKCLIKSLYFLYGIKP
SDDLVIPYRLRSELENIEYSQLNIVDLLVSGGIDPKFINTDPYWFTDNYFSNAKKVFEDHRNIYETEIEGNNAIGNDIKL
RLKQKFRININDIWELNLNYFSKEFSIMMPDRFNNALKHFYRKQYYKIDYPENYSINGFVNGQINAQLSLSDRNQDIINK
PEEIINLLNGNNVSLMRSNIYGDGLKSTVDDFYSNYKIPYNRAYEYHFNNSNDSSLDNVNIGVIDNIPEIIDVNPYKENC
DKFSPVQKITSTREINTNIPWPINYLQAQNTNNEKFSLSSDFVEVVSSKDKSLVYSFLSNVMFYLDSIKDNSPIDTDKKY
YLWLREIFRNYSFDITATQEINTNCGINKVVTWFGKALNILNTSDSFVEEFQNLGAISLINKKENLSMPIIESYEIPNDM
LGLPLNDLNEKLFNIYSKNTAYFKKIYYNFLDQWWTQYYSQYFDLICMAKRSVLAQETLIKRIIQKKLSYLIGNSNISSD
NLALMNLTTTNTLRDISNESQIAMNNVDSFLNNAAICVFESNIYPKFISFMEQCINNINIKTKEFIQKCTNINEDEKLQL
INQNVFNSLDFEFLNIQNMKSLFSSETALLIKEETWPYELVLYAFKEPGNNVIGDASGKNTSIEYSKDIGLVYGINSDAL
YLNGSNQSISFSNDFFENGLTNSFSIYFWLRNLGKDTIKSKLIGSKEDNCGWEIYFQDTGLVFNMIDSNGNEKNIYLSDV
SNNSWHYITISVDRLKEQLLIFIDDNLVANESIKEILNIYSSNIISLLSENNPSYIEGLTILNKPTTSQEVLSNYFEVLN
NSYIRDSNEERLEYNKTYQLYNYVFSDKPICEVKQNNNIYLTINNTNNLNLQASKFKLLSINPNKQYVQKLDEVIISVLD
NMEKYIDISEDNRLQLIDNKNNAKKMIISNDIFISNCLTLSYNGKYICLSMKDENHNWMICNNDMSKYLYLWSFKP
;
B
#
loop_
_chem_comp.id
_chem_comp.type
_chem_comp.name
_chem_comp.formula
CA non-polymer 'CALCIUM ION' 'Ca 2'
ZN non-polymer 'ZINC ION' 'Zn 2'
#
# COMPACT_ATOMS: atom_id res chain seq x y z
N MET A 1 37.35 -18.00 22.56
CA MET A 1 36.73 -19.21 22.02
C MET A 1 37.11 -19.46 20.56
N PRO A 2 38.41 -19.29 20.22
CA PRO A 2 38.88 -19.44 18.83
C PRO A 2 39.11 -20.90 18.40
N PHE A 3 39.03 -21.17 17.10
CA PHE A 3 39.22 -22.52 16.58
C PHE A 3 40.70 -22.92 16.55
N VAL A 4 41.55 -22.00 16.06
CA VAL A 4 42.99 -22.20 16.06
C VAL A 4 43.59 -21.39 17.20
N ASN A 5 44.04 -22.08 18.25
CA ASN A 5 44.47 -21.41 19.48
C ASN A 5 45.95 -21.04 19.53
N LYS A 6 46.69 -21.43 18.50
CA LYS A 6 48.06 -20.96 18.30
C LYS A 6 48.07 -20.07 17.06
N GLN A 7 48.88 -19.01 17.10
CA GLN A 7 49.09 -18.28 15.85
C GLN A 7 50.47 -18.60 15.32
N PHE A 8 50.48 -19.43 14.27
CA PHE A 8 51.71 -19.97 13.72
C PHE A 8 52.34 -18.95 12.79
N ASN A 9 53.66 -19.07 12.62
CA ASN A 9 54.36 -18.39 11.55
C ASN A 9 55.18 -19.41 10.77
N TYR A 10 55.09 -19.36 9.45
CA TYR A 10 55.68 -20.43 8.63
C TYR A 10 57.15 -20.72 8.94
N LYS A 11 57.89 -19.74 9.42
CA LYS A 11 59.30 -19.98 9.70
C LYS A 11 59.58 -20.51 11.11
N ASP A 12 58.52 -20.68 11.90
CA ASP A 12 58.65 -21.31 13.22
C ASP A 12 59.29 -22.68 13.05
N PRO A 13 60.22 -23.03 13.95
CA PRO A 13 60.96 -24.30 13.81
C PRO A 13 60.10 -25.47 14.26
N VAL A 14 60.38 -26.65 13.73
CA VAL A 14 59.57 -27.83 13.99
C VAL A 14 59.68 -28.32 15.45
N ASN A 15 58.53 -28.47 16.11
CA ASN A 15 58.51 -28.98 17.48
C ASN A 15 58.14 -30.47 17.64
N GLY A 16 57.77 -31.14 16.55
CA GLY A 16 57.37 -32.54 16.62
C GLY A 16 55.93 -32.78 17.08
N VAL A 17 55.24 -31.73 17.49
CA VAL A 17 53.87 -31.88 17.94
C VAL A 17 52.88 -31.21 16.99
N ASP A 18 52.77 -29.89 17.05
CA ASP A 18 51.92 -29.18 16.10
C ASP A 18 52.62 -28.52 14.92
N ILE A 19 53.95 -28.62 14.87
CA ILE A 19 54.73 -28.19 13.72
C ILE A 19 55.78 -29.23 13.37
N ALA A 20 55.64 -29.84 12.20
CA ALA A 20 56.57 -30.91 11.83
C ALA A 20 56.65 -31.12 10.33
N TYR A 21 57.68 -31.84 9.92
CA TYR A 21 57.73 -32.40 8.58
C TYR A 21 57.04 -33.77 8.64
N ILE A 22 56.11 -33.99 7.72
CA ILE A 22 55.22 -35.14 7.80
C ILE A 22 55.15 -35.93 6.51
N LYS A 23 54.86 -37.23 6.62
CA LYS A 23 54.61 -38.05 5.45
C LYS A 23 53.14 -38.44 5.35
N ILE A 24 52.51 -38.09 4.23
CA ILE A 24 51.17 -38.55 3.94
C ILE A 24 51.24 -39.87 3.17
N PRO A 25 50.16 -40.66 3.19
CA PRO A 25 50.20 -41.91 2.41
C PRO A 25 50.48 -41.59 0.95
N ASN A 26 51.23 -42.46 0.29
CA ASN A 26 51.52 -42.26 -1.13
C ASN A 26 51.85 -43.56 -1.85
N ALA A 27 51.67 -43.57 -3.17
CA ALA A 27 51.92 -44.77 -3.95
C ALA A 27 53.39 -45.19 -3.83
N GLY A 28 54.27 -44.27 -4.23
CA GLY A 28 55.70 -44.48 -4.06
C GLY A 28 56.28 -43.54 -3.02
N GLN A 29 57.58 -43.31 -3.11
CA GLN A 29 58.29 -42.43 -2.19
C GLN A 29 57.78 -40.99 -2.30
N MET A 30 57.61 -40.34 -1.15
CA MET A 30 57.11 -38.97 -1.08
C MET A 30 58.02 -38.11 -0.21
N GLN A 31 58.36 -36.91 -0.69
CA GLN A 31 59.26 -36.02 0.03
C GLN A 31 58.53 -35.25 1.14
N PRO A 32 59.01 -35.39 2.39
CA PRO A 32 58.38 -34.81 3.58
C PRO A 32 58.12 -33.32 3.43
N VAL A 33 56.94 -32.88 3.85
CA VAL A 33 56.57 -31.46 3.77
C VAL A 33 56.30 -30.88 5.16
N LYS A 34 56.43 -29.56 5.29
CA LYS A 34 56.22 -28.91 6.57
C LYS A 34 54.73 -28.60 6.81
N ALA A 35 54.18 -29.14 7.90
CA ALA A 35 52.75 -28.97 8.18
C ALA A 35 52.47 -28.41 9.57
N PHE A 36 51.26 -27.90 9.76
CA PHE A 36 50.87 -27.30 11.02
C PHE A 36 49.53 -27.86 11.50
N LYS A 37 49.47 -28.30 12.75
CA LYS A 37 48.23 -28.82 13.29
C LYS A 37 47.55 -27.61 13.90
N ILE A 38 46.52 -27.13 13.21
CA ILE A 38 45.80 -25.92 13.64
C ILE A 38 44.71 -26.23 14.65
N HIS A 39 44.27 -27.48 14.64
CA HIS A 39 43.25 -27.95 15.58
C HIS A 39 43.37 -29.46 15.69
N ASN A 40 42.78 -30.03 16.72
CA ASN A 40 42.80 -31.48 16.86
C ASN A 40 42.26 -32.14 15.59
N LYS A 41 43.04 -33.06 15.02
CA LYS A 41 42.64 -33.79 13.81
C LYS A 41 42.68 -32.95 12.51
N ILE A 42 42.98 -31.65 12.60
CA ILE A 42 43.05 -30.78 11.42
C ILE A 42 44.45 -30.19 11.16
N TRP A 43 45.03 -30.49 10.00
CA TRP A 43 46.37 -29.97 9.67
C TRP A 43 46.34 -29.07 8.44
N VAL A 44 47.31 -28.18 8.34
CA VAL A 44 47.48 -27.37 7.13
C VAL A 44 48.89 -27.53 6.57
N ILE A 45 48.98 -27.86 5.28
CA ILE A 45 50.28 -27.91 4.59
C ILE A 45 50.33 -26.81 3.53
N PRO A 46 51.09 -25.73 3.80
CA PRO A 46 51.12 -24.60 2.85
C PRO A 46 52.00 -24.88 1.65
N GLU A 47 51.58 -25.80 0.78
CA GLU A 47 52.40 -26.22 -0.35
C GLU A 47 51.52 -26.45 -1.55
N ARG A 48 52.03 -26.13 -2.74
CA ARG A 48 51.34 -26.50 -3.96
C ARG A 48 51.32 -28.02 -3.97
N ASP A 49 50.17 -28.62 -4.27
CA ASP A 49 50.09 -30.06 -4.06
C ASP A 49 50.55 -30.76 -5.32
N THR A 50 51.79 -31.21 -5.27
CA THR A 50 52.33 -32.17 -6.21
C THR A 50 52.55 -33.53 -5.55
N PHE A 51 52.40 -33.58 -4.22
CA PHE A 51 52.64 -34.80 -3.45
C PHE A 51 51.47 -35.79 -3.36
N THR A 52 50.28 -35.26 -3.17
CA THR A 52 49.08 -36.08 -3.05
C THR A 52 49.04 -37.12 -4.17
N ASN A 53 49.29 -36.65 -5.38
CA ASN A 53 49.19 -37.48 -6.56
C ASN A 53 50.40 -37.31 -7.48
N PRO A 54 51.44 -38.12 -7.27
CA PRO A 54 52.69 -38.04 -8.03
C PRO A 54 52.46 -38.06 -9.55
N GLU A 55 51.36 -38.69 -9.98
CA GLU A 55 50.97 -38.67 -11.39
C GLU A 55 50.94 -37.25 -11.94
N GLU A 56 50.08 -36.40 -11.39
CA GLU A 56 50.08 -35.00 -11.82
C GLU A 56 50.89 -34.20 -10.79
N GLY A 57 52.17 -34.02 -11.12
CA GLY A 57 53.11 -33.29 -10.29
C GLY A 57 53.67 -32.02 -10.91
N ASP A 58 53.16 -31.64 -12.08
CA ASP A 58 53.72 -30.50 -12.80
C ASP A 58 52.70 -29.35 -12.84
N LEU A 59 53.15 -28.16 -12.44
CA LEU A 59 52.25 -27.05 -12.17
C LEU A 59 51.95 -26.22 -13.40
N ASN A 60 52.42 -26.66 -14.55
CA ASN A 60 52.17 -25.93 -15.78
C ASN A 60 50.79 -26.22 -16.38
N PRO A 61 50.28 -25.28 -17.21
CA PRO A 61 49.02 -25.46 -17.91
C PRO A 61 49.05 -26.71 -18.77
N PRO A 62 47.92 -27.42 -18.86
CA PRO A 62 47.84 -28.67 -19.63
C PRO A 62 47.85 -28.40 -21.14
N PRO A 63 48.12 -29.44 -21.95
CA PRO A 63 48.13 -29.30 -23.40
C PRO A 63 46.77 -28.81 -23.93
N GLU A 64 45.69 -29.39 -23.41
CA GLU A 64 44.34 -28.99 -23.78
C GLU A 64 43.61 -28.31 -22.62
N ALA A 65 43.05 -27.14 -22.88
CA ALA A 65 42.34 -26.39 -21.84
C ALA A 65 41.29 -27.25 -21.16
N LYS A 66 41.19 -27.12 -19.85
CA LYS A 66 40.10 -27.78 -19.13
C LYS A 66 38.81 -27.15 -19.60
N GLN A 67 37.73 -27.91 -19.54
CA GLN A 67 36.46 -27.48 -20.10
C GLN A 67 35.58 -26.68 -19.14
N VAL A 68 36.16 -26.26 -18.01
CA VAL A 68 35.57 -25.28 -17.11
C VAL A 68 35.54 -23.86 -17.72
N PRO A 69 34.66 -22.97 -17.21
CA PRO A 69 34.57 -21.58 -17.65
C PRO A 69 35.70 -20.67 -17.13
N VAL A 70 36.29 -21.02 -15.98
CA VAL A 70 37.38 -20.23 -15.42
C VAL A 70 38.53 -21.10 -14.86
N SER A 71 39.76 -20.72 -15.19
CA SER A 71 40.93 -21.41 -14.67
C SER A 71 42.10 -20.45 -14.65
N TYR A 72 43.05 -20.69 -13.76
CA TYR A 72 44.24 -19.85 -13.67
C TYR A 72 45.48 -20.69 -13.38
N TYR A 73 46.58 -20.40 -14.09
CA TYR A 73 47.83 -21.13 -13.92
C TYR A 73 49.02 -20.20 -13.67
N ASP A 74 49.63 -20.34 -12.49
CA ASP A 74 50.92 -19.73 -12.19
C ASP A 74 51.79 -20.72 -11.43
N SER A 75 52.90 -21.14 -12.00
CA SER A 75 53.70 -22.19 -11.39
C SER A 75 54.49 -21.69 -10.17
N THR A 76 54.76 -20.39 -10.14
CA THR A 76 55.59 -19.82 -9.08
C THR A 76 54.80 -19.53 -7.82
N TYR A 77 53.48 -19.53 -7.92
CA TYR A 77 52.63 -19.22 -6.78
C TYR A 77 52.87 -20.20 -5.63
N LEU A 78 53.06 -19.65 -4.43
CA LEU A 78 53.28 -20.46 -3.22
C LEU A 78 54.62 -21.21 -3.25
N SER A 79 55.63 -20.63 -3.88
CA SER A 79 56.98 -21.18 -3.84
C SER A 79 57.86 -20.48 -2.80
N THR A 80 57.31 -19.47 -2.14
CA THR A 80 58.07 -18.63 -1.24
C THR A 80 57.63 -18.77 0.19
N ASP A 81 58.60 -18.75 1.10
CA ASP A 81 58.29 -18.83 2.53
C ASP A 81 57.34 -17.72 2.97
N ASN A 82 57.43 -16.57 2.32
CA ASN A 82 56.49 -15.48 2.60
C ASN A 82 55.06 -15.81 2.16
N GLU A 83 54.90 -16.32 0.94
CA GLU A 83 53.58 -16.74 0.49
C GLU A 83 53.05 -17.88 1.34
N LYS A 84 53.94 -18.74 1.83
CA LYS A 84 53.54 -19.84 2.68
C LYS A 84 53.02 -19.29 4.00
N ASP A 85 53.70 -18.30 4.54
CA ASP A 85 53.28 -17.69 5.80
C ASP A 85 51.92 -17.03 5.64
N ASN A 86 51.64 -16.52 4.44
CA ASN A 86 50.38 -15.83 4.17
C ASN A 86 49.22 -16.79 3.90
N TYR A 87 49.53 -17.91 3.25
CA TYR A 87 48.57 -18.98 3.02
C TYR A 87 48.07 -19.48 4.37
N LEU A 88 49.02 -19.82 5.24
CA LEU A 88 48.72 -20.32 6.57
C LEU A 88 47.79 -19.37 7.34
N LYS A 89 48.12 -18.09 7.31
CA LYS A 89 47.34 -17.09 8.03
C LYS A 89 45.96 -16.86 7.42
N GLY A 90 45.88 -16.87 6.10
CA GLY A 90 44.61 -16.71 5.42
C GLY A 90 43.70 -17.89 5.69
N VAL A 91 44.22 -19.10 5.52
CA VAL A 91 43.43 -20.30 5.77
C VAL A 91 42.92 -20.30 7.21
N THR A 92 43.82 -20.00 8.14
CA THR A 92 43.45 -19.90 9.54
C THR A 92 42.31 -18.91 9.76
N LYS A 93 42.43 -17.73 9.16
CA LYS A 93 41.41 -16.70 9.31
C LYS A 93 40.05 -17.18 8.79
N LEU A 94 40.05 -17.95 7.70
CA LEU A 94 38.82 -18.46 7.14
C LEU A 94 38.19 -19.51 8.06
N PHE A 95 39.02 -20.36 8.64
CA PHE A 95 38.52 -21.28 9.65
C PHE A 95 37.84 -20.54 10.79
N GLU A 96 38.45 -19.43 11.21
CA GLU A 96 37.92 -18.65 12.31
C GLU A 96 36.63 -17.94 11.91
N ARG A 97 36.55 -17.50 10.66
CA ARG A 97 35.36 -16.84 10.15
C ARG A 97 34.17 -17.81 10.14
N ILE A 98 34.45 -19.04 9.73
CA ILE A 98 33.43 -20.09 9.68
C ILE A 98 33.00 -20.47 11.10
N TYR A 99 33.97 -20.71 11.97
CA TYR A 99 33.72 -21.08 13.35
C TYR A 99 32.87 -20.05 14.11
N SER A 100 33.02 -18.77 13.74
CA SER A 100 32.33 -17.70 14.45
C SER A 100 30.84 -17.67 14.13
N THR A 101 30.40 -18.51 13.21
CA THR A 101 28.97 -18.65 12.91
C THR A 101 28.39 -19.90 13.58
N ASP A 102 27.14 -19.82 14.02
CA ASP A 102 26.50 -20.99 14.62
C ASP A 102 26.62 -22.22 13.71
N LEU A 103 26.25 -22.06 12.44
CA LEU A 103 26.34 -23.15 11.48
C LEU A 103 27.76 -23.71 11.34
N GLY A 104 28.74 -22.82 11.15
CA GLY A 104 30.13 -23.21 11.01
C GLY A 104 30.70 -23.89 12.24
N ARG A 105 30.25 -23.45 13.41
CA ARG A 105 30.70 -24.03 14.67
C ARG A 105 30.28 -25.49 14.79
N MET A 106 29.06 -25.79 14.35
CA MET A 106 28.62 -27.18 14.27
C MET A 106 29.46 -27.94 13.26
N LEU A 107 29.50 -27.45 12.03
CA LEU A 107 30.22 -28.16 10.97
C LEU A 107 31.66 -28.53 11.41
N LEU A 108 32.39 -27.55 11.93
CA LEU A 108 33.75 -27.80 12.36
C LEU A 108 33.82 -28.87 13.44
N THR A 109 32.89 -28.82 14.40
CA THR A 109 32.85 -29.83 15.44
C THR A 109 32.50 -31.20 14.87
N SER A 110 31.52 -31.23 13.96
CA SER A 110 31.12 -32.48 13.31
C SER A 110 32.31 -33.12 12.60
N ILE A 111 33.11 -32.29 11.92
CA ILE A 111 34.27 -32.79 11.20
C ILE A 111 35.30 -33.42 12.14
N VAL A 112 35.56 -32.76 13.26
CA VAL A 112 36.53 -33.26 14.24
C VAL A 112 36.13 -34.61 14.84
N ARG A 113 34.86 -34.76 15.20
CA ARG A 113 34.41 -36.02 15.81
C ARG A 113 34.07 -37.05 14.73
N GLY A 114 34.29 -36.66 13.47
CA GLY A 114 33.98 -37.48 12.33
C GLY A 114 35.09 -38.47 12.00
N ILE A 115 35.83 -38.86 13.03
CA ILE A 115 37.01 -39.73 12.89
C ILE A 115 36.74 -40.94 12.00
N PRO A 116 37.62 -41.15 11.01
CA PRO A 116 37.48 -42.27 10.09
C PRO A 116 37.45 -43.61 10.81
N PHE A 117 36.47 -44.43 10.46
CA PHE A 117 36.18 -45.68 11.15
C PHE A 117 37.38 -46.62 11.15
N TRP A 118 37.50 -47.45 12.18
CA TRP A 118 38.57 -48.43 12.15
C TRP A 118 38.00 -49.69 11.50
N GLY A 119 38.29 -49.81 10.21
CA GLY A 119 37.81 -50.92 9.39
C GLY A 119 38.93 -51.81 8.91
N GLY A 120 40.11 -51.63 9.49
CA GLY A 120 41.31 -52.28 8.98
C GLY A 120 41.35 -53.77 9.20
N SER A 121 40.52 -54.27 10.11
CA SER A 121 40.61 -55.67 10.52
C SER A 121 39.91 -56.64 9.58
N THR A 122 40.63 -57.66 9.15
CA THR A 122 40.08 -58.74 8.35
C THR A 122 39.54 -59.83 9.27
N ILE A 123 39.77 -59.63 10.57
CA ILE A 123 39.24 -60.50 11.60
C ILE A 123 38.25 -59.68 12.44
N ASP A 124 36.98 -60.07 12.42
CA ASP A 124 35.92 -59.21 12.96
C ASP A 124 35.84 -59.17 14.49
N THR A 125 36.61 -60.01 15.16
CA THR A 125 36.68 -59.95 16.62
C THR A 125 37.59 -58.82 17.09
N GLU A 126 38.40 -58.29 16.17
CA GLU A 126 39.36 -57.24 16.50
C GLU A 126 39.09 -55.95 15.73
N LEU A 127 39.39 -54.83 16.38
CA LEU A 127 39.18 -53.51 15.79
C LEU A 127 40.53 -52.87 15.45
N LYS A 128 40.75 -52.56 14.18
CA LYS A 128 42.04 -52.02 13.76
C LYS A 128 41.89 -50.74 12.94
N VAL A 129 42.87 -49.85 13.04
CA VAL A 129 42.87 -48.62 12.25
C VAL A 129 43.27 -48.91 10.80
N ILE A 130 42.79 -48.08 9.89
CA ILE A 130 43.16 -48.16 8.49
C ILE A 130 44.31 -47.19 8.23
N ASP A 131 45.40 -47.69 7.65
CA ASP A 131 46.66 -46.95 7.53
C ASP A 131 46.60 -45.61 6.80
N THR A 132 45.94 -45.59 5.65
CA THR A 132 45.88 -44.37 4.82
C THR A 132 45.13 -43.22 5.50
N ASN A 133 44.54 -43.49 6.66
CA ASN A 133 43.87 -42.47 7.48
C ASN A 133 44.80 -41.80 8.49
N CYS A 134 46.09 -42.05 8.36
CA CYS A 134 47.11 -41.53 9.27
C CYS A 134 48.24 -40.78 8.56
N ILE A 135 49.07 -40.08 9.34
CA ILE A 135 50.32 -39.53 8.84
C ILE A 135 51.46 -39.87 9.78
N ASN A 136 52.69 -39.66 9.30
CA ASN A 136 53.87 -39.82 10.15
C ASN A 136 54.49 -38.47 10.45
N VAL A 137 54.55 -38.13 11.74
CA VAL A 137 55.06 -36.85 12.18
C VAL A 137 56.53 -37.02 12.57
N ILE A 138 57.42 -36.42 11.79
CA ILE A 138 58.85 -36.56 12.03
C ILE A 138 59.28 -35.68 13.20
N GLN A 139 59.90 -36.29 14.21
CA GLN A 139 60.36 -35.57 15.40
C GLN A 139 61.76 -34.96 15.17
N PRO A 140 62.14 -33.99 16.02
CA PRO A 140 63.50 -33.43 15.98
C PRO A 140 64.59 -34.48 16.13
N ASP A 141 64.33 -35.57 16.85
CA ASP A 141 65.38 -36.57 17.08
C ASP A 141 65.51 -37.58 15.93
N GLY A 142 64.74 -37.35 14.87
CA GLY A 142 64.85 -38.15 13.67
C GLY A 142 63.85 -39.28 13.60
N SER A 143 63.24 -39.59 14.73
CA SER A 143 62.19 -40.60 14.78
C SER A 143 60.88 -40.02 14.26
N TYR A 144 60.01 -40.89 13.76
CA TYR A 144 58.67 -40.47 13.39
C TYR A 144 57.61 -41.06 14.33
N ARG A 145 56.52 -40.33 14.51
CA ARG A 145 55.40 -40.80 15.30
C ARG A 145 54.19 -40.90 14.37
N SER A 146 53.49 -42.02 14.43
CA SER A 146 52.29 -42.22 13.61
C SER A 146 51.09 -41.62 14.30
N GLU A 147 50.32 -40.83 13.56
CA GLU A 147 49.20 -40.11 14.15
C GLU A 147 48.02 -40.04 13.19
N GLU A 148 46.82 -40.32 13.68
CA GLU A 148 45.63 -40.30 12.84
C GLU A 148 45.00 -38.91 12.76
N LEU A 149 44.47 -38.58 11.57
CA LEU A 149 43.88 -37.26 11.34
C LEU A 149 42.64 -37.29 10.44
N ASN A 150 41.74 -36.33 10.67
CA ASN A 150 40.55 -36.18 9.84
C ASN A 150 40.70 -35.32 8.57
N LEU A 151 41.41 -34.20 8.69
CA LEU A 151 41.39 -33.18 7.65
C LEU A 151 42.74 -32.52 7.42
N VAL A 152 43.13 -32.42 6.16
CA VAL A 152 44.31 -31.66 5.78
C VAL A 152 43.98 -30.65 4.69
N ILE A 153 44.32 -29.39 4.91
CA ILE A 153 44.23 -28.36 3.89
C ILE A 153 45.59 -28.17 3.19
N ILE A 154 45.61 -28.39 1.88
CA ILE A 154 46.84 -28.23 1.12
C ILE A 154 46.61 -27.27 -0.04
N GLY A 155 47.70 -26.69 -0.53
CA GLY A 155 47.61 -25.75 -1.63
C GLY A 155 47.13 -26.42 -2.90
N PRO A 156 46.69 -25.61 -3.87
CA PRO A 156 46.14 -26.17 -5.12
C PRO A 156 47.20 -26.78 -6.02
N SER A 157 46.74 -27.59 -6.95
CA SER A 157 47.58 -28.17 -8.01
C SER A 157 47.75 -27.17 -9.15
N ALA A 158 48.17 -27.66 -10.30
CA ALA A 158 48.41 -26.79 -11.45
C ALA A 158 47.30 -25.76 -11.68
N ASP A 159 46.03 -26.16 -11.54
CA ASP A 159 44.97 -25.16 -11.69
C ASP A 159 44.69 -24.58 -10.31
N ILE A 160 45.06 -23.32 -10.17
CA ILE A 160 45.09 -22.66 -8.88
C ILE A 160 43.70 -22.51 -8.25
N ILE A 161 42.68 -22.30 -9.07
CA ILE A 161 41.33 -22.06 -8.57
C ILE A 161 40.41 -23.30 -8.53
N GLN A 162 40.97 -24.47 -8.83
CA GLN A 162 40.18 -25.69 -8.75
C GLN A 162 40.34 -26.32 -7.38
N PHE A 163 39.27 -26.28 -6.59
CA PHE A 163 39.32 -26.75 -5.22
C PHE A 163 38.51 -28.03 -5.11
N GLU A 164 39.05 -29.01 -4.38
CA GLU A 164 38.37 -30.29 -4.26
C GLU A 164 38.82 -31.11 -3.05
N CYS A 165 37.99 -32.07 -2.67
CA CYS A 165 38.37 -33.05 -1.66
C CYS A 165 39.01 -34.25 -2.32
N LYS A 166 40.15 -34.66 -1.78
CA LYS A 166 40.84 -35.87 -2.22
C LYS A 166 40.98 -36.76 -1.01
N SER A 167 40.99 -38.07 -1.22
CA SER A 167 41.27 -39.01 -0.14
C SER A 167 41.74 -40.36 -0.67
N PHE A 168 42.43 -41.11 0.20
CA PHE A 168 42.96 -42.42 -0.15
C PHE A 168 41.96 -43.57 -0.02
N GLY A 169 42.19 -44.63 -0.80
CA GLY A 169 41.27 -45.75 -0.88
C GLY A 169 41.70 -47.02 -0.18
N HIS A 170 40.90 -48.07 -0.38
CA HIS A 170 41.17 -49.40 0.17
C HIS A 170 41.01 -50.44 -0.94
N GLU A 171 41.74 -51.54 -0.83
CA GLU A 171 41.78 -52.54 -1.89
C GLU A 171 40.37 -52.87 -2.36
N VAL A 172 39.44 -52.92 -1.42
CA VAL A 172 38.06 -53.30 -1.70
C VAL A 172 37.09 -52.17 -1.36
N LEU A 173 37.07 -51.77 -0.09
CA LEU A 173 36.13 -50.79 0.45
C LEU A 173 36.05 -49.43 -0.26
N ASN A 174 34.84 -48.87 -0.34
CA ASN A 174 34.67 -47.47 -0.71
C ASN A 174 34.40 -46.68 0.55
N LEU A 175 35.41 -45.94 1.02
CA LEU A 175 35.34 -45.36 2.35
C LEU A 175 34.46 -44.11 2.41
N THR A 176 34.30 -43.44 1.27
CA THR A 176 33.45 -42.27 1.23
C THR A 176 31.97 -42.63 1.09
N ARG A 177 31.67 -43.78 0.49
CA ARG A 177 30.30 -44.25 0.35
C ARG A 177 29.81 -45.35 1.31
N ASN A 178 30.70 -45.91 2.13
CA ASN A 178 30.30 -46.98 3.05
C ASN A 178 30.07 -46.56 4.51
N GLY A 179 30.17 -45.27 4.79
CA GLY A 179 29.95 -44.78 6.15
C GLY A 179 31.16 -44.91 7.04
N TYR A 180 32.19 -45.62 6.58
CA TYR A 180 33.46 -45.67 7.30
C TYR A 180 34.09 -44.28 7.37
N GLY A 181 34.32 -43.68 6.21
CA GLY A 181 35.01 -42.41 6.12
C GLY A 181 36.51 -42.57 5.91
N SER A 182 37.13 -41.50 5.42
CA SER A 182 38.57 -41.51 5.17
C SER A 182 39.11 -40.10 5.35
N THR A 183 40.37 -40.00 5.77
CA THR A 183 41.00 -38.70 5.95
C THR A 183 40.89 -37.85 4.69
N GLN A 184 40.44 -36.61 4.85
CA GLN A 184 40.17 -35.75 3.69
C GLN A 184 41.26 -34.71 3.40
N TYR A 185 41.72 -34.69 2.16
CA TYR A 185 42.70 -33.70 1.70
C TYR A 185 42.03 -32.72 0.76
N ILE A 186 41.93 -31.46 1.19
CA ILE A 186 41.31 -30.43 0.37
C ILE A 186 42.34 -29.49 -0.27
N ARG A 187 42.32 -29.42 -1.61
CA ARG A 187 43.10 -28.44 -2.33
C ARG A 187 42.38 -27.09 -2.30
N PHE A 188 43.02 -26.13 -1.67
CA PHE A 188 42.39 -24.83 -1.48
C PHE A 188 43.41 -23.69 -1.48
N SER A 189 42.93 -22.50 -1.82
CA SER A 189 43.74 -21.31 -1.70
C SER A 189 42.88 -20.13 -1.28
N PRO A 190 43.37 -19.36 -0.30
CA PRO A 190 42.69 -18.16 0.20
C PRO A 190 43.21 -16.92 -0.53
N ASP A 191 44.06 -17.14 -1.53
CA ASP A 191 44.74 -16.03 -2.18
C ASP A 191 44.12 -15.66 -3.53
N PHE A 192 43.02 -16.35 -3.85
CA PHE A 192 42.27 -16.04 -5.08
C PHE A 192 40.78 -16.28 -4.86
N THR A 193 39.97 -15.63 -5.69
CA THR A 193 38.53 -15.88 -5.70
C THR A 193 37.86 -15.65 -7.07
N PHE A 194 36.57 -15.94 -7.16
CA PHE A 194 35.87 -15.87 -8.44
C PHE A 194 35.04 -14.61 -8.53
N GLY A 195 34.92 -14.05 -9.74
CA GLY A 195 33.95 -13.01 -9.98
C GLY A 195 32.66 -13.56 -10.56
N PHE A 196 31.54 -12.89 -10.30
CA PHE A 196 30.25 -13.33 -10.84
C PHE A 196 29.29 -12.15 -11.05
N GLU A 197 28.23 -12.38 -11.81
CA GLU A 197 27.25 -11.34 -12.07
C GLU A 197 25.98 -11.55 -11.22
N GLU A 198 25.46 -10.48 -10.63
CA GLU A 198 24.22 -10.62 -9.86
C GLU A 198 23.18 -9.54 -10.14
N SER A 199 22.07 -9.93 -10.74
CA SER A 199 20.94 -9.01 -10.94
C SER A 199 19.76 -9.18 -9.96
N LEU A 200 19.78 -10.22 -9.12
CA LEU A 200 18.59 -10.56 -8.34
C LEU A 200 18.33 -9.66 -7.14
N GLU A 201 19.39 -9.23 -6.46
CA GLU A 201 19.26 -8.46 -5.22
C GLU A 201 18.76 -7.02 -5.40
N VAL A 202 18.59 -6.58 -6.64
CA VAL A 202 18.17 -5.19 -6.86
C VAL A 202 16.79 -4.91 -6.26
N ASP A 203 16.03 -5.96 -6.00
CA ASP A 203 14.71 -5.82 -5.37
C ASP A 203 14.85 -5.18 -3.98
N THR A 204 15.70 -5.78 -3.16
CA THR A 204 16.00 -5.25 -1.82
C THR A 204 17.15 -4.23 -1.77
N ASN A 205 17.99 -4.19 -2.81
CA ASN A 205 19.15 -3.30 -2.83
C ASN A 205 19.25 -2.54 -4.14
N PRO A 206 18.40 -1.53 -4.33
CA PRO A 206 18.31 -0.81 -5.61
C PRO A 206 19.60 -0.09 -5.99
N LEU A 207 20.49 0.07 -5.01
CA LEU A 207 21.77 0.74 -5.21
C LEU A 207 22.92 -0.24 -5.51
N LEU A 208 22.59 -1.51 -5.72
CA LEU A 208 23.61 -2.52 -5.95
C LEU A 208 24.65 -2.09 -7.00
N GLY A 209 25.93 -2.29 -6.68
CA GLY A 209 27.02 -1.87 -7.57
C GLY A 209 27.06 -2.55 -8.94
N ALA A 210 27.67 -1.87 -9.89
CA ALA A 210 27.84 -2.39 -11.24
C ALA A 210 29.00 -3.38 -11.40
N GLY A 211 28.89 -4.25 -12.39
CA GLY A 211 30.00 -5.11 -12.76
C GLY A 211 30.14 -6.32 -11.85
N LYS A 212 31.32 -6.94 -11.86
CA LYS A 212 31.52 -8.21 -11.17
C LYS A 212 31.64 -8.10 -9.64
N PHE A 213 31.14 -9.13 -8.97
CA PHE A 213 31.27 -9.26 -7.53
C PHE A 213 32.16 -10.46 -7.23
N ALA A 214 32.80 -10.42 -6.07
CA ALA A 214 33.75 -11.47 -5.71
C ALA A 214 33.17 -12.42 -4.68
N THR A 215 33.28 -13.71 -4.96
CA THR A 215 32.87 -14.74 -4.02
C THR A 215 33.66 -14.58 -2.73
N ASP A 216 32.98 -14.61 -1.60
CA ASP A 216 33.66 -14.59 -0.32
C ASP A 216 34.35 -15.94 -0.14
N PRO A 217 35.69 -15.93 -0.05
CA PRO A 217 36.46 -17.19 0.04
C PRO A 217 35.98 -18.10 1.17
N ALA A 218 35.41 -17.51 2.22
CA ALA A 218 34.90 -18.27 3.35
C ALA A 218 33.76 -19.19 2.90
N VAL A 219 32.94 -18.73 1.96
CA VAL A 219 31.90 -19.57 1.39
C VAL A 219 32.54 -20.74 0.66
N THR A 220 33.60 -20.44 -0.10
CA THR A 220 34.24 -21.46 -0.91
C THR A 220 34.85 -22.56 -0.06
N LEU A 221 35.48 -22.18 1.05
CA LEU A 221 36.09 -23.17 1.93
C LEU A 221 34.99 -24.00 2.58
N ALA A 222 33.99 -23.30 3.11
CA ALA A 222 32.86 -23.96 3.70
C ALA A 222 32.28 -25.01 2.74
N HIS A 223 32.14 -24.64 1.47
CA HIS A 223 31.65 -25.57 0.48
C HIS A 223 32.45 -26.88 0.52
N GLN A 224 33.77 -26.77 0.51
CA GLN A 224 34.63 -27.94 0.54
C GLN A 224 34.58 -28.68 1.88
N LEU A 225 34.43 -27.95 2.98
CA LEU A 225 34.33 -28.56 4.29
C LEU A 225 33.08 -29.46 4.37
N ILE A 226 32.03 -29.04 3.67
CA ILE A 226 30.80 -29.81 3.59
C ILE A 226 31.05 -31.14 2.87
N HIS A 227 31.71 -31.08 1.71
CA HIS A 227 32.10 -32.32 1.03
C HIS A 227 32.89 -33.18 1.99
N ALA A 228 33.94 -32.59 2.56
CA ALA A 228 34.77 -33.28 3.54
C ALA A 228 33.92 -33.97 4.61
N GLY A 229 32.90 -33.26 5.09
CA GLY A 229 32.01 -33.79 6.11
C GLY A 229 31.28 -35.06 5.66
N HIS A 230 30.73 -35.02 4.45
CA HIS A 230 30.10 -36.21 3.87
C HIS A 230 31.13 -37.34 3.79
N ARG A 231 32.27 -37.06 3.17
CA ARG A 231 33.30 -38.06 2.98
C ARG A 231 33.79 -38.70 4.29
N LEU A 232 33.87 -37.90 5.35
CA LEU A 232 34.30 -38.43 6.65
C LEU A 232 33.26 -39.36 7.27
N TYR A 233 31.98 -39.09 7.01
CA TYR A 233 30.89 -39.90 7.54
C TYR A 233 30.48 -41.00 6.56
N GLY A 234 31.19 -41.08 5.44
CA GLY A 234 30.97 -42.13 4.46
C GLY A 234 29.62 -42.08 3.77
N ILE A 235 28.99 -40.90 3.80
CA ILE A 235 27.73 -40.68 3.10
C ILE A 235 27.77 -39.95 1.75
N ALA A 236 28.95 -39.66 1.22
CA ALA A 236 29.04 -39.02 -0.10
C ALA A 236 28.30 -39.80 -1.19
N ILE A 237 27.63 -39.09 -2.09
CA ILE A 237 26.94 -39.72 -3.20
C ILE A 237 27.91 -40.14 -4.30
N ASN A 238 27.73 -41.34 -4.82
CA ASN A 238 28.61 -41.88 -5.85
C ASN A 238 28.84 -40.88 -6.96
N PRO A 239 30.12 -40.64 -7.32
CA PRO A 239 30.51 -39.69 -8.38
C PRO A 239 29.99 -40.07 -9.76
N ASN A 240 29.53 -41.30 -9.94
CA ASN A 240 28.92 -41.69 -11.21
C ASN A 240 27.42 -41.35 -11.25
N ARG A 241 26.90 -40.78 -10.17
CA ARG A 241 25.54 -40.27 -10.19
C ARG A 241 25.62 -38.80 -10.61
N VAL A 242 25.18 -38.55 -11.83
CA VAL A 242 25.35 -37.25 -12.44
C VAL A 242 24.06 -36.79 -13.08
N PHE A 243 23.86 -35.48 -13.17
CA PHE A 243 22.67 -34.93 -13.78
C PHE A 243 22.97 -34.77 -15.27
N LYS A 244 22.36 -35.62 -16.10
CA LYS A 244 22.61 -35.60 -17.53
C LYS A 244 21.84 -34.45 -18.15
N VAL A 245 22.40 -33.85 -19.19
CA VAL A 245 21.73 -32.77 -19.91
C VAL A 245 21.62 -33.13 -21.38
N ASN A 246 20.71 -32.46 -22.08
CA ASN A 246 20.56 -32.62 -23.52
C ASN A 246 21.47 -31.63 -24.25
N THR A 247 22.41 -32.17 -25.01
CA THR A 247 23.37 -31.34 -25.74
C THR A 247 23.15 -31.17 -27.26
N ASN A 248 22.16 -31.87 -27.82
CA ASN A 248 22.02 -31.99 -29.28
C ASN A 248 21.49 -30.74 -30.00
N ALA A 249 20.65 -29.96 -29.32
CA ALA A 249 19.98 -28.81 -29.92
C ALA A 249 20.85 -27.56 -29.94
N TYR A 250 20.64 -26.72 -30.95
CA TYR A 250 21.48 -25.55 -31.15
C TYR A 250 21.55 -24.64 -29.92
N TYR A 251 20.47 -24.59 -29.15
CA TYR A 251 20.41 -23.70 -27.99
C TYR A 251 20.96 -24.34 -26.72
N GLU A 252 21.13 -25.66 -26.72
CA GLU A 252 21.61 -26.37 -25.54
C GLU A 252 23.13 -26.29 -25.36
N MET A 253 23.58 -26.42 -24.12
CA MET A 253 25.01 -26.49 -23.83
C MET A 253 25.63 -27.66 -24.58
N SER A 254 26.90 -27.53 -24.94
CA SER A 254 27.62 -28.61 -25.60
C SER A 254 27.77 -29.76 -24.63
N GLY A 255 27.93 -29.41 -23.35
CA GLY A 255 27.89 -30.39 -22.29
C GLY A 255 28.13 -29.70 -20.97
N LEU A 256 27.68 -30.31 -19.88
CA LEU A 256 27.91 -29.80 -18.54
C LEU A 256 28.06 -30.95 -17.57
N GLU A 257 29.10 -30.93 -16.73
CA GLU A 257 29.26 -31.99 -15.75
C GLU A 257 28.95 -31.50 -14.34
N VAL A 258 27.87 -32.04 -13.75
CA VAL A 258 27.52 -31.73 -12.36
C VAL A 258 26.93 -32.96 -11.69
N SER A 259 27.33 -33.19 -10.44
CA SER A 259 27.04 -34.45 -9.76
C SER A 259 26.00 -34.28 -8.65
N PHE A 260 25.27 -35.34 -8.33
CA PHE A 260 24.26 -35.28 -7.28
C PHE A 260 24.89 -34.79 -5.97
N GLU A 261 26.11 -35.25 -5.71
CA GLU A 261 26.85 -34.81 -4.52
C GLU A 261 27.00 -33.29 -4.48
N GLU A 262 27.39 -32.70 -5.59
CA GLU A 262 27.55 -31.26 -5.69
C GLU A 262 26.18 -30.59 -5.49
N LEU A 263 25.16 -31.10 -6.16
CA LEU A 263 23.81 -30.57 -5.99
C LEU A 263 23.40 -30.60 -4.52
N ARG A 264 23.68 -31.72 -3.85
CA ARG A 264 23.36 -31.87 -2.45
C ARG A 264 24.07 -30.81 -1.62
N THR A 265 25.34 -30.57 -1.95
CA THR A 265 26.17 -29.64 -1.21
C THR A 265 25.76 -28.18 -1.36
N PHE A 266 25.47 -27.76 -2.60
CA PHE A 266 25.03 -26.39 -2.87
C PHE A 266 23.81 -26.00 -2.04
N GLY A 267 22.87 -26.94 -1.89
CA GLY A 267 21.64 -26.67 -1.15
C GLY A 267 20.65 -25.85 -1.97
N GLY A 268 19.76 -25.15 -1.28
CA GLY A 268 18.83 -24.27 -1.96
C GLY A 268 18.09 -24.97 -3.10
N HIS A 269 17.90 -24.27 -4.20
CA HIS A 269 17.16 -24.80 -5.34
C HIS A 269 17.92 -25.91 -6.05
N ASP A 270 19.25 -25.78 -6.11
CA ASP A 270 20.06 -26.78 -6.80
C ASP A 270 19.76 -28.18 -6.28
N ALA A 271 19.62 -28.29 -4.96
CA ALA A 271 19.44 -29.59 -4.31
C ALA A 271 18.03 -30.15 -4.51
N LYS A 272 17.09 -29.27 -4.84
CA LYS A 272 15.71 -29.68 -5.11
C LYS A 272 15.58 -30.23 -6.53
N PHE A 273 16.70 -30.25 -7.24
CA PHE A 273 16.78 -30.88 -8.55
C PHE A 273 16.70 -32.40 -8.43
N ILE A 274 17.11 -32.92 -7.28
CA ILE A 274 17.04 -34.35 -7.00
C ILE A 274 15.66 -34.75 -6.44
N ASP A 275 14.94 -35.61 -7.15
CA ASP A 275 13.58 -35.98 -6.76
C ASP A 275 13.51 -36.80 -5.46
N SER A 276 12.33 -36.84 -4.86
CA SER A 276 12.07 -37.59 -3.63
C SER A 276 12.47 -39.07 -3.68
N LEU A 277 12.12 -39.75 -4.77
CA LEU A 277 12.39 -41.18 -4.87
C LEU A 277 13.87 -41.48 -4.65
N GLN A 278 14.73 -40.65 -5.25
CA GLN A 278 16.17 -40.85 -5.19
C GLN A 278 16.75 -40.35 -3.87
N GLU A 279 16.28 -39.21 -3.40
CA GLU A 279 16.67 -38.72 -2.09
C GLU A 279 16.40 -39.79 -1.02
N ASN A 280 15.28 -40.49 -1.16
CA ASN A 280 14.93 -41.60 -0.29
C ASN A 280 15.91 -42.76 -0.43
N GLU A 281 16.17 -43.14 -1.67
CA GLU A 281 17.09 -44.23 -1.98
C GLU A 281 18.40 -44.06 -1.22
N PHE A 282 18.96 -42.85 -1.28
CA PHE A 282 20.21 -42.55 -0.59
C PHE A 282 20.07 -42.69 0.93
N ARG A 283 19.09 -42.02 1.51
CA ARG A 283 18.91 -42.08 2.95
C ARG A 283 18.90 -43.51 3.45
N LEU A 284 18.19 -44.38 2.73
CA LEU A 284 18.10 -45.79 3.08
C LEU A 284 19.44 -46.47 2.87
N TYR A 285 20.11 -46.13 1.77
CA TYR A 285 21.40 -46.72 1.46
C TYR A 285 22.38 -46.54 2.62
N TYR A 286 22.54 -45.30 3.07
CA TYR A 286 23.52 -45.01 4.11
C TYR A 286 23.08 -45.44 5.49
N TYR A 287 21.77 -45.50 5.70
CA TYR A 287 21.21 -46.01 6.94
C TYR A 287 21.64 -47.47 7.14
N ASN A 288 21.55 -48.25 6.07
CA ASN A 288 21.99 -49.65 6.12
C ASN A 288 23.51 -49.76 6.28
N LYS A 289 24.25 -48.83 5.68
CA LYS A 289 25.68 -48.76 5.88
C LYS A 289 25.97 -48.52 7.35
N PHE A 290 25.25 -47.58 7.95
CA PHE A 290 25.37 -47.32 9.38
C PHE A 290 25.03 -48.56 10.19
N LYS A 291 23.97 -49.26 9.81
CA LYS A 291 23.57 -50.47 10.51
C LYS A 291 24.67 -51.52 10.45
N ASP A 292 25.37 -51.59 9.31
CA ASP A 292 26.48 -52.52 9.16
C ASP A 292 27.61 -52.18 10.12
N ILE A 293 27.91 -50.89 10.26
CA ILE A 293 28.97 -50.47 11.18
C ILE A 293 28.61 -50.85 12.62
N ALA A 294 27.33 -50.79 12.93
CA ALA A 294 26.85 -51.22 14.25
C ALA A 294 27.16 -52.70 14.50
N SER A 295 26.91 -53.56 13.52
CA SER A 295 27.15 -54.98 13.67
C SER A 295 28.65 -55.34 13.62
N THR A 296 29.45 -54.50 12.98
CA THR A 296 30.90 -54.71 12.98
C THR A 296 31.46 -54.43 14.37
N LEU A 297 30.97 -53.36 14.98
CA LEU A 297 31.34 -52.98 16.34
C LEU A 297 30.89 -54.03 17.36
N ASN A 298 29.66 -54.51 17.19
CA ASN A 298 29.09 -55.46 18.14
C ASN A 298 29.86 -56.77 18.25
N LYS A 299 30.51 -57.17 17.17
CA LYS A 299 31.25 -58.43 17.16
C LYS A 299 32.74 -58.24 17.44
N ALA A 300 33.17 -57.01 17.67
CA ALA A 300 34.57 -56.75 17.96
C ALA A 300 34.85 -56.92 19.45
N LYS A 301 35.67 -57.91 19.79
CA LYS A 301 35.94 -58.24 21.19
C LYS A 301 37.25 -57.70 21.77
N SER A 302 38.08 -57.09 20.93
CA SER A 302 39.34 -56.50 21.39
C SER A 302 39.90 -55.46 20.41
N ILE A 303 40.85 -54.65 20.87
CA ILE A 303 41.40 -53.57 20.07
C ILE A 303 42.86 -53.87 19.75
N VAL A 304 43.37 -53.31 18.66
CA VAL A 304 44.75 -53.58 18.26
C VAL A 304 45.51 -52.34 17.74
N GLY A 305 46.73 -52.16 18.21
CA GLY A 305 47.57 -51.08 17.72
C GLY A 305 47.34 -49.76 18.41
N THR A 306 46.92 -49.82 19.67
CA THR A 306 46.76 -48.62 20.49
C THR A 306 46.79 -48.98 21.97
N THR A 307 47.09 -48.00 22.80
CA THR A 307 47.08 -48.19 24.25
C THR A 307 45.71 -47.80 24.81
N ALA A 308 44.88 -47.20 23.97
CA ALA A 308 43.51 -46.87 24.33
C ALA A 308 42.66 -48.14 24.48
N SER A 309 41.52 -48.01 25.17
CA SER A 309 40.65 -49.16 25.43
C SER A 309 39.53 -49.33 24.40
N LEU A 310 39.18 -50.59 24.13
CA LEU A 310 38.04 -50.89 23.27
C LEU A 310 36.80 -50.11 23.72
N GLN A 311 36.62 -49.98 25.03
CA GLN A 311 35.58 -49.14 25.59
C GLN A 311 35.62 -47.75 24.99
N TYR A 312 36.71 -47.04 25.24
CA TYR A 312 36.87 -45.68 24.73
C TYR A 312 36.63 -45.59 23.23
N MET A 313 37.19 -46.53 22.48
CA MET A 313 37.06 -46.52 21.02
C MET A 313 35.64 -46.72 20.57
N LYS A 314 35.00 -47.79 21.04
CA LYS A 314 33.60 -48.03 20.71
C LYS A 314 32.75 -46.81 21.02
N ASN A 315 33.12 -46.08 22.07
CA ASN A 315 32.40 -44.87 22.46
C ASN A 315 32.67 -43.73 21.49
N VAL A 316 33.89 -43.66 20.96
CA VAL A 316 34.21 -42.67 19.95
C VAL A 316 33.23 -42.79 18.78
N PHE A 317 33.03 -44.03 18.33
CA PHE A 317 32.14 -44.27 17.19
C PHE A 317 30.65 -44.24 17.54
N LYS A 318 30.32 -44.51 18.80
CA LYS A 318 28.95 -44.34 19.25
C LYS A 318 28.57 -42.87 19.11
N GLU A 319 29.53 -42.00 19.40
CA GLU A 319 29.26 -40.58 19.38
C GLU A 319 29.34 -40.00 17.96
N LYS A 320 30.04 -40.69 17.07
CA LYS A 320 30.12 -40.26 15.68
C LYS A 320 28.87 -40.62 14.88
N TYR A 321 28.39 -41.85 15.06
CA TYR A 321 27.25 -42.36 14.31
C TYR A 321 25.92 -42.25 15.05
N LEU A 322 25.93 -41.67 16.24
CA LEU A 322 24.72 -41.55 17.07
C LEU A 322 24.05 -42.90 17.31
N LEU A 323 24.82 -43.87 17.77
CA LEU A 323 24.32 -45.22 18.00
C LEU A 323 23.58 -45.31 19.33
N SER A 324 22.58 -46.19 19.37
CA SER A 324 21.86 -46.49 20.60
C SER A 324 22.47 -47.75 21.20
N GLU A 325 22.73 -47.72 22.50
CA GLU A 325 23.39 -48.82 23.20
C GLU A 325 22.51 -49.34 24.31
N ASP A 326 22.09 -50.60 24.20
CA ASP A 326 21.18 -51.15 25.19
C ASP A 326 21.93 -51.46 26.49
N THR A 327 21.23 -52.12 27.41
CA THR A 327 21.81 -52.45 28.72
C THR A 327 23.00 -53.41 28.63
N SER A 328 23.04 -54.23 27.57
CA SER A 328 24.12 -55.19 27.39
C SER A 328 25.38 -54.61 26.74
N GLY A 329 25.24 -53.49 26.03
CA GLY A 329 26.35 -52.94 25.27
C GLY A 329 26.22 -53.12 23.76
N LYS A 330 25.15 -53.78 23.33
CA LYS A 330 24.88 -53.98 21.91
C LYS A 330 24.48 -52.66 21.23
N PHE A 331 24.98 -52.45 20.01
CA PHE A 331 24.70 -51.23 19.26
C PHE A 331 23.66 -51.48 18.19
N SER A 332 22.79 -50.49 17.99
CA SER A 332 21.91 -50.46 16.83
C SER A 332 21.76 -49.02 16.34
N VAL A 333 21.03 -48.85 15.24
CA VAL A 333 20.80 -47.52 14.71
C VAL A 333 19.32 -47.18 14.79
N ASP A 334 18.99 -46.11 15.52
CA ASP A 334 17.62 -45.65 15.63
C ASP A 334 17.28 -44.83 14.38
N LYS A 335 16.26 -45.27 13.64
CA LYS A 335 15.87 -44.57 12.41
C LYS A 335 15.60 -43.10 12.70
N LEU A 336 15.10 -42.80 13.89
CA LEU A 336 14.83 -41.43 14.31
C LEU A 336 16.13 -40.64 14.51
N LYS A 337 17.08 -41.24 15.24
CA LYS A 337 18.37 -40.61 15.47
C LYS A 337 19.14 -40.42 14.16
N PHE A 338 19.09 -41.44 13.30
CA PHE A 338 19.81 -41.39 12.03
C PHE A 338 19.25 -40.31 11.12
N ASP A 339 17.92 -40.31 10.94
CA ASP A 339 17.26 -39.31 10.12
C ASP A 339 17.72 -37.91 10.51
N LYS A 340 17.81 -37.67 11.83
CA LYS A 340 18.19 -36.36 12.33
C LYS A 340 19.62 -36.01 11.93
N LEU A 341 20.51 -36.99 12.00
CA LEU A 341 21.92 -36.79 11.77
C LEU A 341 22.22 -36.65 10.29
N TYR A 342 21.64 -37.52 9.49
CA TYR A 342 21.82 -37.48 8.04
C TYR A 342 21.27 -36.18 7.48
N LYS A 343 20.21 -35.70 8.12
CA LYS A 343 19.58 -34.44 7.72
C LYS A 343 20.50 -33.26 7.99
N MET A 344 21.14 -33.26 9.14
CA MET A 344 22.06 -32.19 9.50
C MET A 344 23.23 -32.14 8.52
N LEU A 345 23.80 -33.35 8.18
CA LEU A 345 24.98 -33.44 7.33
C LEU A 345 24.70 -33.08 5.86
N THR A 346 23.45 -33.22 5.43
CA THR A 346 23.14 -33.04 4.02
C THR A 346 22.14 -31.91 3.70
N GLU A 347 21.37 -31.46 4.69
CA GLU A 347 20.38 -30.42 4.45
C GLU A 347 20.62 -29.15 5.25
N ILE A 348 21.34 -29.37 6.42
CA ILE A 348 21.74 -28.24 7.23
C ILE A 348 23.09 -27.65 6.83
N TYR A 349 24.04 -28.53 6.52
CA TYR A 349 25.34 -28.06 6.05
C TYR A 349 25.23 -27.99 4.53
N THR A 350 25.08 -26.77 4.05
CA THR A 350 24.88 -26.50 2.63
C THR A 350 25.44 -25.13 2.33
N GLU A 351 25.92 -24.91 1.11
CA GLU A 351 26.45 -23.61 0.75
C GLU A 351 25.38 -22.54 0.92
N ASP A 352 24.17 -22.87 0.49
CA ASP A 352 23.06 -21.94 0.58
C ASP A 352 22.93 -21.38 1.99
N ASN A 353 22.89 -22.28 2.98
CA ASN A 353 22.69 -21.88 4.37
C ASN A 353 23.86 -21.07 4.94
N PHE A 354 25.08 -21.38 4.53
CA PHE A 354 26.24 -20.59 4.97
C PHE A 354 26.12 -19.16 4.50
N VAL A 355 25.71 -18.98 3.26
CA VAL A 355 25.47 -17.65 2.74
C VAL A 355 24.49 -16.89 3.65
N LYS A 356 23.41 -17.55 4.07
CA LYS A 356 22.46 -16.93 4.98
C LYS A 356 23.13 -16.46 6.27
N PHE A 357 24.12 -17.21 6.73
CA PHE A 357 24.84 -16.86 7.95
C PHE A 357 25.89 -15.77 7.76
N PHE A 358 26.64 -15.83 6.64
CA PHE A 358 27.69 -14.85 6.36
C PHE A 358 27.13 -13.50 5.91
N LYS A 359 25.91 -13.51 5.38
CA LYS A 359 25.28 -12.29 4.83
C LYS A 359 26.12 -11.67 3.71
N VAL A 360 26.51 -12.49 2.75
CA VAL A 360 27.32 -12.01 1.63
C VAL A 360 26.60 -12.27 0.32
N LEU A 361 26.99 -11.56 -0.73
CA LEU A 361 26.48 -11.84 -2.07
C LEU A 361 27.14 -13.13 -2.55
N ASN A 362 26.33 -14.01 -3.13
CA ASN A 362 26.82 -15.29 -3.60
C ASN A 362 25.90 -15.75 -4.71
N ALA A 363 26.40 -16.54 -5.65
CA ALA A 363 25.55 -17.09 -6.70
C ALA A 363 24.43 -17.91 -6.07
N LYS A 364 23.22 -17.71 -6.56
CA LYS A 364 22.06 -18.41 -6.01
C LYS A 364 22.00 -19.84 -6.53
N THR A 365 22.71 -20.11 -7.61
CA THR A 365 22.74 -21.44 -8.22
C THR A 365 24.03 -21.69 -9.00
N PHE A 366 24.43 -22.94 -9.12
CA PHE A 366 25.63 -23.26 -9.89
C PHE A 366 25.50 -22.81 -11.36
N LEU A 367 24.26 -22.59 -11.81
CA LEU A 367 24.01 -22.18 -13.17
C LEU A 367 24.34 -20.70 -13.39
N ASN A 368 24.71 -20.01 -12.31
CA ASN A 368 25.23 -18.66 -12.48
C ASN A 368 26.76 -18.82 -12.43
N PHE A 369 27.35 -18.85 -13.61
CA PHE A 369 28.71 -19.35 -13.74
C PHE A 369 29.72 -18.28 -13.40
N ASP A 370 30.83 -18.69 -12.79
CA ASP A 370 31.92 -17.77 -12.51
C ASP A 370 32.40 -17.17 -13.83
N LYS A 371 32.44 -15.85 -13.91
CA LYS A 371 32.88 -15.19 -15.13
C LYS A 371 34.32 -14.68 -15.11
N ALA A 372 34.97 -14.74 -13.95
CA ALA A 372 36.30 -14.15 -13.79
C ALA A 372 37.10 -14.67 -12.58
N VAL A 373 38.41 -14.44 -12.60
CA VAL A 373 39.25 -14.78 -11.44
C VAL A 373 40.03 -13.58 -10.89
N PHE A 374 40.20 -13.53 -9.58
CA PHE A 374 40.76 -12.36 -8.88
C PHE A 374 41.79 -12.71 -7.82
N LYS A 375 42.89 -11.95 -7.79
CA LYS A 375 43.88 -12.05 -6.73
C LYS A 375 43.41 -11.23 -5.54
N ILE A 376 43.51 -11.79 -4.35
CA ILE A 376 43.05 -11.10 -3.14
C ILE A 376 44.06 -11.28 -2.00
N ASN A 377 43.94 -10.46 -0.96
CA ASN A 377 44.67 -10.72 0.27
C ASN A 377 43.78 -10.46 1.48
N ILE A 378 43.44 -11.52 2.22
CA ILE A 378 42.50 -11.38 3.34
C ILE A 378 43.15 -11.29 4.71
N VAL A 379 44.48 -11.39 4.75
CA VAL A 379 45.18 -11.45 6.01
C VAL A 379 45.14 -10.14 6.82
N PRO A 380 45.33 -9.00 6.15
CA PRO A 380 45.22 -7.71 6.84
C PRO A 380 43.78 -7.39 7.22
N LYS A 381 43.56 -6.89 8.44
CA LYS A 381 42.22 -6.58 8.91
C LYS A 381 41.58 -5.43 8.13
N VAL A 382 42.41 -4.54 7.58
CA VAL A 382 41.89 -3.42 6.80
C VAL A 382 41.27 -3.91 5.50
N ASN A 383 41.55 -5.16 5.16
CA ASN A 383 41.00 -5.78 3.97
C ASN A 383 39.76 -6.64 4.23
N TYR A 384 39.93 -7.66 5.08
CA TYR A 384 38.91 -8.66 5.31
C TYR A 384 38.94 -9.06 6.78
N THR A 385 37.78 -9.03 7.44
CA THR A 385 37.73 -9.42 8.85
C THR A 385 36.87 -10.66 9.10
N ILE A 386 37.15 -11.34 10.22
CA ILE A 386 36.44 -12.55 10.62
C ILE A 386 34.93 -12.35 10.70
N TYR A 387 34.51 -11.24 11.27
CA TYR A 387 33.08 -10.97 11.39
C TYR A 387 32.40 -10.49 10.11
N ASP A 388 33.02 -9.52 9.43
CA ASP A 388 32.37 -8.90 8.27
C ASP A 388 32.83 -9.36 6.88
N GLY A 389 33.86 -10.20 6.80
CA GLY A 389 34.43 -10.54 5.51
C GLY A 389 34.96 -9.29 4.82
N PHE A 390 34.67 -9.15 3.53
CA PHE A 390 35.09 -7.96 2.80
C PHE A 390 34.21 -6.74 3.11
N ASN A 391 32.99 -6.96 3.62
CA ASN A 391 32.08 -5.84 3.77
C ASN A 391 32.18 -5.32 5.18
N LEU A 392 32.96 -4.26 5.33
CA LEU A 392 33.44 -3.86 6.64
C LEU A 392 32.46 -2.91 7.32
N ARG A 393 32.07 -3.26 8.54
CA ARG A 393 31.06 -2.51 9.24
C ARG A 393 31.43 -1.05 9.42
N ASN A 394 30.40 -0.20 9.43
CA ASN A 394 30.56 1.23 9.68
C ASN A 394 31.35 1.95 8.59
N THR A 395 31.24 1.46 7.36
CA THR A 395 31.88 2.07 6.20
C THR A 395 31.05 1.85 4.95
N ASN A 396 31.34 2.58 3.90
CA ASN A 396 30.67 2.39 2.63
C ASN A 396 30.64 0.91 2.22
N LEU A 397 31.68 0.18 2.60
CA LEU A 397 31.80 -1.23 2.22
C LEU A 397 30.72 -2.13 2.85
N ALA A 398 30.01 -1.61 3.85
CA ALA A 398 28.98 -2.38 4.54
C ALA A 398 27.64 -2.35 3.81
N ALA A 399 27.49 -1.39 2.90
CA ALA A 399 26.23 -1.20 2.19
C ALA A 399 26.20 -1.89 0.84
N ASN A 400 25.06 -2.54 0.54
CA ASN A 400 24.81 -3.12 -0.78
C ASN A 400 25.92 -4.05 -1.25
N PHE A 401 26.56 -4.70 -0.28
CA PHE A 401 27.65 -5.62 -0.57
C PHE A 401 28.82 -4.97 -1.33
N ASN A 402 29.03 -3.66 -1.13
CA ASN A 402 30.11 -2.96 -1.83
C ASN A 402 31.49 -3.56 -1.58
N GLY A 403 31.69 -4.13 -0.40
CA GLY A 403 32.95 -4.78 -0.07
C GLY A 403 33.29 -5.84 -1.10
N GLN A 404 32.27 -6.44 -1.70
CA GLN A 404 32.46 -7.47 -2.72
C GLN A 404 32.36 -6.95 -4.14
N ASN A 405 32.00 -5.68 -4.31
CA ASN A 405 31.98 -5.11 -5.65
C ASN A 405 33.42 -4.83 -6.10
N THR A 406 33.84 -5.47 -7.18
CA THR A 406 35.26 -5.45 -7.57
C THR A 406 35.71 -4.06 -8.02
N GLU A 407 34.79 -3.27 -8.55
CA GLU A 407 35.10 -1.90 -8.97
C GLU A 407 35.09 -0.89 -7.83
N ILE A 408 34.11 -0.97 -6.94
CA ILE A 408 34.07 -0.05 -5.81
C ILE A 408 35.21 -0.32 -4.82
N ASN A 409 35.42 -1.60 -4.54
CA ASN A 409 36.48 -2.08 -3.64
C ASN A 409 37.80 -2.42 -4.33
N ASN A 410 38.03 -1.87 -5.53
CA ASN A 410 39.11 -2.32 -6.42
C ASN A 410 40.50 -2.55 -5.82
N MET A 411 40.84 -1.91 -4.71
CA MET A 411 42.14 -2.19 -4.08
C MET A 411 42.28 -3.62 -3.53
N ASN A 412 41.17 -4.27 -3.22
CA ASN A 412 41.15 -5.65 -2.69
C ASN A 412 41.06 -6.72 -3.76
N PHE A 413 40.82 -6.31 -5.00
CA PHE A 413 40.65 -7.28 -6.08
C PHE A 413 41.43 -6.85 -7.30
N THR A 414 42.34 -7.72 -7.74
CA THR A 414 43.14 -7.47 -8.92
C THR A 414 42.77 -8.47 -10.00
N LYS A 415 42.37 -7.96 -11.17
CA LYS A 415 41.88 -8.88 -12.17
C LYS A 415 43.02 -9.63 -12.81
N LEU A 416 42.96 -10.96 -12.75
CA LEU A 416 43.93 -11.80 -13.43
C LEU A 416 43.39 -12.19 -14.80
N LYS A 417 44.21 -12.86 -15.59
CA LYS A 417 43.76 -13.26 -16.90
C LYS A 417 43.20 -14.64 -16.79
N ASN A 418 41.93 -14.81 -17.19
CA ASN A 418 41.36 -16.15 -17.24
C ASN A 418 42.13 -16.97 -18.27
N PHE A 419 42.62 -18.13 -17.85
CA PHE A 419 43.35 -19.01 -18.73
C PHE A 419 42.40 -19.69 -19.72
N THR A 420 41.12 -19.75 -19.38
CA THR A 420 40.12 -20.25 -20.29
C THR A 420 39.87 -19.17 -21.32
N GLY A 421 40.11 -19.51 -22.58
CA GLY A 421 40.12 -18.54 -23.64
C GLY A 421 38.78 -17.95 -24.03
N LEU A 422 38.85 -16.97 -24.91
CA LEU A 422 37.68 -16.38 -25.53
C LEU A 422 37.09 -17.39 -26.49
N PHE A 423 35.83 -17.78 -26.24
CA PHE A 423 35.18 -18.79 -27.06
C PHE A 423 36.00 -20.08 -27.13
N GLU A 424 36.69 -20.42 -26.05
CA GLU A 424 37.42 -21.68 -25.99
C GLU A 424 36.50 -22.84 -26.34
N PHE A 425 35.34 -22.90 -25.69
CA PHE A 425 34.34 -23.93 -25.95
C PHE A 425 33.04 -23.25 -26.31
N TYR A 426 32.56 -23.52 -27.51
CA TYR A 426 31.42 -22.80 -28.02
C TYR A 426 30.58 -23.65 -28.97
N LYS A 427 29.48 -23.07 -29.43
CA LYS A 427 28.75 -23.61 -30.56
C LYS A 427 28.73 -22.53 -31.63
N LEU A 428 28.54 -22.93 -32.88
CA LEU A 428 28.53 -21.96 -33.96
C LEU A 428 27.14 -21.91 -34.55
N LEU A 429 26.46 -20.78 -34.38
CA LEU A 429 25.09 -20.61 -34.85
C LEU A 429 25.04 -19.72 -36.09
N CYS A 430 24.48 -20.24 -37.17
CA CYS A 430 24.47 -19.53 -38.45
C CYS A 430 23.07 -19.34 -39.03
N VAL A 431 22.70 -18.10 -39.30
CA VAL A 431 21.46 -17.81 -40.03
C VAL A 431 21.72 -17.96 -41.52
N ARG A 432 20.69 -18.34 -42.27
CA ARG A 432 20.85 -18.73 -43.66
C ARG A 432 20.43 -17.61 -44.62
N GLY A 433 21.41 -16.97 -45.25
CA GLY A 433 21.18 -16.04 -46.36
C GLY A 433 20.08 -15.00 -46.21
N ILE A 434 19.91 -14.45 -45.00
CA ILE A 434 18.89 -13.44 -44.76
C ILE A 434 19.36 -12.05 -45.21
N LEU A 450 24.51 -11.71 -50.23
CA LEU A 450 24.02 -12.16 -48.93
C LEU A 450 24.29 -13.65 -48.69
N ASN A 451 25.16 -13.94 -47.73
CA ASN A 451 25.46 -15.32 -47.35
C ASN A 451 25.48 -15.49 -45.83
N ASP A 452 25.90 -16.66 -45.36
CA ASP A 452 25.86 -17.00 -43.94
C ASP A 452 26.52 -15.96 -43.00
N LEU A 453 25.80 -15.59 -41.95
CA LEU A 453 26.38 -14.80 -40.86
C LEU A 453 26.40 -15.64 -39.59
N CYS A 454 27.59 -16.11 -39.22
CA CYS A 454 27.76 -17.04 -38.12
C CYS A 454 28.30 -16.33 -36.89
N ILE A 455 27.86 -16.77 -35.71
CA ILE A 455 28.48 -16.29 -34.47
C ILE A 455 28.79 -17.45 -33.53
N LYS A 456 29.82 -17.26 -32.72
CA LYS A 456 30.21 -18.27 -31.74
C LYS A 456 29.50 -17.94 -30.46
N VAL A 457 28.95 -18.96 -29.81
CA VAL A 457 28.33 -18.76 -28.50
C VAL A 457 29.05 -19.56 -27.42
N ASN A 458 29.54 -18.86 -26.41
CA ASN A 458 30.20 -19.47 -25.27
C ASN A 458 29.33 -20.58 -24.68
N ASN A 459 29.93 -21.72 -24.37
CA ASN A 459 29.17 -22.87 -23.83
C ASN A 459 28.31 -22.51 -22.62
N TRP A 460 28.82 -21.65 -21.76
CA TRP A 460 28.14 -21.28 -20.53
C TRP A 460 27.19 -20.10 -20.71
N ASP A 461 27.01 -19.69 -21.96
CA ASP A 461 25.94 -18.79 -22.34
C ASP A 461 24.70 -19.52 -22.90
N LEU A 462 24.78 -20.85 -23.00
CA LEU A 462 23.69 -21.65 -23.57
C LEU A 462 22.73 -22.22 -22.50
N PHE A 463 21.71 -22.93 -22.95
CA PHE A 463 20.64 -23.38 -22.06
C PHE A 463 20.87 -24.72 -21.38
N PHE A 464 20.65 -24.74 -20.07
CA PHE A 464 20.64 -25.97 -19.31
C PHE A 464 19.29 -26.65 -19.53
N SER A 465 19.33 -27.84 -20.11
CA SER A 465 18.14 -28.61 -20.44
C SER A 465 18.27 -30.04 -19.89
N PRO A 466 17.77 -30.28 -18.67
CA PRO A 466 18.06 -31.57 -18.03
C PRO A 466 17.42 -32.73 -18.77
N SER A 467 18.12 -33.86 -18.78
CA SER A 467 17.63 -35.05 -19.44
C SER A 467 16.44 -35.64 -18.69
N GLU A 468 15.48 -36.19 -19.43
CA GLU A 468 14.28 -36.73 -18.79
C GLU A 468 14.57 -37.93 -17.90
N ASP A 469 15.70 -38.59 -18.10
CA ASP A 469 16.01 -39.77 -17.30
C ASP A 469 16.62 -39.36 -15.96
N ASN A 470 16.68 -38.06 -15.74
CA ASN A 470 17.02 -37.52 -14.42
C ASN A 470 15.89 -37.62 -13.38
N PHE A 471 14.63 -37.58 -13.84
CA PHE A 471 13.52 -37.57 -12.89
C PHE A 471 12.78 -38.90 -12.89
N THR A 472 13.03 -39.68 -11.86
CA THR A 472 12.42 -41.00 -11.73
C THR A 472 11.41 -40.91 -10.61
N ASN A 473 10.29 -41.60 -10.80
CA ASN A 473 9.25 -41.62 -9.78
C ASN A 473 8.63 -42.99 -9.73
N ASP A 474 8.09 -43.35 -8.58
CA ASP A 474 7.31 -44.58 -8.44
C ASP A 474 5.82 -44.31 -8.60
N LEU A 475 5.46 -43.11 -9.03
CA LEU A 475 4.07 -42.66 -9.03
C LEU A 475 3.08 -43.69 -9.59
N ASN A 476 3.52 -44.48 -10.57
CA ASN A 476 2.67 -45.49 -11.19
C ASN A 476 2.63 -46.83 -10.46
N LYS A 477 3.42 -46.96 -9.40
CA LYS A 477 3.40 -48.18 -8.59
C LYS A 477 2.26 -48.15 -7.57
N GLY A 478 1.44 -49.19 -7.58
CA GLY A 478 0.37 -49.32 -6.61
C GLY A 478 0.87 -49.67 -5.23
N GLU A 479 0.00 -49.52 -4.23
CA GLU A 479 0.34 -49.89 -2.86
C GLU A 479 -0.71 -50.82 -2.27
N GLU A 480 -0.36 -51.44 -1.15
CA GLU A 480 -1.29 -52.25 -0.39
C GLU A 480 -1.56 -51.54 0.93
N ILE A 481 -2.79 -51.06 1.11
CA ILE A 481 -3.15 -50.42 2.36
C ILE A 481 -3.49 -51.49 3.39
N THR A 482 -3.15 -51.21 4.64
CA THR A 482 -3.15 -52.22 5.69
C THR A 482 -3.62 -51.61 6.99
N SER A 483 -4.22 -52.41 7.87
CA SER A 483 -4.66 -51.91 9.16
C SER A 483 -3.51 -51.17 9.81
N ASP A 484 -2.32 -51.69 9.60
CA ASP A 484 -1.10 -51.13 10.14
C ASP A 484 -0.51 -49.98 9.34
N THR A 485 -0.70 -49.98 8.01
CA THR A 485 0.07 -49.10 7.14
C THR A 485 0.09 -47.69 7.72
N ASN A 486 1.27 -47.12 7.83
CA ASN A 486 1.38 -45.83 8.49
C ASN A 486 2.10 -44.75 7.72
N ILE A 487 1.92 -43.52 8.22
CA ILE A 487 2.08 -42.33 7.42
C ILE A 487 3.45 -41.71 7.61
N GLU A 488 4.13 -41.43 6.50
CA GLU A 488 5.35 -40.64 6.55
C GLU A 488 4.99 -39.22 6.99
N ALA A 489 5.88 -38.59 7.73
CA ALA A 489 5.61 -37.27 8.29
C ALA A 489 5.61 -36.16 7.23
N ALA A 490 5.40 -34.93 7.68
CA ALA A 490 5.31 -33.78 6.78
C ALA A 490 6.59 -33.54 5.98
N GLU A 491 7.74 -33.82 6.59
CA GLU A 491 9.05 -33.49 6.01
C GLU A 491 9.21 -31.98 5.80
N GLU A 492 9.33 -31.27 6.93
CA GLU A 492 9.37 -29.81 6.96
C GLU A 492 10.61 -29.20 6.30
N ASN A 493 10.43 -28.00 5.72
CA ASN A 493 11.52 -27.27 5.08
C ASN A 493 12.53 -26.73 6.09
N ILE A 494 13.78 -26.59 5.65
CA ILE A 494 14.85 -26.08 6.49
C ILE A 494 14.76 -24.57 6.68
N SER A 495 14.92 -24.12 7.92
CA SER A 495 14.78 -22.70 8.24
C SER A 495 15.70 -22.33 9.37
N LEU A 496 16.01 -21.04 9.48
CA LEU A 496 16.97 -20.58 10.47
C LEU A 496 16.59 -21.03 11.89
N ASP A 497 15.30 -21.20 12.15
CA ASP A 497 14.86 -21.63 13.47
C ASP A 497 15.04 -23.14 13.69
N LEU A 498 14.88 -23.93 12.64
CA LEU A 498 15.19 -25.35 12.74
C LEU A 498 16.67 -25.54 13.03
N ILE A 499 17.52 -24.80 12.30
CA ILE A 499 18.95 -24.82 12.54
C ILE A 499 19.22 -24.50 14.00
N GLN A 500 18.53 -23.49 14.52
CA GLN A 500 18.69 -23.12 15.92
C GLN A 500 18.31 -24.25 16.85
N GLN A 501 17.41 -25.11 16.38
CA GLN A 501 17.00 -26.29 17.14
C GLN A 501 18.19 -27.24 17.27
N TYR A 502 18.78 -27.60 16.13
CA TYR A 502 19.99 -28.42 16.11
C TYR A 502 21.09 -27.78 16.93
N TYR A 503 21.28 -26.48 16.75
CA TYR A 503 22.34 -25.75 17.42
C TYR A 503 22.28 -25.89 18.94
N LEU A 504 21.14 -25.56 19.52
CA LEU A 504 20.97 -25.59 20.98
C LEU A 504 20.99 -26.99 21.56
N THR A 505 20.79 -28.00 20.72
CA THR A 505 20.86 -29.38 21.19
C THR A 505 22.20 -30.04 20.88
N PHE A 506 23.06 -29.30 20.20
CA PHE A 506 24.36 -29.81 19.75
C PHE A 506 25.31 -29.98 20.93
N ASN A 507 26.11 -31.04 20.91
CA ASN A 507 27.10 -31.26 21.96
C ASN A 507 28.52 -30.84 21.59
N PHE A 508 29.00 -29.79 22.25
CA PHE A 508 30.31 -29.22 21.96
C PHE A 508 31.42 -29.68 22.89
N ASP A 509 31.08 -30.49 23.90
CA ASP A 509 32.04 -30.87 24.92
C ASP A 509 33.09 -31.88 24.48
N ASN A 510 32.66 -33.01 23.92
CA ASN A 510 33.57 -34.13 23.80
C ASN A 510 34.16 -34.26 22.42
N GLU A 511 35.43 -33.87 22.32
CA GLU A 511 36.24 -34.16 21.15
C GLU A 511 37.00 -35.43 21.45
N PRO A 512 37.13 -36.31 20.45
CA PRO A 512 37.91 -37.52 20.64
C PRO A 512 39.39 -37.19 20.87
N GLU A 513 40.03 -37.90 21.78
CA GLU A 513 41.43 -37.63 22.12
C GLU A 513 42.36 -37.95 20.96
N ASN A 514 43.59 -37.43 21.02
CA ASN A 514 44.56 -37.83 20.02
C ASN A 514 45.37 -38.95 20.66
N ILE A 515 45.03 -40.18 20.32
CA ILE A 515 45.55 -41.36 21.02
C ILE A 515 46.89 -41.85 20.52
N SER A 516 47.62 -42.54 21.40
CA SER A 516 48.83 -43.23 21.02
C SER A 516 48.51 -44.47 20.19
N ILE A 517 49.09 -44.55 18.99
CA ILE A 517 48.85 -45.69 18.12
C ILE A 517 50.16 -46.33 17.69
N GLU A 518 50.13 -47.64 17.48
CA GLU A 518 51.30 -48.39 17.06
C GLU A 518 51.91 -47.72 15.82
N ASN A 519 53.23 -47.62 15.79
CA ASN A 519 53.90 -46.97 14.66
C ASN A 519 53.71 -47.70 13.34
N LEU A 520 53.25 -46.97 12.34
CA LEU A 520 53.11 -47.50 10.99
C LEU A 520 54.50 -47.58 10.38
N SER A 521 54.61 -48.11 9.17
CA SER A 521 55.87 -48.17 8.46
C SER A 521 56.30 -46.76 8.07
N SER A 522 57.58 -46.58 7.81
CA SER A 522 58.14 -45.26 7.47
C SER A 522 57.39 -44.59 6.32
N ASP A 523 57.13 -45.35 5.27
CA ASP A 523 56.28 -44.91 4.18
C ASP A 523 54.91 -45.57 4.27
N ILE A 524 53.85 -44.77 4.13
CA ILE A 524 52.50 -45.30 4.18
C ILE A 524 51.98 -45.49 2.76
N ILE A 525 51.70 -46.74 2.40
CA ILE A 525 51.33 -47.08 1.03
C ILE A 525 49.84 -46.94 0.74
N GLY A 526 49.52 -46.20 -0.31
CA GLY A 526 48.14 -46.00 -0.71
C GLY A 526 48.01 -45.12 -1.93
N GLN A 527 46.86 -45.17 -2.60
CA GLN A 527 46.60 -44.29 -3.73
C GLN A 527 45.27 -43.60 -3.53
N LEU A 528 45.05 -42.51 -4.25
CA LEU A 528 43.79 -41.79 -4.17
C LEU A 528 42.65 -42.60 -4.77
N GLU A 529 41.43 -42.33 -4.31
CA GLU A 529 40.27 -42.93 -4.93
C GLU A 529 40.24 -42.51 -6.40
N LEU A 530 39.93 -43.46 -7.27
CA LEU A 530 39.85 -43.19 -8.70
C LEU A 530 38.61 -42.37 -9.02
N MET A 531 38.78 -41.29 -9.78
CA MET A 531 37.63 -40.57 -10.31
C MET A 531 37.30 -41.07 -11.72
N PRO A 532 36.00 -41.16 -12.04
CA PRO A 532 35.54 -41.69 -13.33
C PRO A 532 36.07 -40.80 -14.45
N ASN A 533 36.46 -41.38 -15.58
CA ASN A 533 36.88 -40.58 -16.70
C ASN A 533 35.69 -39.99 -17.45
N ILE A 534 35.68 -38.68 -17.60
CA ILE A 534 34.61 -37.99 -18.31
C ILE A 534 35.02 -37.60 -19.73
N GLU A 535 34.14 -37.89 -20.69
CA GLU A 535 34.36 -37.53 -22.07
C GLU A 535 34.41 -36.02 -22.19
N ARG A 536 35.49 -35.49 -22.77
CA ARG A 536 35.52 -34.08 -23.11
C ARG A 536 34.39 -33.87 -24.10
N PHE A 537 33.49 -32.93 -23.81
CA PHE A 537 32.36 -32.72 -24.71
C PHE A 537 32.80 -32.08 -26.03
N PRO A 538 31.99 -32.26 -27.09
CA PRO A 538 32.34 -31.77 -28.43
C PRO A 538 32.51 -30.25 -28.47
N ASN A 539 33.29 -29.78 -29.44
CA ASN A 539 33.59 -28.35 -29.52
C ASN A 539 33.30 -27.79 -30.91
N GLY A 540 32.67 -26.61 -30.96
CA GLY A 540 32.43 -25.93 -32.23
C GLY A 540 31.48 -26.67 -33.16
N LYS A 541 30.47 -27.32 -32.59
CA LYS A 541 29.40 -27.90 -33.38
C LYS A 541 28.74 -26.75 -34.16
N LYS A 542 28.47 -26.97 -35.44
CA LYS A 542 27.84 -25.94 -36.27
C LYS A 542 26.33 -26.20 -36.50
N TYR A 543 25.57 -25.11 -36.59
CA TYR A 543 24.12 -25.22 -36.77
C TYR A 543 23.60 -24.25 -37.84
N GLU A 544 22.77 -24.77 -38.73
CA GLU A 544 22.17 -23.96 -39.79
C GLU A 544 20.71 -23.63 -39.46
N LEU A 545 20.40 -22.34 -39.35
CA LEU A 545 19.10 -21.90 -38.87
C LEU A 545 18.41 -20.97 -39.87
N ASP A 546 17.07 -20.98 -39.87
CA ASP A 546 16.32 -20.15 -40.81
C ASP A 546 16.00 -18.76 -40.26
N LYS A 547 16.13 -18.60 -38.95
CA LYS A 547 15.69 -17.39 -38.27
C LYS A 547 16.74 -16.90 -37.27
N TYR A 548 16.87 -15.59 -37.13
CA TYR A 548 17.75 -15.01 -36.14
C TYR A 548 17.37 -15.54 -34.77
N THR A 549 18.36 -15.92 -33.96
CA THR A 549 18.06 -16.40 -32.62
C THR A 549 18.31 -15.33 -31.56
N MET A 550 18.03 -15.70 -30.33
CA MET A 550 18.24 -14.84 -29.17
C MET A 550 19.72 -14.49 -29.05
N PHE A 551 20.56 -15.48 -29.33
CA PHE A 551 22.00 -15.30 -29.24
C PHE A 551 22.48 -14.27 -30.25
N HIS A 552 21.86 -14.26 -31.42
CA HIS A 552 22.18 -13.27 -32.46
C HIS A 552 21.75 -11.87 -32.04
N TYR A 553 20.54 -11.76 -31.50
CA TYR A 553 20.00 -10.47 -31.11
C TYR A 553 20.85 -9.83 -30.02
N LEU A 554 21.38 -10.68 -29.13
CA LEU A 554 22.20 -10.20 -28.04
C LEU A 554 23.60 -9.83 -28.55
N ARG A 555 24.16 -10.69 -29.39
CA ARG A 555 25.46 -10.43 -29.99
C ARG A 555 25.47 -9.13 -30.78
N ALA A 556 24.36 -8.82 -31.45
CA ALA A 556 24.25 -7.64 -32.27
C ALA A 556 24.29 -6.36 -31.45
N GLN A 557 24.26 -6.50 -30.13
CA GLN A 557 24.24 -5.35 -29.23
C GLN A 557 25.62 -4.98 -28.73
N GLU A 558 26.64 -5.64 -29.27
CA GLU A 558 28.01 -5.51 -28.78
C GLU A 558 28.86 -4.72 -29.76
N PHE A 559 29.91 -4.08 -29.25
CA PHE A 559 30.89 -3.44 -30.11
C PHE A 559 32.30 -3.53 -29.51
N GLU A 560 33.31 -3.38 -30.36
CA GLU A 560 34.70 -3.31 -29.88
C GLU A 560 35.09 -1.83 -29.71
N HIS A 561 35.91 -1.55 -28.70
CA HIS A 561 36.37 -0.18 -28.50
C HIS A 561 37.22 0.32 -29.66
N GLY A 562 37.20 1.62 -29.87
CA GLY A 562 37.92 2.23 -30.98
C GLY A 562 37.68 3.72 -31.10
N LYS A 563 38.39 4.35 -32.04
CA LYS A 563 38.33 5.79 -32.20
C LYS A 563 37.12 6.24 -33.02
N SER A 564 36.51 5.30 -33.75
CA SER A 564 35.41 5.60 -34.66
C SER A 564 34.08 5.80 -33.96
N ARG A 565 33.18 6.58 -34.56
CA ARG A 565 31.87 6.80 -33.95
C ARG A 565 30.88 5.71 -34.34
N ILE A 566 30.39 4.97 -33.36
CA ILE A 566 29.36 3.97 -33.59
C ILE A 566 27.97 4.61 -33.65
N ALA A 567 27.05 3.95 -34.33
CA ALA A 567 25.66 4.39 -34.36
C ALA A 567 24.73 3.24 -33.98
N LEU A 568 23.65 3.56 -33.29
CA LEU A 568 22.62 2.56 -33.00
C LEU A 568 21.76 2.34 -34.25
N THR A 569 21.30 1.12 -34.42
CA THR A 569 20.41 0.80 -35.51
C THR A 569 19.27 -0.09 -34.99
N ASN A 570 18.11 0.00 -35.63
CA ASN A 570 17.00 -0.88 -35.31
C ASN A 570 17.03 -2.13 -36.18
N SER A 571 18.06 -2.25 -37.02
CA SER A 571 18.20 -3.43 -37.85
C SER A 571 19.24 -4.44 -37.33
N VAL A 572 18.77 -5.59 -36.87
CA VAL A 572 19.64 -6.64 -36.36
C VAL A 572 20.64 -7.01 -37.43
N ASN A 573 20.15 -7.13 -38.67
CA ASN A 573 20.99 -7.46 -39.79
C ASN A 573 22.15 -6.47 -39.95
N GLU A 574 21.83 -5.19 -40.03
CA GLU A 574 22.87 -4.17 -40.16
C GLU A 574 23.88 -4.37 -39.05
N ALA A 575 23.39 -4.40 -37.81
CA ALA A 575 24.26 -4.44 -36.63
C ALA A 575 25.23 -5.62 -36.66
N LEU A 576 24.74 -6.79 -37.08
CA LEU A 576 25.57 -7.97 -37.14
C LEU A 576 26.60 -7.86 -38.26
N LEU A 577 26.26 -7.11 -39.30
CA LEU A 577 27.15 -6.95 -40.45
C LEU A 577 28.25 -5.89 -40.33
N ASN A 578 28.07 -4.90 -39.46
CA ASN A 578 29.03 -3.82 -39.39
C ASN A 578 29.50 -3.54 -37.97
N PRO A 579 30.81 -3.41 -37.79
CA PRO A 579 31.45 -3.19 -36.49
C PRO A 579 31.08 -1.86 -35.84
N SER A 580 30.60 -0.91 -36.65
CA SER A 580 30.26 0.42 -36.15
C SER A 580 28.78 0.53 -35.86
N ARG A 581 28.04 -0.54 -36.13
CA ARG A 581 26.59 -0.55 -35.94
C ARG A 581 26.17 -1.46 -34.79
N VAL A 582 25.49 -0.87 -33.81
CA VAL A 582 25.02 -1.60 -32.65
C VAL A 582 23.51 -1.60 -32.65
N TYR A 583 22.91 -2.80 -32.51
CA TYR A 583 21.44 -2.93 -32.48
C TYR A 583 20.86 -2.42 -31.17
N THR A 584 19.74 -1.72 -31.26
CA THR A 584 19.02 -1.30 -30.06
C THR A 584 17.53 -1.68 -30.14
N PHE A 585 16.95 -1.99 -28.99
CA PHE A 585 15.52 -2.26 -28.90
C PHE A 585 14.73 -1.02 -28.50
N PHE A 586 15.43 0.08 -28.25
CA PHE A 586 14.81 1.37 -28.02
C PHE A 586 14.12 1.86 -29.29
N SER A 587 13.22 2.82 -29.12
CA SER A 587 12.45 3.39 -30.23
C SER A 587 13.35 4.07 -31.27
N SER A 588 12.83 4.19 -32.48
CA SER A 588 13.50 4.89 -33.56
C SER A 588 13.79 6.35 -33.20
N ASP A 589 12.98 6.90 -32.31
CA ASP A 589 13.19 8.26 -31.83
C ASP A 589 14.50 8.35 -31.07
N TYR A 590 14.73 7.37 -30.19
CA TYR A 590 15.97 7.31 -29.45
C TYR A 590 17.15 7.16 -30.40
N VAL A 591 16.95 6.35 -31.44
CA VAL A 591 17.98 6.11 -32.44
C VAL A 591 18.39 7.40 -33.13
N LYS A 592 17.41 8.12 -33.64
CA LYS A 592 17.64 9.37 -34.34
C LYS A 592 18.38 10.39 -33.47
N LYS A 593 18.01 10.43 -32.19
CA LYS A 593 18.53 11.42 -31.25
C LYS A 593 19.97 11.12 -30.82
N VAL A 594 20.25 9.88 -30.47
CA VAL A 594 21.58 9.51 -30.01
C VAL A 594 22.62 9.59 -31.15
N ASN A 595 22.16 9.44 -32.39
CA ASN A 595 23.06 9.45 -33.55
C ASN A 595 23.44 10.84 -34.06
N LYS A 596 22.62 11.84 -33.76
CA LYS A 596 22.80 13.16 -34.36
C LYS A 596 24.09 13.84 -33.90
N ALA A 597 24.76 14.51 -34.84
CA ALA A 597 25.93 15.29 -34.50
C ALA A 597 25.45 16.48 -33.69
N THR A 598 25.98 16.63 -32.48
CA THR A 598 25.50 17.64 -31.54
C THR A 598 26.51 18.76 -31.30
N GLU A 599 26.06 19.99 -31.52
CA GLU A 599 26.86 21.18 -31.26
C GLU A 599 27.30 21.19 -29.79
N ALA A 600 28.48 21.73 -29.54
CA ALA A 600 29.02 21.79 -28.19
C ALA A 600 28.09 22.52 -27.21
N ALA A 601 27.48 23.61 -27.67
CA ALA A 601 26.61 24.41 -26.82
C ALA A 601 25.37 23.64 -26.36
N MET A 602 24.96 22.64 -27.14
CA MET A 602 23.80 21.81 -26.79
C MET A 602 24.15 20.45 -26.14
N PHE A 603 25.43 20.18 -25.94
CA PHE A 603 25.90 18.86 -25.49
C PHE A 603 25.31 18.39 -24.15
N LEU A 604 25.34 19.24 -23.13
CA LEU A 604 24.84 18.83 -21.83
C LEU A 604 23.35 18.54 -21.85
N GLY A 605 22.57 19.46 -22.44
CA GLY A 605 21.14 19.27 -22.55
C GLY A 605 20.82 18.03 -23.36
N TRP A 606 21.67 17.74 -24.34
CA TRP A 606 21.55 16.54 -25.16
C TRP A 606 21.72 15.29 -24.29
N VAL A 607 22.74 15.29 -23.45
CA VAL A 607 23.02 14.16 -22.57
C VAL A 607 21.85 13.97 -21.61
N GLU A 608 21.38 15.08 -21.04
CA GLU A 608 20.27 15.04 -20.11
C GLU A 608 19.09 14.32 -20.76
N GLN A 609 18.79 14.72 -21.99
CA GLN A 609 17.67 14.13 -22.72
C GLN A 609 17.90 12.65 -22.95
N LEU A 610 19.14 12.28 -23.29
CA LEU A 610 19.45 10.88 -23.54
C LEU A 610 19.26 10.07 -22.26
N VAL A 611 19.75 10.59 -21.15
CA VAL A 611 19.60 9.91 -19.86
C VAL A 611 18.12 9.76 -19.48
N TYR A 612 17.33 10.79 -19.79
CA TYR A 612 15.91 10.73 -19.52
C TYR A 612 15.26 9.67 -20.42
N ASP A 613 15.51 9.76 -21.72
CA ASP A 613 14.91 8.83 -22.66
C ASP A 613 15.29 7.40 -22.32
N PHE A 614 16.54 7.21 -21.93
CA PHE A 614 17.02 5.89 -21.57
C PHE A 614 16.19 5.37 -20.41
N THR A 615 16.13 6.17 -19.34
CA THR A 615 15.42 5.78 -18.15
C THR A 615 13.94 5.53 -18.45
N ASP A 616 13.37 6.36 -19.31
CA ASP A 616 11.98 6.24 -19.69
C ASP A 616 11.72 4.91 -20.38
N GLU A 617 12.48 4.61 -21.42
CA GLU A 617 12.21 3.42 -22.21
C GLU A 617 12.45 2.10 -21.47
N THR A 618 13.48 2.08 -20.62
CA THR A 618 13.81 0.88 -19.85
C THR A 618 12.90 0.70 -18.62
N SER A 619 12.21 1.77 -18.22
CA SER A 619 11.31 1.72 -17.07
C SER A 619 9.89 1.38 -17.47
N GLU A 620 9.65 1.30 -18.76
CA GLU A 620 8.29 1.07 -19.28
C GLU A 620 7.69 -0.23 -18.75
N VAL A 621 6.49 -0.12 -18.19
CA VAL A 621 5.75 -1.29 -17.74
C VAL A 621 4.29 -1.18 -18.16
N SER A 622 3.81 -2.15 -18.93
CA SER A 622 2.40 -2.21 -19.28
C SER A 622 1.66 -3.09 -18.28
N THR A 623 0.60 -2.57 -17.68
CA THR A 623 -0.21 -3.40 -16.79
C THR A 623 -1.31 -4.08 -17.59
N THR A 624 -1.58 -5.34 -17.27
CA THR A 624 -2.73 -6.02 -17.87
C THR A 624 -3.72 -6.43 -16.79
N ASP A 625 -4.99 -6.13 -17.02
CA ASP A 625 -6.06 -6.55 -16.12
C ASP A 625 -6.78 -7.82 -16.61
N LYS A 626 -6.35 -8.36 -17.74
CA LYS A 626 -7.03 -9.48 -18.40
C LYS A 626 -6.74 -10.86 -17.83
N ILE A 627 -5.50 -11.09 -17.41
CA ILE A 627 -5.09 -12.44 -17.01
C ILE A 627 -4.72 -12.55 -15.54
N ALA A 628 -4.77 -13.78 -15.03
CA ALA A 628 -4.74 -14.02 -13.60
C ALA A 628 -3.39 -13.77 -12.94
N ASP A 629 -2.39 -14.56 -13.28
CA ASP A 629 -1.15 -14.59 -12.49
C ASP A 629 -0.06 -13.58 -12.89
N ILE A 630 -0.25 -12.95 -14.04
CA ILE A 630 0.70 -11.97 -14.52
C ILE A 630 0.07 -10.58 -14.56
N THR A 631 0.46 -9.74 -13.61
CA THR A 631 -0.10 -8.39 -13.51
C THR A 631 0.58 -7.37 -14.43
N ILE A 632 1.91 -7.46 -14.53
CA ILE A 632 2.70 -6.52 -15.33
C ILE A 632 3.39 -7.21 -16.49
N ILE A 633 3.71 -6.44 -17.53
CA ILE A 633 4.50 -6.95 -18.64
C ILE A 633 5.53 -5.92 -19.05
N ILE A 634 6.77 -6.34 -19.24
CA ILE A 634 7.78 -5.46 -19.83
C ILE A 634 7.87 -5.77 -21.33
N PRO A 635 7.32 -4.88 -22.15
CA PRO A 635 7.12 -5.10 -23.59
C PRO A 635 8.41 -5.14 -24.40
N TYR A 636 9.46 -4.47 -23.94
CA TYR A 636 10.67 -4.39 -24.75
C TYR A 636 11.51 -5.66 -24.73
N ILE A 637 11.11 -6.62 -23.89
CA ILE A 637 11.81 -7.91 -23.85
C ILE A 637 11.70 -8.60 -25.21
N GLY A 638 10.58 -8.38 -25.91
CA GLY A 638 10.37 -8.99 -27.20
C GLY A 638 11.42 -8.63 -28.25
N PRO A 639 11.57 -7.34 -28.56
CA PRO A 639 12.59 -6.89 -29.51
C PRO A 639 14.02 -7.00 -28.98
N ALA A 640 14.17 -7.09 -27.66
CA ALA A 640 15.51 -7.16 -27.08
C ALA A 640 16.12 -8.55 -27.26
N LEU A 641 15.36 -9.59 -26.95
CA LEU A 641 15.81 -10.97 -27.15
C LEU A 641 15.22 -11.70 -28.37
N ASN A 642 14.40 -11.01 -29.15
CA ASN A 642 13.63 -11.66 -30.22
C ASN A 642 12.76 -12.81 -29.70
N ILE A 643 12.10 -12.56 -28.57
CA ILE A 643 11.24 -13.55 -27.93
C ILE A 643 9.99 -13.79 -28.75
N GLY A 644 9.73 -15.05 -29.07
CA GLY A 644 8.69 -15.36 -30.03
C GLY A 644 9.14 -14.84 -31.39
N ASN A 645 8.32 -14.00 -32.00
CA ASN A 645 8.65 -13.42 -33.30
C ASN A 645 7.77 -12.23 -33.70
N MET A 646 7.77 -11.93 -35.00
CA MET A 646 7.16 -10.76 -35.62
C MET A 646 7.79 -9.42 -35.24
N LEU A 647 6.98 -8.36 -35.13
CA LEU A 647 7.54 -7.01 -35.18
C LEU A 647 7.34 -6.14 -33.94
N TYR A 648 6.14 -5.57 -33.82
CA TYR A 648 5.89 -4.56 -32.79
C TYR A 648 5.92 -5.19 -31.40
N LYS A 649 6.38 -4.42 -30.41
CA LYS A 649 6.36 -4.86 -29.03
C LYS A 649 4.91 -5.05 -28.57
N ASP A 650 3.98 -4.50 -29.33
CA ASP A 650 2.57 -4.69 -29.07
C ASP A 650 2.16 -6.11 -29.46
N ASP A 651 2.99 -6.74 -30.29
CA ASP A 651 2.82 -8.15 -30.62
C ASP A 651 3.21 -9.01 -29.42
N PHE A 652 4.27 -8.59 -28.73
CA PHE A 652 4.74 -9.35 -27.57
C PHE A 652 3.74 -9.28 -26.42
N VAL A 653 3.33 -8.06 -26.06
CA VAL A 653 2.30 -7.89 -25.05
C VAL A 653 1.07 -8.70 -25.43
N GLY A 654 0.73 -8.66 -26.72
CA GLY A 654 -0.43 -9.38 -27.22
C GLY A 654 -0.27 -10.89 -27.16
N ALA A 655 0.88 -11.37 -27.58
CA ALA A 655 1.13 -12.81 -27.62
C ALA A 655 1.21 -13.42 -26.21
N LEU A 656 1.70 -12.63 -25.25
CA LEU A 656 1.80 -13.10 -23.88
C LEU A 656 0.41 -13.23 -23.26
N ILE A 657 -0.37 -12.18 -23.40
CA ILE A 657 -1.74 -12.17 -22.94
C ILE A 657 -2.52 -13.33 -23.56
N PHE A 658 -2.30 -13.58 -24.85
CA PHE A 658 -3.02 -14.66 -25.51
C PHE A 658 -2.52 -16.07 -25.19
N SER A 659 -1.22 -16.30 -25.37
CA SER A 659 -0.68 -17.65 -25.25
C SER A 659 -0.12 -18.03 -23.88
N GLY A 660 -0.03 -17.05 -22.99
CA GLY A 660 0.56 -17.28 -21.68
C GLY A 660 2.08 -17.29 -21.68
N ALA A 661 2.66 -17.77 -20.58
CA ALA A 661 4.10 -17.68 -20.37
C ALA A 661 4.93 -18.56 -21.30
N VAL A 662 4.28 -19.48 -22.01
CA VAL A 662 5.01 -20.45 -22.83
C VAL A 662 5.83 -19.79 -23.95
N ILE A 663 5.47 -18.57 -24.32
CA ILE A 663 6.16 -17.88 -25.40
C ILE A 663 7.58 -17.44 -24.99
N LEU A 664 7.84 -17.41 -23.69
CA LEU A 664 9.16 -17.07 -23.17
C LEU A 664 10.16 -18.23 -23.27
N LEU A 665 9.64 -19.45 -23.25
CA LEU A 665 10.50 -20.63 -23.16
C LEU A 665 11.24 -20.94 -24.47
N GLU A 666 12.48 -21.39 -24.33
CA GLU A 666 13.30 -21.75 -25.48
C GLU A 666 12.87 -23.14 -25.95
N PHE A 667 12.55 -23.99 -24.99
CA PHE A 667 12.00 -25.31 -25.28
C PHE A 667 10.82 -25.60 -24.35
N ILE A 668 9.84 -26.37 -24.83
CA ILE A 668 8.73 -26.76 -23.98
C ILE A 668 9.12 -28.04 -23.25
N PRO A 669 9.18 -28.01 -21.92
CA PRO A 669 9.67 -29.13 -21.13
C PRO A 669 8.67 -30.25 -21.18
N GLU A 670 9.14 -31.50 -21.11
CA GLU A 670 8.22 -32.60 -20.94
C GLU A 670 7.87 -32.74 -19.47
N ILE A 671 6.59 -32.70 -19.17
CA ILE A 671 6.14 -33.06 -17.84
C ILE A 671 5.35 -34.36 -17.98
N ALA A 672 5.96 -35.46 -17.54
CA ALA A 672 5.33 -36.76 -17.75
C ALA A 672 4.81 -37.32 -16.44
N ILE A 673 3.49 -37.27 -16.28
CA ILE A 673 2.83 -37.78 -15.08
C ILE A 673 1.89 -38.91 -15.44
N PRO A 674 2.21 -40.12 -14.98
CA PRO A 674 1.48 -41.33 -15.41
C PRO A 674 0.18 -41.55 -14.66
N VAL A 675 -0.56 -42.58 -15.08
CA VAL A 675 -1.67 -43.09 -14.30
C VAL A 675 -1.13 -43.51 -12.95
N LEU A 676 -1.70 -42.96 -11.87
CA LEU A 676 -1.17 -43.25 -10.54
C LEU A 676 -1.56 -44.65 -10.07
N GLY A 677 -0.61 -45.31 -9.40
CA GLY A 677 -0.84 -46.65 -8.89
C GLY A 677 -1.95 -46.70 -7.87
N THR A 678 -2.95 -47.54 -8.11
CA THR A 678 -4.11 -47.64 -7.25
C THR A 678 -3.86 -48.40 -5.94
N PHE A 679 -4.75 -48.19 -4.97
CA PHE A 679 -4.66 -48.85 -3.67
C PHE A 679 -5.41 -50.18 -3.64
N ALA A 680 -4.81 -51.16 -2.98
CA ALA A 680 -5.45 -52.45 -2.76
C ALA A 680 -5.52 -52.68 -1.26
N LEU A 681 -6.73 -52.91 -0.75
CA LEU A 681 -6.94 -53.01 0.69
C LEU A 681 -7.02 -54.45 1.18
N VAL A 682 -6.26 -54.76 2.24
CA VAL A 682 -6.35 -56.08 2.85
C VAL A 682 -7.58 -56.14 3.77
N SER A 683 -8.41 -57.16 3.54
CA SER A 683 -9.63 -57.32 4.32
C SER A 683 -9.34 -58.07 5.62
N TYR A 684 -10.01 -57.66 6.69
CA TYR A 684 -9.92 -58.37 7.95
C TYR A 684 -11.30 -58.88 8.36
N ILE A 685 -11.48 -60.20 8.30
CA ILE A 685 -12.78 -60.78 8.56
C ILE A 685 -13.19 -60.65 10.03
N ALA A 686 -14.41 -60.15 10.23
CA ALA A 686 -15.00 -60.04 11.57
C ALA A 686 -14.31 -59.03 12.47
N ASN A 687 -13.18 -58.48 12.04
CA ASN A 687 -12.52 -57.46 12.83
C ASN A 687 -12.93 -56.06 12.39
N LYS A 688 -13.72 -55.42 13.24
CA LYS A 688 -14.32 -54.12 12.95
C LYS A 688 -13.26 -53.03 13.00
N VAL A 689 -12.47 -53.04 14.07
CA VAL A 689 -11.50 -51.99 14.31
C VAL A 689 -10.40 -51.95 13.24
N LEU A 690 -9.94 -53.12 12.83
CA LEU A 690 -8.94 -53.21 11.77
C LEU A 690 -9.49 -52.72 10.43
N THR A 691 -10.73 -53.09 10.15
CA THR A 691 -11.35 -52.74 8.87
C THR A 691 -11.49 -51.24 8.73
N VAL A 692 -11.80 -50.57 9.84
CA VAL A 692 -11.97 -49.12 9.87
C VAL A 692 -10.65 -48.38 9.79
N GLN A 693 -9.61 -48.95 10.40
CA GLN A 693 -8.27 -48.38 10.32
C GLN A 693 -7.72 -48.44 8.90
N THR A 694 -7.89 -49.58 8.24
CA THR A 694 -7.52 -49.72 6.84
C THR A 694 -8.17 -48.64 5.98
N ILE A 695 -9.45 -48.39 6.18
CA ILE A 695 -10.14 -47.33 5.45
C ILE A 695 -9.51 -45.95 5.70
N ASP A 696 -9.17 -45.67 6.96
CA ASP A 696 -8.56 -44.39 7.32
C ASP A 696 -7.17 -44.24 6.72
N ASN A 697 -6.40 -45.32 6.71
CA ASN A 697 -5.06 -45.32 6.16
C ASN A 697 -5.04 -45.07 4.67
N ALA A 698 -5.97 -45.68 3.95
CA ALA A 698 -6.08 -45.47 2.51
C ALA A 698 -6.37 -44.00 2.21
N LEU A 699 -7.12 -43.36 3.09
CA LEU A 699 -7.44 -41.94 2.92
C LEU A 699 -6.25 -41.06 3.27
N SER A 700 -5.46 -41.47 4.26
CA SER A 700 -4.27 -40.73 4.63
C SER A 700 -3.23 -40.80 3.53
N LYS A 701 -3.03 -41.99 2.99
CA LYS A 701 -2.08 -42.21 1.91
C LYS A 701 -2.53 -41.49 0.65
N ARG A 702 -3.83 -41.23 0.56
CA ARG A 702 -4.37 -40.51 -0.58
C ARG A 702 -3.94 -39.06 -0.51
N ASN A 703 -3.95 -38.50 0.70
CA ASN A 703 -3.51 -37.13 0.90
C ASN A 703 -2.03 -36.98 0.55
N GLU A 704 -1.27 -38.06 0.79
CA GLU A 704 0.14 -38.08 0.45
C GLU A 704 0.34 -38.16 -1.05
N LYS A 705 -0.49 -38.93 -1.74
CA LYS A 705 -0.36 -39.06 -3.17
C LYS A 705 -0.42 -37.67 -3.79
N TRP A 706 -1.28 -36.81 -3.25
CA TRP A 706 -1.41 -35.43 -3.72
C TRP A 706 -0.14 -34.62 -3.46
N ASP A 707 0.44 -34.77 -2.27
CA ASP A 707 1.65 -34.04 -1.92
C ASP A 707 2.84 -34.53 -2.75
N GLU A 708 2.89 -35.83 -3.02
CA GLU A 708 3.97 -36.40 -3.81
C GLU A 708 3.94 -35.86 -5.23
N VAL A 709 2.76 -35.88 -5.85
CA VAL A 709 2.64 -35.42 -7.23
C VAL A 709 2.99 -33.93 -7.35
N TYR A 710 2.63 -33.15 -6.33
CA TYR A 710 2.97 -31.73 -6.31
C TYR A 710 4.49 -31.50 -6.15
N LYS A 711 5.13 -32.25 -5.26
CA LYS A 711 6.58 -32.13 -5.08
C LYS A 711 7.25 -32.44 -6.40
N TYR A 712 6.81 -33.51 -7.05
CA TYR A 712 7.42 -33.96 -8.28
C TYR A 712 7.39 -32.87 -9.35
N ILE A 713 6.22 -32.27 -9.56
CA ILE A 713 6.08 -31.24 -10.58
C ILE A 713 6.94 -30.01 -10.24
N VAL A 714 6.85 -29.55 -9.01
CA VAL A 714 7.72 -28.47 -8.55
C VAL A 714 9.18 -28.76 -8.88
N THR A 715 9.58 -30.01 -8.73
CA THR A 715 10.95 -30.42 -9.01
C THR A 715 11.27 -30.35 -10.50
N ASN A 716 10.32 -30.75 -11.35
CA ASN A 716 10.54 -30.72 -12.79
C ASN A 716 10.51 -29.28 -13.29
N TRP A 717 9.84 -28.41 -12.55
CA TRP A 717 9.71 -27.01 -12.94
C TRP A 717 10.96 -26.20 -12.59
N LEU A 718 11.50 -26.43 -11.39
CA LEU A 718 12.75 -25.81 -10.98
C LEU A 718 13.86 -26.10 -11.98
N ALA A 719 13.91 -27.33 -12.46
CA ALA A 719 14.99 -27.76 -13.33
C ALA A 719 14.79 -27.37 -14.79
N LYS A 720 13.60 -27.56 -15.32
CA LYS A 720 13.39 -27.37 -16.76
C LYS A 720 12.82 -26.01 -17.19
N VAL A 721 12.27 -25.25 -16.26
CA VAL A 721 11.54 -24.05 -16.65
C VAL A 721 12.12 -22.83 -15.97
N ASN A 722 12.09 -22.84 -14.65
CA ASN A 722 12.67 -21.76 -13.87
C ASN A 722 14.15 -21.51 -14.22
N THR A 723 14.84 -22.50 -14.77
CA THR A 723 16.21 -22.29 -15.22
C THR A 723 16.26 -21.55 -16.56
N GLN A 724 15.31 -21.83 -17.44
CA GLN A 724 15.18 -21.07 -18.68
C GLN A 724 14.89 -19.61 -18.41
N ILE A 725 13.97 -19.34 -17.49
CA ILE A 725 13.58 -17.98 -17.15
C ILE A 725 14.76 -17.25 -16.47
N ASP A 726 15.54 -17.97 -15.67
CA ASP A 726 16.70 -17.36 -15.02
C ASP A 726 17.76 -16.95 -16.04
N LEU A 727 17.85 -17.70 -17.15
CA LEU A 727 18.77 -17.34 -18.22
C LEU A 727 18.28 -16.09 -18.96
N ILE A 728 17.02 -16.13 -19.41
CA ILE A 728 16.39 -14.99 -20.06
C ILE A 728 16.66 -13.74 -19.22
N ARG A 729 16.50 -13.87 -17.91
CA ARG A 729 16.70 -12.76 -16.99
C ARG A 729 18.15 -12.24 -17.05
N LYS A 730 19.11 -13.13 -16.86
CA LYS A 730 20.52 -12.75 -16.96
C LYS A 730 20.83 -12.04 -18.28
N LYS A 731 20.21 -12.52 -19.35
CA LYS A 731 20.44 -11.95 -20.68
C LYS A 731 19.86 -10.54 -20.82
N MET A 732 18.73 -10.29 -20.17
CA MET A 732 18.13 -8.95 -20.19
C MET A 732 19.03 -7.93 -19.52
N LYS A 733 19.71 -8.33 -18.45
CA LYS A 733 20.68 -7.45 -17.82
C LYS A 733 21.85 -7.21 -18.77
N GLU A 734 22.26 -8.25 -19.49
CA GLU A 734 23.35 -8.13 -20.45
C GLU A 734 22.92 -7.19 -21.55
N ALA A 735 21.66 -7.31 -21.96
CA ALA A 735 21.12 -6.44 -22.99
C ALA A 735 21.16 -5.00 -22.51
N LEU A 736 20.75 -4.79 -21.27
CA LEU A 736 20.63 -3.44 -20.73
C LEU A 736 21.99 -2.78 -20.57
N GLU A 737 22.97 -3.58 -20.17
CA GLU A 737 24.31 -3.07 -19.98
C GLU A 737 24.92 -2.70 -21.32
N ASN A 738 24.66 -3.52 -22.33
CA ASN A 738 25.14 -3.22 -23.67
C ASN A 738 24.60 -1.90 -24.21
N GLN A 739 23.34 -1.63 -23.93
CA GLN A 739 22.69 -0.41 -24.39
C GLN A 739 23.31 0.82 -23.74
N ALA A 740 23.72 0.65 -22.49
CA ALA A 740 24.33 1.74 -21.73
C ALA A 740 25.73 1.99 -22.27
N GLU A 741 26.49 0.93 -22.47
CA GLU A 741 27.82 1.04 -23.03
C GLU A 741 27.78 1.72 -24.39
N ALA A 742 26.83 1.32 -25.24
CA ALA A 742 26.71 1.90 -26.56
C ALA A 742 26.41 3.39 -26.46
N THR A 743 25.38 3.74 -25.71
CA THR A 743 25.01 5.15 -25.56
C THR A 743 26.17 5.97 -24.99
N LYS A 744 26.88 5.42 -24.01
CA LYS A 744 28.03 6.11 -23.43
C LYS A 744 29.14 6.35 -24.46
N ALA A 745 29.44 5.31 -25.24
CA ALA A 745 30.45 5.39 -26.27
C ALA A 745 30.11 6.48 -27.29
N ILE A 746 28.84 6.61 -27.63
CA ILE A 746 28.44 7.61 -28.61
C ILE A 746 28.56 9.01 -28.02
N ILE A 747 28.13 9.17 -26.78
CA ILE A 747 28.27 10.43 -26.07
C ILE A 747 29.75 10.81 -25.89
N ASN A 748 30.56 9.85 -25.45
CA ASN A 748 31.99 10.10 -25.27
C ASN A 748 32.69 10.46 -26.58
N TYR A 749 32.25 9.87 -27.69
CA TYR A 749 32.79 10.25 -28.99
C TYR A 749 32.44 11.70 -29.31
N GLN A 750 31.20 12.09 -29.07
CA GLN A 750 30.78 13.45 -29.35
C GLN A 750 31.59 14.48 -28.56
N TYR A 751 31.85 14.18 -27.29
CA TYR A 751 32.60 15.10 -26.43
C TYR A 751 34.02 15.30 -26.95
N ASN A 752 34.67 14.21 -27.36
CA ASN A 752 36.04 14.27 -27.84
C ASN A 752 36.21 14.93 -29.21
N GLN A 753 35.10 15.27 -29.85
CA GLN A 753 35.13 15.94 -31.13
C GLN A 753 35.32 17.45 -30.94
N TYR A 754 35.08 17.92 -29.71
CA TYR A 754 35.17 19.33 -29.36
C TYR A 754 36.60 19.88 -29.26
N THR A 755 36.70 21.21 -29.33
CA THR A 755 37.96 21.91 -29.13
C THR A 755 38.25 22.00 -27.64
N GLU A 756 39.53 22.14 -27.30
CA GLU A 756 39.94 22.27 -25.91
C GLU A 756 39.12 23.36 -25.22
N GLU A 757 38.88 24.45 -25.95
CA GLU A 757 38.11 25.57 -25.42
C GLU A 757 36.64 25.21 -25.17
N GLU A 758 36.04 24.49 -26.11
CA GLU A 758 34.67 24.05 -25.96
C GLU A 758 34.53 23.11 -24.77
N LYS A 759 35.42 22.12 -24.72
CA LYS A 759 35.44 21.18 -23.60
C LYS A 759 35.56 21.91 -22.26
N ASN A 760 36.45 22.88 -22.20
CA ASN A 760 36.69 23.58 -20.95
C ASN A 760 35.42 24.23 -20.37
N ASN A 761 34.44 24.51 -21.23
CA ASN A 761 33.18 25.12 -20.77
C ASN A 761 32.09 24.08 -20.53
N ILE A 762 32.44 22.82 -20.73
CA ILE A 762 31.50 21.74 -20.48
C ILE A 762 32.11 20.85 -19.41
N ASN A 763 31.47 20.81 -18.25
CA ASN A 763 31.97 19.99 -17.19
C ASN A 763 31.31 18.67 -17.44
N PHE A 764 32.08 17.70 -17.91
CA PHE A 764 31.48 16.43 -18.28
C PHE A 764 32.20 15.27 -17.64
N ASN A 765 31.49 14.59 -16.75
CA ASN A 765 32.06 13.50 -15.99
C ASN A 765 31.41 12.17 -16.39
N ILE A 766 32.17 11.36 -17.12
CA ILE A 766 31.66 10.10 -17.67
C ILE A 766 31.34 9.09 -16.56
N ASP A 767 32.03 9.21 -15.43
CA ASP A 767 31.80 8.31 -14.30
C ASP A 767 30.48 8.62 -13.61
N ASP A 768 30.10 9.89 -13.61
CA ASP A 768 28.85 10.32 -13.04
C ASP A 768 27.68 9.87 -13.92
N LEU A 769 27.85 10.03 -15.24
CA LEU A 769 26.89 9.57 -16.22
C LEU A 769 26.72 8.05 -16.16
N SER A 770 27.84 7.34 -16.02
CA SER A 770 27.79 5.88 -15.91
C SER A 770 26.99 5.46 -14.70
N SER A 771 27.24 6.14 -13.58
CA SER A 771 26.57 5.86 -12.32
C SER A 771 25.05 6.04 -12.46
N LYS A 772 24.64 7.05 -13.22
CA LYS A 772 23.24 7.35 -13.45
C LYS A 772 22.59 6.25 -14.28
N LEU A 773 23.26 5.84 -15.35
CA LEU A 773 22.70 4.80 -16.22
C LEU A 773 22.64 3.46 -15.50
N ASN A 774 23.57 3.21 -14.59
CA ASN A 774 23.57 1.97 -13.83
C ASN A 774 22.38 1.92 -12.85
N GLU A 775 21.96 3.08 -12.35
CA GLU A 775 20.78 3.14 -11.49
C GLU A 775 19.52 2.88 -12.31
N SER A 776 19.49 3.41 -13.52
CA SER A 776 18.36 3.18 -14.42
C SER A 776 18.23 1.72 -14.78
N ILE A 777 19.37 1.05 -14.96
CA ILE A 777 19.39 -0.36 -15.30
C ILE A 777 18.88 -1.19 -14.13
N ASN A 778 19.15 -0.71 -12.92
CA ASN A 778 18.69 -1.39 -11.72
C ASN A 778 17.17 -1.33 -11.57
N LYS A 779 16.62 -0.12 -11.70
CA LYS A 779 15.17 0.07 -11.72
C LYS A 779 14.54 -0.83 -12.77
N ALA A 780 15.16 -0.92 -13.93
CA ALA A 780 14.63 -1.75 -14.99
C ALA A 780 14.65 -3.21 -14.57
N MET A 781 15.72 -3.63 -13.90
CA MET A 781 15.86 -5.04 -13.53
C MET A 781 14.86 -5.42 -12.43
N ILE A 782 14.56 -4.48 -11.56
CA ILE A 782 13.53 -4.70 -10.55
C ILE A 782 12.24 -5.15 -11.23
N ASN A 783 11.78 -4.38 -12.22
CA ASN A 783 10.56 -4.72 -12.95
C ASN A 783 10.72 -6.04 -13.70
N ILE A 784 11.75 -6.14 -14.52
CA ILE A 784 12.01 -7.38 -15.26
C ILE A 784 12.01 -8.59 -14.33
N ASN A 785 12.58 -8.43 -13.13
CA ASN A 785 12.66 -9.53 -12.17
C ASN A 785 11.28 -10.01 -11.73
N LYS A 786 10.44 -9.05 -11.36
CA LYS A 786 9.06 -9.32 -10.97
C LYS A 786 8.27 -9.94 -12.11
N PHE A 787 8.34 -9.34 -13.30
CA PHE A 787 7.67 -9.89 -14.46
C PHE A 787 8.07 -11.35 -14.72
N LEU A 788 9.37 -11.62 -14.71
CA LEU A 788 9.84 -12.97 -14.99
C LEU A 788 9.51 -13.99 -13.90
N ASN A 789 9.47 -13.56 -12.65
CA ASN A 789 9.08 -14.44 -11.57
C ASN A 789 7.61 -14.86 -11.74
N GLN A 790 6.75 -13.87 -11.95
CA GLN A 790 5.33 -14.12 -12.19
C GLN A 790 5.13 -15.02 -13.39
N CYS A 791 5.98 -14.83 -14.40
CA CYS A 791 5.88 -15.64 -15.61
C CYS A 791 6.19 -17.09 -15.31
N SER A 792 7.31 -17.33 -14.63
CA SER A 792 7.72 -18.68 -14.31
C SER A 792 6.66 -19.38 -13.47
N VAL A 793 6.17 -18.67 -12.47
CA VAL A 793 5.17 -19.24 -11.56
C VAL A 793 3.85 -19.50 -12.29
N SER A 794 3.47 -18.58 -13.17
CA SER A 794 2.26 -18.72 -13.94
C SER A 794 2.30 -20.03 -14.74
N TYR A 795 3.46 -20.31 -15.32
CA TYR A 795 3.61 -21.51 -16.12
C TYR A 795 3.44 -22.76 -15.26
N LEU A 796 3.91 -22.68 -14.03
CA LEU A 796 3.73 -23.77 -13.08
C LEU A 796 2.23 -23.96 -12.81
N MET A 797 1.58 -22.90 -12.33
CA MET A 797 0.18 -22.97 -11.94
C MET A 797 -0.67 -23.45 -13.10
N ASN A 798 -0.52 -22.81 -14.25
CA ASN A 798 -1.36 -23.07 -15.40
C ASN A 798 -0.95 -24.18 -16.36
N SER A 799 0.34 -24.35 -16.63
CA SER A 799 0.74 -25.34 -17.62
C SER A 799 1.31 -26.69 -17.13
N MET A 800 1.46 -26.85 -15.81
CA MET A 800 2.11 -28.07 -15.29
C MET A 800 1.27 -28.73 -14.21
N ILE A 801 1.01 -27.99 -13.14
CA ILE A 801 0.17 -28.47 -12.06
C ILE A 801 -1.13 -29.17 -12.52
N PRO A 802 -1.83 -28.60 -13.51
CA PRO A 802 -3.10 -29.21 -13.94
C PRO A 802 -2.97 -30.66 -14.45
N TYR A 803 -1.88 -31.01 -15.12
CA TYR A 803 -1.69 -32.40 -15.53
C TYR A 803 -1.63 -33.31 -14.31
N GLY A 804 -1.05 -32.79 -13.23
CA GLY A 804 -0.99 -33.53 -11.98
C GLY A 804 -2.36 -33.66 -11.32
N VAL A 805 -3.15 -32.59 -11.42
CA VAL A 805 -4.44 -32.58 -10.77
C VAL A 805 -5.41 -33.51 -11.48
N LYS A 806 -5.27 -33.66 -12.79
CA LYS A 806 -6.10 -34.60 -13.55
C LYS A 806 -5.78 -36.04 -13.17
N ARG A 807 -4.49 -36.36 -13.08
CA ARG A 807 -4.08 -37.70 -12.68
C ARG A 807 -4.53 -37.99 -11.26
N LEU A 808 -4.56 -36.95 -10.43
CA LEU A 808 -4.95 -37.10 -9.03
C LEU A 808 -6.46 -37.34 -8.84
N GLU A 809 -7.27 -36.68 -9.65
CA GLU A 809 -8.71 -36.81 -9.57
C GLU A 809 -9.16 -38.17 -10.11
N ASP A 810 -8.44 -38.68 -11.10
CA ASP A 810 -8.72 -40.00 -11.61
C ASP A 810 -8.38 -41.03 -10.54
N PHE A 811 -7.34 -40.72 -9.77
CA PHE A 811 -6.92 -41.59 -8.68
C PHE A 811 -7.97 -41.58 -7.56
N ASP A 812 -8.47 -40.40 -7.23
CA ASP A 812 -9.50 -40.26 -6.22
C ASP A 812 -10.76 -41.05 -6.62
N ALA A 813 -11.05 -41.05 -7.91
CA ALA A 813 -12.24 -41.76 -8.42
C ALA A 813 -12.10 -43.27 -8.28
N SER A 814 -10.96 -43.79 -8.69
CA SER A 814 -10.68 -45.20 -8.52
C SER A 814 -10.74 -45.61 -7.06
N LEU A 815 -10.13 -44.80 -6.18
CA LEU A 815 -10.09 -45.13 -4.75
C LEU A 815 -11.50 -45.12 -4.13
N LYS A 816 -12.35 -44.22 -4.60
CA LYS A 816 -13.72 -44.13 -4.13
C LYS A 816 -14.47 -45.43 -4.42
N ASP A 817 -14.31 -45.91 -5.65
CA ASP A 817 -14.94 -47.16 -6.07
C ASP A 817 -14.41 -48.35 -5.27
N ALA A 818 -13.11 -48.37 -5.08
CA ALA A 818 -12.47 -49.41 -4.29
C ALA A 818 -12.94 -49.38 -2.84
N LEU A 819 -12.91 -48.20 -2.23
CA LEU A 819 -13.28 -48.04 -0.82
C LEU A 819 -14.76 -48.39 -0.57
N LEU A 820 -15.64 -47.96 -1.46
CA LEU A 820 -17.04 -48.32 -1.35
C LEU A 820 -17.22 -49.83 -1.47
N LYS A 821 -16.55 -50.42 -2.46
CA LYS A 821 -16.60 -51.86 -2.63
C LYS A 821 -16.13 -52.57 -1.37
N TYR A 822 -15.13 -51.99 -0.71
CA TYR A 822 -14.56 -52.59 0.49
C TYR A 822 -15.55 -52.48 1.66
N ILE A 823 -16.20 -51.33 1.74
CA ILE A 823 -17.21 -51.12 2.77
C ILE A 823 -18.38 -52.08 2.62
N TYR A 824 -18.92 -52.18 1.40
CA TYR A 824 -20.07 -53.03 1.13
C TYR A 824 -19.75 -54.52 1.26
N ASP A 825 -18.61 -54.94 0.72
CA ASP A 825 -18.20 -56.34 0.88
C ASP A 825 -18.10 -56.68 2.36
N ASN A 826 -17.70 -55.71 3.15
CA ASN A 826 -17.52 -55.87 4.60
C ASN A 826 -18.71 -55.42 5.46
N ARG A 827 -19.83 -55.13 4.82
CA ARG A 827 -21.02 -54.65 5.54
C ARG A 827 -21.37 -55.50 6.77
N GLY A 828 -21.08 -56.80 6.71
CA GLY A 828 -21.27 -57.67 7.88
C GLY A 828 -20.46 -57.26 9.09
N THR A 829 -19.15 -57.12 8.92
CA THR A 829 -18.28 -56.63 9.99
C THR A 829 -18.64 -55.21 10.38
N LEU A 830 -18.94 -54.41 9.36
CA LEU A 830 -19.08 -52.96 9.52
C LEU A 830 -20.50 -52.51 9.86
N ILE A 831 -21.37 -53.47 10.14
CA ILE A 831 -22.80 -53.18 10.35
C ILE A 831 -23.07 -52.06 11.35
N GLY A 832 -24.00 -51.19 10.99
CA GLY A 832 -24.34 -50.04 11.80
C GLY A 832 -23.48 -48.84 11.47
N GLN A 833 -22.28 -49.11 10.95
CA GLN A 833 -21.37 -48.05 10.52
C GLN A 833 -21.35 -47.78 9.02
N VAL A 834 -22.10 -48.56 8.23
CA VAL A 834 -21.97 -48.48 6.78
C VAL A 834 -22.26 -47.10 6.23
N ASP A 835 -23.27 -46.43 6.75
CA ASP A 835 -23.66 -45.13 6.22
C ASP A 835 -22.61 -44.07 6.54
N ARG A 836 -22.14 -44.06 7.78
CA ARG A 836 -21.17 -43.08 8.23
C ARG A 836 -19.84 -43.19 7.47
N LEU A 837 -19.46 -44.42 7.11
CA LEU A 837 -18.24 -44.64 6.35
C LEU A 837 -18.38 -44.21 4.89
N LYS A 838 -19.52 -44.51 4.28
CA LYS A 838 -19.80 -44.04 2.93
C LYS A 838 -19.57 -42.54 2.87
N ASP A 839 -20.11 -41.83 3.83
CA ASP A 839 -20.05 -40.37 3.86
C ASP A 839 -18.62 -39.88 4.00
N LYS A 840 -17.87 -40.53 4.89
CA LYS A 840 -16.47 -40.17 5.06
C LYS A 840 -15.75 -40.32 3.73
N VAL A 841 -15.92 -41.47 3.09
CA VAL A 841 -15.31 -41.72 1.80
C VAL A 841 -15.79 -40.78 0.70
N ASN A 842 -17.10 -40.65 0.54
CA ASN A 842 -17.63 -39.79 -0.53
C ASN A 842 -17.30 -38.31 -0.36
N ASN A 843 -17.28 -37.85 0.89
CA ASN A 843 -16.97 -36.45 1.20
C ASN A 843 -15.49 -36.12 1.08
N THR A 844 -14.64 -36.99 1.62
CA THR A 844 -13.21 -36.82 1.49
C THR A 844 -12.81 -36.79 0.02
N LEU A 845 -13.21 -37.81 -0.72
CA LEU A 845 -12.70 -37.98 -2.08
C LEU A 845 -13.38 -37.12 -3.14
N SER A 846 -14.37 -36.33 -2.73
CA SER A 846 -15.00 -35.39 -3.67
C SER A 846 -14.34 -34.01 -3.59
N THR A 847 -13.49 -33.80 -2.59
CA THR A 847 -12.65 -32.60 -2.49
C THR A 847 -11.36 -32.67 -3.30
N ASP A 848 -10.85 -31.51 -3.67
CA ASP A 848 -9.49 -31.41 -4.15
C ASP A 848 -8.59 -30.83 -3.07
N ILE A 849 -7.33 -31.28 -3.03
CA ILE A 849 -6.31 -30.66 -2.20
C ILE A 849 -5.55 -29.61 -3.03
N PRO A 850 -5.77 -28.32 -2.72
CA PRO A 850 -5.21 -27.21 -3.50
C PRO A 850 -3.68 -27.11 -3.43
N PHE A 851 -3.06 -26.83 -4.58
CA PHE A 851 -1.62 -26.64 -4.64
C PHE A 851 -1.25 -25.29 -4.06
N GLN A 852 -0.34 -25.29 -3.09
CA GLN A 852 0.13 -24.06 -2.49
C GLN A 852 1.65 -23.97 -2.71
N LEU A 853 2.09 -23.07 -3.58
CA LEU A 853 3.50 -23.02 -3.97
C LEU A 853 4.40 -22.71 -2.79
N SER A 854 3.92 -21.84 -1.89
CA SER A 854 4.64 -21.47 -0.68
C SER A 854 5.07 -22.69 0.15
N LYS A 855 4.40 -23.81 -0.03
CA LYS A 855 4.69 -25.01 0.73
C LYS A 855 5.96 -25.72 0.27
N TYR A 856 6.24 -25.67 -1.04
CA TYR A 856 7.36 -26.40 -1.62
C TYR A 856 8.64 -25.62 -1.90
N VAL A 857 8.60 -24.30 -1.72
CA VAL A 857 9.76 -23.48 -2.04
C VAL A 857 9.81 -22.17 -1.23
N ASP A 858 11.02 -21.67 -1.02
CA ASP A 858 11.30 -20.67 0.01
C ASP A 858 10.79 -19.25 -0.25
N ASN A 859 10.87 -18.80 -1.49
CA ASN A 859 10.79 -17.37 -1.79
C ASN A 859 9.38 -16.83 -2.00
N GLN A 860 8.38 -17.70 -1.92
CA GLN A 860 7.05 -17.34 -2.37
C GLN A 860 6.02 -16.93 -1.29
N ARG A 861 6.42 -16.92 -0.02
CA ARG A 861 5.49 -16.51 1.03
C ARG A 861 5.01 -15.08 0.79
N LEU A 862 3.77 -14.78 1.17
CA LEU A 862 3.20 -13.46 0.93
C LEU A 862 3.92 -12.36 1.69
N LEU A 863 4.26 -12.67 2.94
CA LEU A 863 4.87 -11.68 3.82
C LEU A 863 6.23 -11.20 3.30
N SER A 864 6.96 -12.09 2.63
CA SER A 864 8.30 -11.76 2.16
C SER A 864 8.26 -10.73 1.04
N THR A 865 7.09 -10.49 0.47
CA THR A 865 6.93 -9.45 -0.53
C THR A 865 6.92 -8.08 0.14
N PHE A 866 6.21 -7.97 1.25
CA PHE A 866 6.20 -6.77 2.06
C PHE A 866 7.59 -6.58 2.68
N THR A 867 8.19 -7.67 3.11
CA THR A 867 9.53 -7.67 3.67
C THR A 867 10.57 -7.00 2.76
N GLU A 868 10.56 -7.39 1.48
CA GLU A 868 11.46 -6.81 0.51
C GLU A 868 11.24 -5.30 0.34
N TYR A 869 9.97 -4.88 0.39
CA TYR A 869 9.65 -3.48 0.23
C TYR A 869 10.23 -2.66 1.37
N ILE A 870 10.15 -3.19 2.58
CA ILE A 870 10.72 -2.50 3.73
C ILE A 870 12.23 -2.42 3.60
N LYS A 871 12.85 -3.55 3.25
CA LYS A 871 14.29 -3.59 3.01
C LYS A 871 14.72 -2.51 2.00
N ASN A 872 13.97 -2.43 0.90
CA ASN A 872 14.28 -1.51 -0.18
C ASN A 872 14.36 -0.06 0.28
N ILE A 873 13.49 0.34 1.20
CA ILE A 873 13.51 1.71 1.69
C ILE A 873 14.61 1.89 2.73
N ILE A 874 14.85 0.86 3.54
CA ILE A 874 15.91 0.94 4.54
C ILE A 874 17.30 0.97 3.91
N ASN A 875 17.47 0.24 2.81
CA ASN A 875 18.76 0.17 2.13
C ASN A 875 19.02 1.37 1.24
N THR A 876 18.00 2.21 1.06
CA THR A 876 18.19 3.47 0.36
C THR A 876 18.44 4.62 1.32
N SER A 877 18.50 4.33 2.62
CA SER A 877 18.70 5.38 3.61
C SER A 877 20.20 5.54 3.92
N ILE A 878 20.79 6.64 3.49
CA ILE A 878 22.21 6.86 3.71
C ILE A 878 22.49 7.65 4.99
N LEU A 879 21.44 8.22 5.56
CA LEU A 879 21.49 8.73 6.93
C LEU A 879 20.15 8.45 7.62
N ASN A 880 20.20 7.72 8.72
CA ASN A 880 19.00 7.48 9.49
C ASN A 880 19.30 7.83 10.94
N LEU A 881 18.78 8.98 11.38
CA LEU A 881 19.26 9.56 12.61
C LEU A 881 18.26 9.33 13.74
N ARG A 882 18.60 8.45 14.67
CA ARG A 882 17.70 8.11 15.77
C ARG A 882 18.37 8.21 17.12
N TYR A 883 17.55 8.33 18.16
CA TYR A 883 18.07 8.28 19.51
C TYR A 883 17.90 6.85 19.97
N GLU A 884 19.03 6.20 20.30
CA GLU A 884 19.02 4.85 20.82
C GLU A 884 19.92 4.72 22.04
N SER A 885 19.53 3.85 22.97
CA SER A 885 20.20 3.77 24.25
C SER A 885 20.32 5.18 24.83
N ASN A 886 21.53 5.62 25.11
CA ASN A 886 21.74 6.96 25.64
C ASN A 886 22.18 8.02 24.63
N HIS A 887 22.27 7.64 23.36
CA HIS A 887 22.89 8.52 22.37
C HIS A 887 22.05 8.75 21.12
N LEU A 888 22.29 9.89 20.48
CA LEU A 888 21.73 10.16 19.16
C LEU A 888 22.72 9.70 18.09
N ILE A 889 22.34 8.70 17.29
CA ILE A 889 23.27 8.12 16.34
C ILE A 889 22.70 7.92 14.94
N ASP A 890 23.54 7.40 14.05
CA ASP A 890 23.14 7.05 12.70
C ASP A 890 22.93 5.53 12.59
N LEU A 891 21.69 5.11 12.33
CA LEU A 891 21.38 3.69 12.26
C LEU A 891 21.61 3.09 10.86
N SER A 892 22.07 3.91 9.93
CA SER A 892 22.40 3.44 8.57
C SER A 892 23.70 2.65 8.61
N ARG A 893 23.94 1.86 7.57
CA ARG A 893 25.13 1.04 7.53
C ARG A 893 26.42 1.86 7.42
N TYR A 894 26.31 3.15 7.08
CA TYR A 894 27.48 4.04 6.97
C TYR A 894 27.96 4.54 8.34
N ALA A 895 27.04 4.58 9.30
CA ALA A 895 27.38 4.93 10.67
C ALA A 895 28.14 6.24 10.79
N SER A 896 27.63 7.29 10.15
CA SER A 896 28.23 8.61 10.22
C SER A 896 28.32 9.08 11.66
N LYS A 897 29.32 9.90 11.95
CA LYS A 897 29.55 10.41 13.30
C LYS A 897 28.60 11.56 13.59
N ILE A 898 28.14 11.66 14.84
CA ILE A 898 27.26 12.75 15.24
C ILE A 898 27.86 13.58 16.38
N ASN A 899 27.98 14.88 16.16
CA ASN A 899 28.48 15.79 17.19
C ASN A 899 27.34 16.62 17.76
N ILE A 900 27.11 16.51 19.06
CA ILE A 900 25.99 17.18 19.69
C ILE A 900 26.41 18.34 20.58
N GLY A 901 25.91 19.53 20.27
CA GLY A 901 26.27 20.72 21.02
C GLY A 901 25.81 20.61 22.45
N SER A 902 26.34 21.49 23.30
CA SER A 902 26.04 21.44 24.73
C SER A 902 24.63 21.93 25.05
N LYS A 903 24.09 22.79 24.19
CA LYS A 903 22.74 23.35 24.38
C LYS A 903 21.61 22.63 23.63
N VAL A 904 21.88 21.49 23.02
CA VAL A 904 20.80 20.70 22.44
C VAL A 904 19.96 20.07 23.55
N ASN A 905 18.65 20.15 23.42
CA ASN A 905 17.75 19.59 24.42
C ASN A 905 16.92 18.43 23.87
N PHE A 906 16.82 17.36 24.64
CA PHE A 906 16.06 16.18 24.24
C PHE A 906 14.81 15.99 25.12
N ASP A 907 13.64 15.90 24.48
CA ASP A 907 12.40 15.65 25.20
C ASP A 907 12.51 14.38 26.02
N PRO A 908 12.37 14.49 27.35
CA PRO A 908 12.52 13.35 28.26
C PRO A 908 11.48 12.24 28.01
N ILE A 909 10.29 12.62 27.59
CA ILE A 909 9.22 11.66 27.37
C ILE A 909 9.46 10.87 26.10
N ASP A 910 9.86 11.57 25.03
CA ASP A 910 10.29 10.93 23.79
C ASP A 910 11.60 11.58 23.33
N LYS A 911 12.70 10.84 23.42
CA LYS A 911 14.00 11.48 23.28
C LYS A 911 14.40 11.70 21.83
N ASN A 912 13.61 11.18 20.90
CA ASN A 912 13.82 11.44 19.50
C ASN A 912 13.37 12.85 19.13
N GLN A 913 12.66 13.48 20.05
CA GLN A 913 12.20 14.85 19.83
C GLN A 913 13.27 15.81 20.30
N ILE A 914 13.83 16.54 19.35
CA ILE A 914 15.01 17.36 19.60
C ILE A 914 14.66 18.83 19.54
N GLN A 915 15.08 19.58 20.53
CA GLN A 915 14.81 21.01 20.57
C GLN A 915 16.10 21.82 20.37
N LEU A 916 16.11 22.62 19.31
CA LEU A 916 17.26 23.48 19.01
C LEU A 916 16.88 24.93 19.21
N PHE A 917 17.52 25.57 20.17
CA PHE A 917 17.28 26.99 20.46
C PHE A 917 18.11 27.88 19.54
N ASN A 918 18.01 29.19 19.73
CA ASN A 918 18.85 30.05 18.93
C ASN A 918 20.06 30.39 19.77
N LEU A 919 21.08 29.55 19.62
CA LEU A 919 22.32 29.66 20.35
C LEU A 919 23.34 28.88 19.55
N GLU A 920 24.60 29.32 19.55
CA GLU A 920 25.62 28.59 18.83
C GLU A 920 25.79 27.18 19.39
N SER A 921 25.64 27.05 20.71
CA SER A 921 25.79 25.77 21.36
C SER A 921 24.65 24.80 21.06
N SER A 922 23.50 25.31 20.63
CA SER A 922 22.40 24.40 20.38
C SER A 922 22.53 24.02 18.91
N LYS A 923 23.14 22.87 18.66
CA LYS A 923 23.39 22.42 17.30
C LYS A 923 23.72 20.95 17.24
N ILE A 924 23.55 20.36 16.07
CA ILE A 924 23.90 18.97 15.82
C ILE A 924 24.62 18.89 14.48
N GLU A 925 25.77 18.24 14.48
CA GLU A 925 26.55 18.12 13.25
C GLU A 925 26.77 16.68 12.85
N VAL A 926 26.41 16.35 11.61
CA VAL A 926 26.66 15.03 11.08
C VAL A 926 27.87 15.08 10.17
N ILE A 927 28.91 14.30 10.47
CA ILE A 927 30.06 14.22 9.57
C ILE A 927 29.86 13.05 8.62
N LEU A 928 29.55 13.36 7.37
CA LEU A 928 29.19 12.35 6.37
C LEU A 928 30.41 11.59 5.91
N LYS A 929 30.27 10.27 5.76
CA LYS A 929 31.31 9.48 5.13
C LYS A 929 31.47 9.94 3.68
N ASN A 930 32.72 10.01 3.20
CA ASN A 930 33.00 10.53 1.86
C ASN A 930 32.19 9.90 0.75
N ALA A 931 32.05 8.57 0.79
CA ALA A 931 31.28 7.87 -0.22
C ALA A 931 29.85 8.39 -0.37
N ILE A 932 29.28 8.95 0.70
CA ILE A 932 27.94 9.54 0.62
C ILE A 932 27.80 11.07 0.52
N VAL A 933 28.91 11.82 0.48
CA VAL A 933 28.76 13.26 0.25
C VAL A 933 28.34 13.49 -1.18
N TYR A 934 27.31 14.31 -1.37
CA TYR A 934 26.71 14.43 -2.69
C TYR A 934 27.55 15.32 -3.59
N ASN A 935 28.07 14.73 -4.66
CA ASN A 935 28.65 15.54 -5.72
C ASN A 935 28.27 14.96 -7.07
N SER A 936 27.32 15.58 -7.75
CA SER A 936 26.85 15.00 -9.01
C SER A 936 26.06 15.98 -9.87
N MET A 937 26.00 15.70 -11.17
CA MET A 937 25.00 16.31 -12.04
C MET A 937 23.66 15.57 -12.04
N TYR A 938 23.74 14.24 -12.07
CA TYR A 938 22.58 13.39 -12.29
C TYR A 938 21.93 12.64 -11.11
N GLU A 939 22.50 12.71 -9.91
CA GLU A 939 22.10 11.77 -8.87
C GLU A 939 20.88 12.23 -8.08
N ASN A 940 19.84 11.40 -8.05
CA ASN A 940 18.61 11.74 -7.33
C ASN A 940 18.73 11.53 -5.83
N PHE A 941 18.05 12.37 -5.04
CA PHE A 941 18.08 12.20 -3.58
C PHE A 941 16.87 12.83 -2.87
N SER A 942 16.59 12.35 -1.67
CA SER A 942 15.42 12.77 -0.90
C SER A 942 15.77 12.95 0.56
N THR A 943 15.04 13.83 1.23
CA THR A 943 15.17 14.02 2.67
C THR A 943 13.77 14.06 3.26
N SER A 944 13.65 13.52 4.47
CA SER A 944 12.40 13.63 5.21
C SER A 944 12.69 13.80 6.69
N PHE A 945 11.74 14.43 7.38
CA PHE A 945 11.88 14.72 8.79
C PHE A 945 10.59 15.37 9.29
N TRP A 946 10.40 15.35 10.60
CA TRP A 946 9.26 16.00 11.22
C TRP A 946 9.78 17.24 11.93
N ILE A 947 8.99 18.31 11.90
CA ILE A 947 9.39 19.55 12.52
C ILE A 947 8.18 20.18 13.21
N ARG A 948 8.43 20.91 14.29
CA ARG A 948 7.37 21.64 14.97
C ARG A 948 7.80 23.09 15.20
N ILE A 949 7.09 24.03 14.58
CA ILE A 949 7.53 25.42 14.55
C ILE A 949 6.63 26.34 15.36
N PRO A 950 7.17 26.92 16.44
CA PRO A 950 6.40 27.82 17.30
C PRO A 950 5.78 28.95 16.51
N LYS A 951 4.63 29.42 16.95
CA LYS A 951 3.94 30.50 16.27
C LYS A 951 4.92 31.68 16.24
N TYR A 952 4.81 32.52 15.22
CA TYR A 952 5.64 33.71 15.16
C TYR A 952 4.92 34.84 15.89
N PHE A 953 5.49 35.26 17.02
CA PHE A 953 4.86 36.26 17.88
C PHE A 953 5.20 37.71 17.58
N ASN A 954 6.28 37.94 16.84
CA ASN A 954 6.89 39.25 16.83
C ASN A 954 7.29 39.69 15.44
N SER A 955 7.08 40.98 15.15
CA SER A 955 7.37 41.57 13.84
C SER A 955 8.83 41.37 13.38
N ILE A 956 9.73 41.12 14.31
CA ILE A 956 11.12 40.87 13.94
C ILE A 956 11.27 39.59 13.11
N SER A 957 10.26 38.72 13.17
CA SER A 957 10.28 37.45 12.44
C SER A 957 9.80 37.60 11.00
N LEU A 958 9.16 38.73 10.72
CA LEU A 958 8.68 39.08 9.39
C LEU A 958 9.86 39.37 8.46
N ASN A 959 9.85 38.75 7.29
CA ASN A 959 10.94 38.88 6.32
C ASN A 959 12.33 38.61 6.88
N ASN A 960 12.44 37.56 7.70
CA ASN A 960 13.74 37.10 8.15
C ASN A 960 13.84 35.60 7.91
N GLU A 961 14.61 35.21 6.90
CA GLU A 961 14.77 33.80 6.57
C GLU A 961 16.02 33.28 7.22
N TYR A 962 15.87 32.21 7.99
CA TYR A 962 16.97 31.64 8.74
C TYR A 962 17.10 30.18 8.38
N THR A 963 18.32 29.70 8.29
CA THR A 963 18.59 28.31 7.94
C THR A 963 18.45 27.41 9.16
N ILE A 964 18.03 26.16 8.94
CA ILE A 964 17.90 25.21 10.04
C ILE A 964 18.65 23.91 9.78
N ILE A 965 18.66 23.45 8.53
CA ILE A 965 19.47 22.28 8.16
C ILE A 965 20.35 22.67 6.99
N ASN A 966 21.63 22.65 7.24
CA ASN A 966 22.58 23.20 6.27
C ASN A 966 23.49 22.16 5.62
N CYS A 967 23.43 22.01 4.30
CA CYS A 967 24.40 21.18 3.58
C CYS A 967 25.04 21.97 2.41
N MET A 968 25.37 23.23 2.67
CA MET A 968 26.01 24.11 1.69
C MET A 968 27.53 24.15 1.89
N GLU A 969 28.18 24.07 0.78
CA GLU A 969 29.64 24.19 0.83
C GLU A 969 30.09 25.07 -0.32
N ASN A 970 30.72 26.20 0.00
CA ASN A 970 31.07 27.18 -1.02
C ASN A 970 29.93 27.46 -1.96
N ASN A 971 28.77 27.77 -1.39
CA ASN A 971 27.60 28.15 -2.18
C ASN A 971 27.06 27.05 -3.10
N SER A 972 27.32 25.79 -2.74
CA SER A 972 26.72 24.69 -3.49
C SER A 972 26.28 23.63 -2.51
N GLY A 973 25.09 23.08 -2.73
CA GLY A 973 24.58 22.06 -1.85
C GLY A 973 23.09 22.22 -1.73
N TRP A 974 22.53 21.75 -0.62
CA TRP A 974 21.14 22.00 -0.30
C TRP A 974 21.03 22.52 1.13
N LYS A 975 19.88 23.10 1.44
CA LYS A 975 19.61 23.51 2.82
C LYS A 975 18.10 23.61 3.03
N VAL A 976 17.69 23.50 4.28
CA VAL A 976 16.31 23.75 4.63
C VAL A 976 16.30 25.02 5.45
N SER A 977 15.41 25.93 5.12
CA SER A 977 15.31 27.18 5.86
C SER A 977 13.87 27.53 6.18
N LEU A 978 13.68 28.37 7.18
CA LEU A 978 12.36 28.80 7.58
C LEU A 978 12.21 30.30 7.44
N ASN A 979 10.98 30.76 7.37
CA ASN A 979 10.69 32.18 7.45
C ASN A 979 9.29 32.29 8.00
N TYR A 980 8.78 33.52 8.10
CA TYR A 980 7.44 33.73 8.57
C TYR A 980 6.51 32.90 7.70
N GLY A 981 5.78 31.99 8.33
CA GLY A 981 4.88 31.08 7.63
C GLY A 981 5.45 30.36 6.42
N GLU A 982 6.71 29.96 6.48
CA GLU A 982 7.35 29.31 5.33
C GLU A 982 8.28 28.18 5.76
N ILE A 983 8.31 27.12 4.96
CA ILE A 983 9.35 26.11 5.06
C ILE A 983 9.98 26.04 3.68
N ILE A 984 11.31 26.17 3.61
CA ILE A 984 11.96 26.42 2.33
C ILE A 984 13.09 25.45 2.00
N TRP A 985 13.08 24.95 0.76
CA TRP A 985 14.13 24.08 0.28
C TRP A 985 14.92 24.82 -0.79
N THR A 986 16.25 24.79 -0.67
CA THR A 986 17.13 25.46 -1.63
C THR A 986 18.15 24.50 -2.27
N LEU A 987 18.25 24.55 -3.59
CA LEU A 987 19.28 23.81 -4.32
C LEU A 987 20.22 24.77 -5.05
N GLN A 988 21.53 24.52 -4.97
CA GLN A 988 22.50 25.36 -5.67
C GLN A 988 23.65 24.60 -6.30
N ASP A 989 23.88 24.84 -7.59
CA ASP A 989 25.04 24.23 -8.26
C ASP A 989 26.31 25.07 -8.05
N THR A 990 27.41 24.61 -8.62
CA THR A 990 28.72 25.22 -8.41
C THR A 990 28.92 26.49 -9.20
N GLN A 991 27.97 26.77 -10.09
CA GLN A 991 27.89 28.03 -10.83
C GLN A 991 26.92 29.07 -10.21
N GLU A 992 26.47 28.82 -8.99
CA GLU A 992 25.58 29.76 -8.32
C GLU A 992 24.20 29.90 -8.97
N ILE A 993 23.79 28.86 -9.70
CA ILE A 993 22.43 28.78 -10.20
C ILE A 993 21.61 28.06 -9.16
N LYS A 994 20.52 28.67 -8.71
CA LYS A 994 19.74 28.09 -7.63
C LYS A 994 18.25 27.88 -7.90
N GLN A 995 17.64 27.02 -7.09
CA GLN A 995 16.22 26.79 -7.17
C GLN A 995 15.68 26.69 -5.75
N ARG A 996 14.59 27.39 -5.48
CA ARG A 996 13.94 27.33 -4.17
C ARG A 996 12.51 26.81 -4.33
N VAL A 997 12.07 26.00 -3.38
CA VAL A 997 10.68 25.56 -3.36
C VAL A 997 10.11 25.66 -1.95
N VAL A 998 8.93 26.27 -1.83
CA VAL A 998 8.41 26.66 -0.52
C VAL A 998 6.99 26.17 -0.23
N PHE A 999 6.75 25.86 1.05
CA PHE A 999 5.42 25.60 1.57
C PHE A 999 4.99 26.79 2.42
N LYS A 1000 3.98 27.51 1.96
CA LYS A 1000 3.48 28.66 2.72
C LYS A 1000 2.27 28.26 3.59
N TYR A 1001 2.25 28.79 4.82
CA TYR A 1001 1.12 28.62 5.71
C TYR A 1001 0.80 29.92 6.46
N SER A 1002 -0.48 30.27 6.50
CA SER A 1002 -0.90 31.53 7.11
C SER A 1002 -0.97 31.43 8.63
N GLN A 1003 -0.72 32.57 9.27
CA GLN A 1003 -1.02 32.72 10.68
C GLN A 1003 -2.33 33.47 10.94
N MET A 1004 -3.03 33.90 9.89
CA MET A 1004 -4.37 34.46 10.10
C MET A 1004 -5.38 33.39 9.75
N ILE A 1005 -5.77 32.63 10.75
CA ILE A 1005 -6.56 31.44 10.54
C ILE A 1005 -7.25 31.09 11.86
N ASN A 1006 -8.47 30.58 11.79
CA ASN A 1006 -9.14 30.16 13.00
C ASN A 1006 -8.36 29.09 13.73
N ILE A 1007 -8.20 27.92 13.11
CA ILE A 1007 -7.36 26.87 13.68
C ILE A 1007 -6.47 26.23 12.62
N SER A 1008 -5.17 26.23 12.86
CA SER A 1008 -4.19 25.83 11.86
C SER A 1008 -3.83 24.35 11.97
N ASP A 1009 -3.68 23.71 10.82
CA ASP A 1009 -3.14 22.34 10.76
C ASP A 1009 -1.63 22.32 10.99
N TYR A 1010 -1.01 23.49 11.06
CA TYR A 1010 0.45 23.63 11.00
C TYR A 1010 1.08 24.34 12.19
N ILE A 1011 0.60 25.54 12.47
CA ILE A 1011 1.24 26.37 13.48
C ILE A 1011 1.44 25.59 14.77
N ASN A 1012 2.68 25.53 15.20
CA ASN A 1012 3.09 24.91 16.46
C ASN A 1012 2.70 23.44 16.55
N ARG A 1013 2.47 22.82 15.40
CA ARG A 1013 2.10 21.40 15.36
C ARG A 1013 3.17 20.61 14.63
N TRP A 1014 3.35 19.35 15.00
CA TRP A 1014 4.25 18.49 14.27
C TRP A 1014 3.81 18.34 12.80
N ILE A 1015 4.74 18.63 11.90
CA ILE A 1015 4.49 18.50 10.47
C ILE A 1015 5.46 17.48 9.92
N PHE A 1016 5.04 16.73 8.91
CA PHE A 1016 5.95 15.81 8.22
C PHE A 1016 6.39 16.38 6.88
N VAL A 1017 7.70 16.62 6.76
CA VAL A 1017 8.28 17.22 5.56
C VAL A 1017 9.00 16.16 4.72
N THR A 1018 8.79 16.20 3.41
CA THR A 1018 9.55 15.35 2.52
C THR A 1018 9.91 16.14 1.26
N ILE A 1019 11.20 16.18 0.95
CA ILE A 1019 11.67 16.82 -0.26
C ILE A 1019 12.35 15.76 -1.11
N THR A 1020 12.00 15.74 -2.39
CA THR A 1020 12.59 14.76 -3.31
C THR A 1020 13.19 15.49 -4.51
N ASN A 1021 14.30 14.96 -5.01
CA ASN A 1021 15.02 15.64 -6.07
C ASN A 1021 15.33 14.75 -7.25
N ASN A 1022 14.73 15.05 -8.38
CA ASN A 1022 15.03 14.34 -9.61
C ASN A 1022 15.83 15.27 -10.51
N ARG A 1023 17.12 14.98 -10.68
CA ARG A 1023 18.03 15.91 -11.39
C ARG A 1023 17.67 16.09 -12.86
N LEU A 1024 16.94 15.13 -13.43
CA LEU A 1024 16.49 15.25 -14.81
C LEU A 1024 15.18 16.01 -14.89
N ASN A 1025 14.51 16.18 -13.76
CA ASN A 1025 13.18 16.81 -13.81
C ASN A 1025 12.87 17.94 -12.83
N ASN A 1026 12.60 17.58 -11.58
CA ASN A 1026 11.84 18.44 -10.66
C ASN A 1026 12.28 18.30 -9.22
N SER A 1027 12.16 19.38 -8.46
CA SER A 1027 12.32 19.31 -7.01
C SER A 1027 10.95 19.44 -6.36
N LYS A 1028 10.62 18.50 -5.48
CA LYS A 1028 9.25 18.37 -4.96
C LYS A 1028 9.18 18.45 -3.44
N ILE A 1029 8.28 19.27 -2.92
CA ILE A 1029 8.07 19.33 -1.46
C ILE A 1029 6.71 18.79 -1.02
N TYR A 1030 6.73 17.88 -0.07
CA TYR A 1030 5.51 17.28 0.46
C TYR A 1030 5.26 17.68 1.91
N ILE A 1031 4.01 17.83 2.28
CA ILE A 1031 3.64 18.11 3.67
C ILE A 1031 2.63 17.06 4.13
N ASN A 1032 2.90 16.45 5.27
CA ASN A 1032 2.05 15.38 5.79
C ASN A 1032 1.68 14.36 4.72
N GLY A 1033 2.64 14.02 3.87
CA GLY A 1033 2.46 12.96 2.88
C GLY A 1033 1.92 13.41 1.54
N ARG A 1034 1.49 14.67 1.45
CA ARG A 1034 0.88 15.19 0.23
C ARG A 1034 1.81 16.15 -0.50
N LEU A 1035 1.75 16.12 -1.84
CA LEU A 1035 2.55 17.02 -2.66
C LEU A 1035 2.06 18.46 -2.57
N ILE A 1036 2.96 19.37 -2.21
CA ILE A 1036 2.59 20.79 -2.12
C ILE A 1036 3.00 21.60 -3.35
N ASP A 1037 4.31 21.69 -3.61
CA ASP A 1037 4.81 22.41 -4.78
C ASP A 1037 5.96 21.68 -5.43
N GLN A 1038 6.15 21.93 -6.71
CA GLN A 1038 7.29 21.37 -7.44
C GLN A 1038 7.97 22.43 -8.32
N LYS A 1039 9.29 22.37 -8.44
CA LYS A 1039 10.01 23.32 -9.30
C LYS A 1039 10.98 22.60 -10.24
N PRO A 1040 11.12 23.09 -11.47
CA PRO A 1040 12.07 22.45 -12.40
C PRO A 1040 13.52 22.69 -11.95
N ILE A 1041 14.31 21.62 -11.80
CA ILE A 1041 15.74 21.76 -11.56
C ILE A 1041 16.71 21.37 -12.68
N SER A 1042 16.20 20.96 -13.84
CA SER A 1042 17.06 20.31 -14.85
C SER A 1042 18.11 21.24 -15.47
N ASN A 1043 17.98 22.53 -15.19
CA ASN A 1043 18.96 23.49 -15.68
C ASN A 1043 20.13 23.66 -14.71
N LEU A 1044 20.08 22.95 -13.59
CA LEU A 1044 21.15 22.99 -12.62
C LEU A 1044 22.26 22.04 -13.03
N GLY A 1045 23.50 22.51 -12.91
CA GLY A 1045 24.68 21.76 -13.30
C GLY A 1045 25.13 20.87 -12.18
N ASN A 1046 26.43 20.67 -12.04
CA ASN A 1046 26.92 19.86 -10.93
C ASN A 1046 26.63 20.50 -9.58
N ILE A 1047 26.08 19.70 -8.67
CA ILE A 1047 25.86 20.13 -7.29
C ILE A 1047 26.84 19.38 -6.41
N HIS A 1048 27.65 20.14 -5.67
CA HIS A 1048 28.61 19.56 -4.74
C HIS A 1048 28.26 20.07 -3.36
N ALA A 1049 27.77 19.18 -2.51
CA ALA A 1049 27.28 19.60 -1.18
C ALA A 1049 28.38 19.48 -0.13
N SER A 1050 28.03 19.78 1.12
CA SER A 1050 28.97 19.81 2.21
C SER A 1050 29.37 18.42 2.73
N ASN A 1051 30.55 18.33 3.33
CA ASN A 1051 31.00 17.07 3.95
C ASN A 1051 30.26 16.83 5.27
N ASN A 1052 29.53 17.83 5.72
CA ASN A 1052 28.72 17.68 6.91
C ASN A 1052 27.33 18.28 6.77
N ILE A 1053 26.47 17.94 7.73
CA ILE A 1053 25.12 18.49 7.77
C ILE A 1053 24.96 19.21 9.10
N MET A 1054 24.61 20.49 9.03
CA MET A 1054 24.51 21.29 10.26
C MET A 1054 23.07 21.64 10.66
N PHE A 1055 22.61 21.04 11.75
CA PHE A 1055 21.31 21.36 12.30
C PHE A 1055 21.51 22.47 13.32
N LYS A 1056 21.03 23.66 13.01
CA LYS A 1056 21.23 24.82 13.86
C LYS A 1056 20.48 25.99 13.26
N LEU A 1057 20.14 26.97 14.08
CA LEU A 1057 19.38 28.10 13.59
C LEU A 1057 20.38 29.12 13.11
N ASP A 1058 20.39 29.36 11.80
CA ASP A 1058 21.39 30.23 11.20
C ASP A 1058 20.77 31.48 10.60
N GLY A 1059 20.97 32.62 11.25
CA GLY A 1059 20.47 33.89 10.75
C GLY A 1059 19.15 34.36 11.34
N CYS A 1060 18.68 33.67 12.36
CA CYS A 1060 17.40 34.04 12.97
C CYS A 1060 17.59 35.21 13.94
N ARG A 1061 16.88 36.31 13.67
CA ARG A 1061 16.95 37.50 14.51
C ARG A 1061 15.99 37.47 15.72
N ASP A 1062 15.04 36.55 15.73
CA ASP A 1062 14.22 36.37 16.92
C ASP A 1062 15.04 35.55 17.90
N THR A 1063 15.35 36.14 19.05
CA THR A 1063 16.24 35.49 20.00
C THR A 1063 15.57 34.36 20.78
N HIS A 1064 14.23 34.43 20.88
CA HIS A 1064 13.48 33.44 21.62
C HIS A 1064 13.01 32.29 20.73
N ARG A 1065 13.40 32.35 19.47
CA ARG A 1065 13.00 31.32 18.53
C ARG A 1065 13.70 29.99 18.77
N TYR A 1066 13.00 28.89 18.46
CA TYR A 1066 13.55 27.55 18.51
C TYR A 1066 12.74 26.65 17.59
N ILE A 1067 13.14 25.40 17.46
CA ILE A 1067 12.36 24.43 16.70
C ILE A 1067 12.43 23.06 17.34
N TRP A 1068 11.42 22.24 17.09
CA TRP A 1068 11.51 20.84 17.42
C TRP A 1068 11.72 20.07 16.13
N ILE A 1069 12.47 18.99 16.18
CA ILE A 1069 12.71 18.18 15.01
C ILE A 1069 12.92 16.72 15.42
N LYS A 1070 12.52 15.79 14.56
CA LYS A 1070 12.71 14.38 14.86
C LYS A 1070 12.76 13.51 13.59
N TYR A 1071 13.32 12.31 13.73
CA TYR A 1071 13.30 11.30 12.67
C TYR A 1071 13.85 11.79 11.35
N PHE A 1072 15.03 12.42 11.37
CA PHE A 1072 15.61 12.91 10.12
C PHE A 1072 16.19 11.78 9.26
N ASN A 1073 15.85 11.77 7.98
CA ASN A 1073 16.40 10.80 7.03
C ASN A 1073 16.94 11.42 5.75
N LEU A 1074 17.95 10.78 5.20
CA LEU A 1074 18.49 11.13 3.90
C LEU A 1074 18.44 9.89 3.00
N PHE A 1075 17.84 10.00 1.82
CA PHE A 1075 17.72 8.86 0.93
C PHE A 1075 18.46 9.04 -0.37
N ASP A 1076 18.99 7.94 -0.91
CA ASP A 1076 19.73 7.97 -2.17
C ASP A 1076 18.85 7.82 -3.41
N LYS A 1077 17.54 7.93 -3.26
CA LYS A 1077 16.69 8.01 -4.44
C LYS A 1077 15.65 9.12 -4.35
N GLU A 1078 14.81 9.20 -5.38
CA GLU A 1078 13.63 10.06 -5.36
C GLU A 1078 12.49 9.20 -4.85
N LEU A 1079 12.00 9.50 -3.65
CA LEU A 1079 10.83 8.84 -3.11
C LEU A 1079 9.57 9.13 -3.95
N ASN A 1080 8.78 8.11 -4.19
CA ASN A 1080 7.51 8.31 -4.89
C ASN A 1080 6.37 8.62 -3.92
N GLU A 1081 5.18 8.88 -4.46
CA GLU A 1081 4.02 9.19 -3.62
C GLU A 1081 3.73 8.07 -2.62
N LYS A 1082 3.71 6.83 -3.10
CA LYS A 1082 3.40 5.70 -2.24
C LYS A 1082 4.35 5.58 -1.05
N GLU A 1083 5.66 5.59 -1.33
CA GLU A 1083 6.68 5.46 -0.31
C GLU A 1083 6.58 6.57 0.72
N ILE A 1084 6.27 7.77 0.24
CA ILE A 1084 6.14 8.93 1.12
C ILE A 1084 4.97 8.77 2.08
N LYS A 1085 3.82 8.34 1.56
CA LYS A 1085 2.65 8.08 2.41
C LYS A 1085 2.94 6.99 3.41
N ASP A 1086 3.54 5.90 2.95
CA ASP A 1086 3.86 4.80 3.87
C ASP A 1086 4.83 5.25 4.95
N LEU A 1087 5.78 6.07 4.55
CA LEU A 1087 6.72 6.69 5.49
C LEU A 1087 5.94 7.51 6.53
N TYR A 1088 5.11 8.41 6.03
CA TYR A 1088 4.26 9.26 6.87
C TYR A 1088 3.47 8.44 7.88
N ASP A 1089 2.78 7.43 7.40
CA ASP A 1089 1.96 6.56 8.26
C ASP A 1089 2.81 5.82 9.29
N ASN A 1090 3.85 5.14 8.82
CA ASN A 1090 4.69 4.38 9.72
C ASN A 1090 5.25 5.19 10.88
N GLN A 1091 5.64 6.43 10.60
CA GLN A 1091 6.29 7.24 11.62
C GLN A 1091 5.34 7.99 12.56
N SER A 1092 4.04 7.93 12.26
CA SER A 1092 3.05 8.61 13.10
C SER A 1092 2.80 7.91 14.45
N ASN A 1093 3.37 6.72 14.64
CA ASN A 1093 3.28 6.00 15.92
C ASN A 1093 1.84 5.73 16.36
N SER A 1094 1.07 5.05 15.51
CA SER A 1094 -0.37 4.93 15.71
C SER A 1094 -0.78 4.20 16.99
N GLY A 1095 0.18 3.64 17.71
CA GLY A 1095 -0.13 2.94 18.95
C GLY A 1095 -0.22 3.81 20.19
N ILE A 1096 0.11 5.08 20.05
CA ILE A 1096 0.09 6.02 21.17
C ILE A 1096 -0.78 7.22 20.84
N LEU A 1097 -1.62 7.65 21.77
CA LEU A 1097 -2.47 8.80 21.50
C LEU A 1097 -1.66 10.09 21.50
N LYS A 1098 -2.11 11.07 20.71
CA LYS A 1098 -1.41 12.33 20.58
C LYS A 1098 -2.26 13.48 21.10
N ASP A 1099 -1.62 14.55 21.55
CA ASP A 1099 -2.37 15.75 21.91
C ASP A 1099 -2.48 16.60 20.66
N PHE A 1100 -3.14 17.75 20.77
CA PHE A 1100 -3.34 18.64 19.63
C PHE A 1100 -2.03 18.97 18.92
N TRP A 1101 -0.96 19.16 19.70
CA TRP A 1101 0.31 19.60 19.15
C TRP A 1101 1.06 18.50 18.39
N GLY A 1102 0.67 17.25 18.63
CA GLY A 1102 1.33 16.12 18.00
C GLY A 1102 2.21 15.31 18.94
N ASP A 1103 2.36 15.80 20.17
CA ASP A 1103 3.08 15.07 21.22
C ASP A 1103 2.31 13.88 21.78
N TYR A 1104 3.01 12.96 22.43
CA TYR A 1104 2.35 11.87 23.12
C TYR A 1104 1.36 12.44 24.13
N LEU A 1105 0.12 11.95 24.08
CA LEU A 1105 -0.88 12.27 25.08
C LEU A 1105 -0.45 11.67 26.43
N GLN A 1106 -0.73 12.37 27.52
CA GLN A 1106 -0.20 11.96 28.83
C GLN A 1106 -1.25 11.93 29.94
N TYR A 1107 -0.98 11.09 30.93
CA TYR A 1107 -1.77 11.10 32.15
C TYR A 1107 -1.39 12.31 33.00
N ASP A 1108 -2.33 12.73 33.86
CA ASP A 1108 -2.07 13.77 34.86
C ASP A 1108 -1.65 15.11 34.25
N LYS A 1109 -1.99 15.33 32.99
CA LYS A 1109 -1.73 16.59 32.31
C LYS A 1109 -3.04 17.23 31.86
N PRO A 1110 -3.38 18.40 32.41
CA PRO A 1110 -4.63 19.08 32.00
C PRO A 1110 -4.64 19.50 30.53
N TYR A 1111 -5.77 19.27 29.86
CA TYR A 1111 -5.94 19.61 28.46
C TYR A 1111 -7.23 20.39 28.24
N TYR A 1112 -7.16 21.42 27.42
CA TYR A 1112 -8.38 22.07 26.94
C TYR A 1112 -8.92 21.22 25.81
N MET A 1113 -10.24 21.23 25.62
CA MET A 1113 -10.87 20.29 24.70
C MET A 1113 -11.38 20.92 23.41
N LEU A 1114 -11.34 20.16 22.33
CA LEU A 1114 -11.84 20.61 21.04
C LEU A 1114 -12.54 19.45 20.30
N ASN A 1115 -13.75 19.70 19.81
CA ASN A 1115 -14.46 18.67 19.05
C ASN A 1115 -14.30 18.86 17.54
N LEU A 1116 -13.70 17.86 16.90
CA LEU A 1116 -13.38 17.94 15.48
C LEU A 1116 -14.57 18.28 14.58
N TYR A 1117 -15.78 18.02 15.06
CA TYR A 1117 -16.98 18.31 14.29
C TYR A 1117 -17.26 19.82 14.25
N ASP A 1118 -17.10 20.48 15.39
CA ASP A 1118 -17.30 21.92 15.49
C ASP A 1118 -16.13 22.58 16.23
N PRO A 1119 -15.06 22.87 15.49
CA PRO A 1119 -13.82 23.35 16.11
C PRO A 1119 -14.02 24.70 16.80
N ASN A 1120 -15.01 25.47 16.37
CA ASN A 1120 -15.23 26.78 16.97
C ASN A 1120 -15.80 26.69 18.38
N LYS A 1121 -16.13 25.48 18.82
CA LYS A 1121 -16.74 25.28 20.12
C LYS A 1121 -15.75 24.72 21.14
N TYR A 1122 -15.94 25.10 22.40
CA TYR A 1122 -15.17 24.51 23.49
C TYR A 1122 -16.11 23.89 24.54
N VAL A 1123 -15.56 23.03 25.39
CA VAL A 1123 -16.36 22.34 26.39
C VAL A 1123 -16.55 23.19 27.64
N ASP A 1124 -17.76 23.23 28.16
CA ASP A 1124 -18.01 23.93 29.42
C ASP A 1124 -18.97 23.13 30.31
N VAL A 1125 -19.06 23.53 31.57
CA VAL A 1125 -19.94 22.86 32.51
C VAL A 1125 -21.03 23.80 32.95
N ASN A 1126 -22.26 23.46 32.59
CA ASN A 1126 -23.43 24.17 33.06
C ASN A 1126 -23.42 24.25 34.57
N ASN A 1127 -23.64 23.10 35.21
CA ASN A 1127 -23.55 22.97 36.66
C ASN A 1127 -22.72 21.76 37.02
N VAL A 1128 -22.03 21.84 38.16
CA VAL A 1128 -21.35 20.67 38.68
C VAL A 1128 -22.37 19.81 39.41
N GLY A 1129 -22.19 18.49 39.35
CA GLY A 1129 -23.13 17.58 39.97
C GLY A 1129 -23.97 16.77 39.00
N ILE A 1130 -24.68 15.78 39.54
CA ILE A 1130 -25.47 14.83 38.75
C ILE A 1130 -26.68 15.46 38.06
N ARG A 1131 -27.13 16.60 38.58
CA ARG A 1131 -28.26 17.33 37.98
C ARG A 1131 -27.81 18.32 36.92
N GLY A 1132 -26.50 18.49 36.81
CA GLY A 1132 -25.90 19.37 35.81
C GLY A 1132 -25.27 18.59 34.66
N TYR A 1133 -24.67 19.31 33.72
CA TYR A 1133 -24.17 18.68 32.50
C TYR A 1133 -23.02 19.47 31.87
N MET A 1134 -22.30 18.82 30.97
CA MET A 1134 -21.25 19.49 30.20
C MET A 1134 -21.77 19.71 28.79
N TYR A 1135 -21.35 20.80 28.17
CA TYR A 1135 -21.78 21.09 26.80
C TYR A 1135 -20.70 21.76 25.96
N LEU A 1136 -20.90 21.79 24.65
CA LEU A 1136 -20.05 22.55 23.76
C LEU A 1136 -20.55 23.99 23.68
N LYS A 1137 -19.69 24.94 24.01
CA LYS A 1137 -20.06 26.35 23.99
C LYS A 1137 -19.26 27.11 22.92
N GLY A 1138 -19.55 28.38 22.76
CA GLY A 1138 -18.87 29.22 21.78
C GLY A 1138 -19.43 30.63 21.78
N PRO A 1139 -18.83 31.52 20.95
CA PRO A 1139 -17.66 31.27 20.11
C PRO A 1139 -16.36 31.27 20.92
N ARG A 1140 -15.30 30.69 20.36
CA ARG A 1140 -14.03 30.59 21.07
C ARG A 1140 -13.42 31.96 21.38
N GLY A 1141 -13.69 32.94 20.54
CA GLY A 1141 -13.02 34.22 20.62
C GLY A 1141 -11.68 34.11 19.94
N SER A 1142 -10.93 35.21 19.91
CA SER A 1142 -9.67 35.20 19.18
C SER A 1142 -8.50 35.82 19.93
N VAL A 1143 -7.30 35.45 19.51
CA VAL A 1143 -6.07 36.02 20.02
C VAL A 1143 -5.32 36.61 18.84
N MET A 1144 -4.63 37.73 19.04
CA MET A 1144 -3.93 38.37 17.94
C MET A 1144 -2.73 39.20 18.34
N THR A 1145 -1.84 39.40 17.38
CA THR A 1145 -0.84 40.46 17.43
C THR A 1145 -0.89 41.04 16.04
N THR A 1146 -1.17 42.34 15.92
CA THR A 1146 -1.42 42.93 14.61
C THR A 1146 -0.29 42.64 13.62
N ASN A 1147 -0.68 42.30 12.39
CA ASN A 1147 0.27 42.02 11.30
C ASN A 1147 1.04 40.71 11.45
N ILE A 1148 0.87 40.03 12.57
CA ILE A 1148 1.63 38.80 12.83
C ILE A 1148 0.73 37.55 12.85
N TYR A 1149 -0.22 37.50 13.77
CA TYR A 1149 -1.18 36.41 13.81
C TYR A 1149 -2.57 36.84 14.23
N LEU A 1150 -3.58 36.15 13.72
CA LEU A 1150 -4.95 36.26 14.20
C LEU A 1150 -5.57 34.87 14.28
N ASN A 1151 -5.89 34.41 15.50
CA ASN A 1151 -6.27 33.02 15.71
C ASN A 1151 -7.45 32.86 16.64
N SER A 1152 -8.06 31.69 16.61
CA SER A 1152 -9.07 31.34 17.60
C SER A 1152 -8.36 30.92 18.88
N SER A 1153 -8.73 31.54 19.99
CA SER A 1153 -8.18 31.18 21.30
C SER A 1153 -8.38 29.68 21.60
N LEU A 1154 -7.29 28.99 21.90
CA LEU A 1154 -7.36 27.55 22.19
C LEU A 1154 -7.48 27.19 23.66
N TYR A 1155 -7.24 28.14 24.56
CA TYR A 1155 -7.19 27.84 25.99
C TYR A 1155 -8.51 28.10 26.70
N ARG A 1156 -9.55 28.45 25.95
CA ARG A 1156 -10.87 28.70 26.53
C ARG A 1156 -11.61 27.39 26.76
N GLY A 1157 -12.05 27.16 28.00
CA GLY A 1157 -12.91 26.02 28.29
C GLY A 1157 -12.73 25.35 29.65
N ALA A 1158 -13.39 24.22 29.83
CA ALA A 1158 -13.13 23.33 30.94
C ALA A 1158 -11.99 22.39 30.56
N LYS A 1159 -11.20 21.99 31.55
CA LYS A 1159 -10.04 21.15 31.28
C LYS A 1159 -10.25 19.68 31.68
N PHE A 1160 -9.86 18.78 30.79
CA PHE A 1160 -9.86 17.35 31.07
C PHE A 1160 -8.50 16.87 31.56
N ILE A 1161 -8.48 16.00 32.57
CA ILE A 1161 -7.25 15.35 32.99
C ILE A 1161 -7.44 13.85 32.94
N ILE A 1162 -6.54 13.14 32.26
CA ILE A 1162 -6.62 11.70 32.16
C ILE A 1162 -5.85 11.03 33.29
N LYS A 1163 -6.55 10.22 34.09
CA LYS A 1163 -5.98 9.54 35.26
C LYS A 1163 -5.85 8.04 35.02
N LYS A 1164 -4.78 7.45 35.55
CA LYS A 1164 -4.59 6.00 35.44
C LYS A 1164 -5.67 5.19 36.18
N TYR A 1165 -6.18 4.17 35.53
CA TYR A 1165 -7.13 3.25 36.15
C TYR A 1165 -6.62 1.82 36.09
N ALA A 1166 -6.45 1.31 34.88
CA ALA A 1166 -5.94 -0.05 34.68
C ALA A 1166 -4.44 -0.11 34.33
N SER A 1167 -3.79 1.05 34.19
CA SER A 1167 -2.43 1.10 33.64
C SER A 1167 -1.43 0.17 34.31
N GLY A 1168 -0.72 -0.60 33.48
CA GLY A 1168 0.19 -1.62 33.96
C GLY A 1168 1.66 -1.21 34.04
N ASN A 1169 1.92 0.09 33.97
CA ASN A 1169 3.25 0.63 34.24
C ASN A 1169 3.16 2.09 34.61
N LYS A 1170 4.30 2.70 34.78
CA LYS A 1170 4.39 4.13 35.07
C LYS A 1170 5.30 4.84 34.08
N ASP A 1171 4.71 5.33 32.99
CA ASP A 1171 5.46 6.17 32.08
C ASP A 1171 4.59 7.34 31.62
N ASN A 1172 3.42 7.47 32.23
CA ASN A 1172 2.54 8.62 31.97
C ASN A 1172 2.20 8.85 30.50
N ILE A 1173 2.46 7.84 29.69
CA ILE A 1173 2.07 7.95 28.28
C ILE A 1173 0.75 7.22 28.09
N VAL A 1174 -0.16 7.80 27.29
CA VAL A 1174 -1.44 7.14 27.06
C VAL A 1174 -1.42 6.32 25.76
N ARG A 1175 -1.39 5.01 25.93
CA ARG A 1175 -1.41 4.06 24.81
C ARG A 1175 -2.84 3.78 24.31
N ASN A 1176 -2.95 3.36 23.05
CA ASN A 1176 -4.22 2.88 22.54
C ASN A 1176 -4.79 1.78 23.42
N ASN A 1177 -6.09 1.83 23.66
CA ASN A 1177 -6.78 0.84 24.49
C ASN A 1177 -6.42 0.82 25.97
N ASP A 1178 -5.93 1.96 26.48
CA ASP A 1178 -5.75 2.12 27.91
C ASP A 1178 -7.11 2.34 28.55
N ARG A 1179 -7.32 1.80 29.74
CA ARG A 1179 -8.56 2.04 30.47
C ARG A 1179 -8.31 3.09 31.55
N VAL A 1180 -9.09 4.17 31.49
CA VAL A 1180 -8.80 5.36 32.29
C VAL A 1180 -10.02 6.01 32.92
N TYR A 1181 -9.76 6.93 33.85
CA TYR A 1181 -10.77 7.86 34.36
C TYR A 1181 -10.49 9.21 33.73
N ILE A 1182 -11.52 10.01 33.50
CA ILE A 1182 -11.30 11.40 33.09
C ILE A 1182 -11.79 12.37 34.15
N ASN A 1183 -10.91 13.27 34.57
CA ASN A 1183 -11.26 14.28 35.55
C ASN A 1183 -11.50 15.61 34.87
N VAL A 1184 -12.42 16.39 35.42
CA VAL A 1184 -12.77 17.68 34.82
C VAL A 1184 -12.43 18.85 35.75
N VAL A 1185 -11.67 19.81 35.23
CA VAL A 1185 -11.27 20.98 36.00
C VAL A 1185 -12.26 22.12 35.83
N VAL A 1186 -12.96 22.47 36.90
CA VAL A 1186 -13.96 23.51 36.87
C VAL A 1186 -13.68 24.50 37.99
N LYS A 1187 -13.41 25.75 37.62
CA LYS A 1187 -13.01 26.75 38.61
C LYS A 1187 -11.87 26.18 39.44
N ASN A 1188 -10.88 25.60 38.75
CA ASN A 1188 -9.68 25.07 39.38
C ASN A 1188 -9.94 24.05 40.50
N LYS A 1189 -10.92 23.18 40.29
CA LYS A 1189 -11.15 22.03 41.17
C LYS A 1189 -11.40 20.78 40.33
N GLU A 1190 -11.05 19.62 40.87
CA GLU A 1190 -11.15 18.39 40.10
C GLU A 1190 -12.44 17.59 40.37
N TYR A 1191 -13.09 17.16 39.30
CA TYR A 1191 -14.29 16.35 39.39
C TYR A 1191 -14.16 15.10 38.53
N ARG A 1192 -15.17 14.24 38.56
CA ARG A 1192 -15.13 12.99 37.80
C ARG A 1192 -16.16 12.95 36.69
N LEU A 1193 -15.69 12.70 35.47
CA LEU A 1193 -16.56 12.55 34.32
C LEU A 1193 -17.33 11.25 34.49
N ALA A 1194 -18.66 11.34 34.46
CA ALA A 1194 -19.49 10.17 34.67
C ALA A 1194 -20.88 10.35 34.11
N THR A 1195 -21.61 9.25 33.94
CA THR A 1195 -23.01 9.30 33.59
C THR A 1195 -23.77 8.20 34.29
N ASN A 1196 -25.09 8.37 34.36
CA ASN A 1196 -25.96 7.27 34.76
C ASN A 1196 -26.59 6.74 33.49
N ALA A 1197 -26.13 5.57 33.05
CA ALA A 1197 -26.54 5.02 31.76
C ALA A 1197 -27.98 4.50 31.77
N SER A 1198 -28.61 4.51 32.95
CA SER A 1198 -29.97 4.01 33.09
C SER A 1198 -31.01 5.02 32.57
N GLN A 1199 -30.58 6.26 32.36
CA GLN A 1199 -31.48 7.30 31.85
C GLN A 1199 -32.06 6.91 30.50
N ALA A 1200 -33.30 7.30 30.25
CA ALA A 1200 -33.98 6.94 29.01
C ALA A 1200 -33.26 7.52 27.81
N GLY A 1201 -33.25 6.77 26.71
CA GLY A 1201 -32.62 7.25 25.48
C GLY A 1201 -31.19 6.77 25.30
N VAL A 1202 -30.78 6.56 24.07
CA VAL A 1202 -29.46 6.00 23.78
C VAL A 1202 -28.32 7.01 23.99
N GLU A 1203 -28.65 8.30 24.00
CA GLU A 1203 -27.65 9.32 24.26
C GLU A 1203 -27.61 9.61 25.76
N LYS A 1204 -26.53 9.19 26.40
CA LYS A 1204 -26.37 9.35 27.85
C LYS A 1204 -25.66 10.65 28.14
N ILE A 1205 -26.35 11.55 28.86
CA ILE A 1205 -25.83 12.89 29.08
C ILE A 1205 -24.76 12.92 30.17
N LEU A 1206 -23.57 13.39 29.80
CA LEU A 1206 -22.41 13.35 30.69
C LEU A 1206 -22.44 14.45 31.75
N SER A 1207 -22.00 14.12 32.95
CA SER A 1207 -21.92 15.07 34.05
C SER A 1207 -20.52 15.10 34.66
N ALA A 1208 -20.23 16.18 35.37
CA ALA A 1208 -19.02 16.26 36.18
C ALA A 1208 -19.41 16.14 37.66
N LEU A 1209 -18.91 15.10 38.31
CA LEU A 1209 -19.37 14.76 39.66
C LEU A 1209 -18.28 14.94 40.70
N GLU A 1210 -18.71 15.15 41.94
CA GLU A 1210 -17.79 15.08 43.06
C GLU A 1210 -17.09 13.74 43.00
N ILE A 1211 -15.76 13.75 43.09
CA ILE A 1211 -15.00 12.51 42.96
C ILE A 1211 -15.40 11.42 43.96
N PRO A 1212 -15.71 11.81 45.21
CA PRO A 1212 -16.20 10.83 46.19
C PRO A 1212 -17.61 10.30 45.90
N ASP A 1213 -18.43 11.07 45.18
CA ASP A 1213 -19.84 10.74 44.99
C ASP A 1213 -20.18 9.94 43.72
N VAL A 1214 -19.16 9.51 42.97
CA VAL A 1214 -19.40 8.81 41.70
C VAL A 1214 -20.13 7.48 41.90
N GLY A 1215 -19.94 6.84 43.04
CA GLY A 1215 -20.65 5.61 43.36
C GLY A 1215 -20.52 4.56 42.28
N ASN A 1216 -21.65 4.03 41.83
CA ASN A 1216 -21.69 2.98 40.82
C ASN A 1216 -21.86 3.48 39.37
N LEU A 1217 -21.82 4.79 39.19
CA LEU A 1217 -22.03 5.39 37.86
C LEU A 1217 -20.98 4.94 36.84
N SER A 1218 -21.31 5.07 35.56
CA SER A 1218 -20.39 4.72 34.49
C SER A 1218 -19.29 5.76 34.35
N GLN A 1219 -18.05 5.33 34.54
CA GLN A 1219 -16.89 6.22 34.56
C GLN A 1219 -15.76 5.75 33.66
N VAL A 1220 -15.33 4.50 33.82
CA VAL A 1220 -14.22 3.96 33.06
C VAL A 1220 -14.31 4.26 31.56
N VAL A 1221 -13.24 4.82 31.00
CA VAL A 1221 -13.19 5.22 29.60
C VAL A 1221 -12.05 4.53 28.86
N VAL A 1222 -12.35 3.95 27.70
CA VAL A 1222 -11.31 3.29 26.91
C VAL A 1222 -10.83 4.20 25.81
N MET A 1223 -9.54 4.53 25.84
CA MET A 1223 -8.92 5.52 24.97
C MET A 1223 -8.49 4.93 23.62
N LYS A 1224 -8.87 5.59 22.52
CA LYS A 1224 -8.56 5.08 21.18
C LYS A 1224 -7.79 6.09 20.34
N SER A 1225 -6.88 5.57 19.51
CA SER A 1225 -6.09 6.43 18.63
C SER A 1225 -6.40 6.14 17.16
N LYS A 1226 -6.86 7.16 16.45
CA LYS A 1226 -7.28 7.02 15.05
C LYS A 1226 -6.42 7.88 14.11
N ASN A 1227 -6.33 7.45 12.85
CA ASN A 1227 -5.61 8.21 11.83
C ASN A 1227 -6.42 9.39 11.31
N ASP A 1228 -5.76 10.53 11.15
CA ASP A 1228 -6.41 11.71 10.59
C ASP A 1228 -5.60 12.29 9.43
N GLN A 1229 -6.29 12.85 8.45
CA GLN A 1229 -5.64 13.46 7.29
C GLN A 1229 -5.15 14.87 7.63
N GLY A 1230 -3.86 15.11 7.41
CA GLY A 1230 -3.27 16.43 7.60
C GLY A 1230 -3.25 16.89 9.05
N ILE A 1231 -3.69 16.03 9.96
CA ILE A 1231 -3.63 16.28 11.40
C ILE A 1231 -3.01 15.05 12.09
N THR A 1232 -3.66 13.91 11.91
CA THR A 1232 -3.29 12.61 12.52
C THR A 1232 -3.48 12.61 14.04
N ASN A 1233 -4.29 13.54 14.53
CA ASN A 1233 -4.49 13.69 15.95
C ASN A 1233 -5.77 13.11 16.55
N LYS A 1234 -6.57 12.43 15.73
CA LYS A 1234 -7.89 11.95 16.16
C LYS A 1234 -7.82 11.13 17.44
N CYS A 1235 -8.59 11.53 18.45
CA CYS A 1235 -8.73 10.75 19.68
C CYS A 1235 -10.18 10.38 19.92
N LYS A 1236 -10.40 9.14 20.37
CA LYS A 1236 -11.74 8.66 20.68
C LYS A 1236 -11.81 8.19 22.13
N MET A 1237 -13.00 8.28 22.74
CA MET A 1237 -13.19 7.78 24.09
C MET A 1237 -14.46 6.93 24.21
N ASN A 1238 -14.28 5.64 24.48
CA ASN A 1238 -15.43 4.75 24.58
C ASN A 1238 -15.77 4.47 26.05
N LEU A 1239 -16.90 5.02 26.50
CA LEU A 1239 -17.30 4.92 27.90
C LEU A 1239 -17.91 3.56 28.22
N GLN A 1240 -17.54 3.00 29.36
CA GLN A 1240 -18.00 1.67 29.75
C GLN A 1240 -18.54 1.63 31.18
N ASP A 1241 -19.57 0.82 31.43
CA ASP A 1241 -20.02 0.61 32.79
C ASP A 1241 -19.10 -0.37 33.53
N ASN A 1242 -19.44 -0.73 34.76
CA ASN A 1242 -18.55 -1.55 35.56
C ASN A 1242 -18.71 -3.05 35.34
N ASN A 1243 -19.61 -3.43 34.44
CA ASN A 1243 -19.75 -4.82 34.03
C ASN A 1243 -19.05 -5.12 32.70
N GLY A 1244 -18.37 -4.12 32.16
CA GLY A 1244 -17.65 -4.27 30.91
C GLY A 1244 -18.47 -3.85 29.70
N ASN A 1245 -19.74 -3.53 29.90
CA ASN A 1245 -20.62 -3.15 28.80
C ASN A 1245 -20.25 -1.80 28.19
N ASP A 1246 -20.70 -1.59 26.96
CA ASP A 1246 -20.46 -0.33 26.25
C ASP A 1246 -21.60 0.65 26.47
N ILE A 1247 -21.28 1.83 26.98
CA ILE A 1247 -22.23 2.92 27.03
C ILE A 1247 -22.11 3.81 25.77
N GLY A 1248 -21.07 3.57 24.98
CA GLY A 1248 -20.85 4.30 23.74
C GLY A 1248 -19.69 5.29 23.81
N PHE A 1249 -19.29 5.80 22.64
CA PHE A 1249 -18.23 6.81 22.56
C PHE A 1249 -18.73 8.16 23.05
N ILE A 1250 -17.80 8.97 23.58
CA ILE A 1250 -18.12 10.33 23.99
C ILE A 1250 -18.19 11.26 22.78
N GLY A 1251 -19.24 12.07 22.76
CA GLY A 1251 -19.66 12.83 21.61
C GLY A 1251 -20.62 13.88 22.13
N PHE A 1252 -21.43 14.47 21.25
CA PHE A 1252 -22.40 15.45 21.70
C PHE A 1252 -23.74 15.29 21.00
N HIS A 1253 -24.80 15.79 21.64
CA HIS A 1253 -26.14 15.75 21.04
C HIS A 1253 -26.95 17.00 21.37
N GLN A 1254 -27.73 17.46 20.40
CA GLN A 1254 -28.57 18.66 20.60
C GLN A 1254 -29.80 18.35 21.46
N PHE A 1255 -29.92 19.04 22.58
CA PHE A 1255 -31.10 18.99 23.45
C PHE A 1255 -31.60 20.42 23.60
N ASN A 1256 -32.79 20.68 23.08
CA ASN A 1256 -33.20 22.07 22.86
C ASN A 1256 -32.11 22.70 21.99
N ASN A 1257 -31.62 23.87 22.37
CA ASN A 1257 -30.51 24.45 21.63
C ASN A 1257 -29.13 24.17 22.23
N ILE A 1258 -29.10 23.37 23.29
CA ILE A 1258 -27.86 23.03 23.98
C ILE A 1258 -27.20 21.82 23.35
N ALA A 1259 -25.88 21.87 23.19
CA ALA A 1259 -25.15 20.70 22.73
C ALA A 1259 -24.46 20.05 23.92
N LYS A 1260 -25.02 18.93 24.39
CA LYS A 1260 -24.56 18.31 25.61
C LYS A 1260 -23.64 17.13 25.31
N LEU A 1261 -22.56 17.03 26.07
CA LEU A 1261 -21.65 15.90 25.90
C LEU A 1261 -22.39 14.62 26.26
N VAL A 1262 -22.23 13.63 25.39
CA VAL A 1262 -22.99 12.39 25.47
C VAL A 1262 -22.12 11.16 25.20
N ALA A 1263 -22.40 10.07 25.90
CA ALA A 1263 -21.89 8.77 25.48
C ALA A 1263 -23.05 8.07 24.77
N SER A 1264 -22.84 7.73 23.49
CA SER A 1264 -23.91 7.14 22.69
C SER A 1264 -23.41 5.98 21.86
N ASN A 1265 -24.03 4.82 22.04
CA ASN A 1265 -23.66 3.64 21.29
C ASN A 1265 -23.95 3.75 19.80
N TRP A 1266 -24.62 4.82 19.39
CA TRP A 1266 -24.86 5.04 17.97
C TRP A 1266 -23.53 5.18 17.20
N TYR A 1267 -22.51 5.63 17.91
CA TYR A 1267 -21.18 5.76 17.31
C TYR A 1267 -20.59 4.39 17.03
N ASN A 1268 -20.71 3.49 18.00
CA ASN A 1268 -20.13 2.16 17.88
C ASN A 1268 -20.73 1.35 16.74
N ARG A 1269 -21.83 1.84 16.15
CA ARG A 1269 -22.50 1.18 15.03
C ARG A 1269 -22.00 1.69 13.68
N GLN A 1270 -21.01 2.57 13.72
CA GLN A 1270 -20.60 3.30 12.55
C GLN A 1270 -19.23 2.83 12.08
N ILE A 1271 -18.95 2.96 10.79
CA ILE A 1271 -17.66 2.51 10.31
C ILE A 1271 -16.66 3.64 10.38
N GLU A 1272 -15.74 3.52 11.35
CA GLU A 1272 -14.46 4.21 11.29
C GLU A 1272 -14.56 5.66 10.80
N ARG A 1273 -13.85 5.94 9.70
CA ARG A 1273 -13.95 7.26 9.11
C ARG A 1273 -15.23 7.34 8.27
N SER A 1274 -16.13 8.22 8.70
CA SER A 1274 -17.37 8.51 7.99
C SER A 1274 -17.55 10.00 7.88
N SER A 1275 -17.58 10.45 6.64
CA SER A 1275 -17.30 11.84 6.25
C SER A 1275 -15.92 12.23 6.78
N ARG A 1276 -15.73 13.52 7.07
CA ARG A 1276 -14.63 13.97 7.93
C ARG A 1276 -15.17 14.45 9.27
N THR A 1277 -16.50 14.45 9.35
CA THR A 1277 -17.23 15.10 10.42
C THR A 1277 -17.84 14.01 11.29
N LEU A 1278 -17.29 13.85 12.49
CA LEU A 1278 -17.64 12.70 13.32
C LEU A 1278 -18.55 13.06 14.49
N GLY A 1279 -18.02 13.87 15.40
CA GLY A 1279 -18.74 14.28 16.59
C GLY A 1279 -18.23 13.50 17.78
N CYS A 1280 -17.70 12.31 17.52
CA CYS A 1280 -17.01 11.54 18.56
C CYS A 1280 -15.47 11.61 18.50
N SER A 1281 -14.94 12.43 17.61
CA SER A 1281 -13.49 12.63 17.52
C SER A 1281 -13.04 13.89 18.27
N TRP A 1282 -12.03 13.77 19.14
CA TRP A 1282 -11.60 14.88 19.99
C TRP A 1282 -10.11 15.28 19.85
N GLU A 1283 -9.78 16.49 20.33
CA GLU A 1283 -8.39 16.95 20.43
C GLU A 1283 -8.12 17.40 21.87
N PHE A 1284 -6.92 17.08 22.37
CA PHE A 1284 -6.53 17.49 23.71
C PHE A 1284 -5.45 18.55 23.63
N ILE A 1285 -5.77 19.78 24.02
CA ILE A 1285 -4.82 20.87 23.91
C ILE A 1285 -4.22 21.27 25.26
N PRO A 1286 -2.94 20.90 25.47
CA PRO A 1286 -2.14 21.33 26.63
C PRO A 1286 -1.57 22.72 26.41
N VAL A 1287 -1.33 23.45 27.49
CA VAL A 1287 -0.66 24.73 27.36
C VAL A 1287 0.76 24.47 26.88
N ASP A 1288 1.17 25.20 25.85
CA ASP A 1288 2.46 25.00 25.20
C ASP A 1288 3.18 26.33 24.95
N ASP A 1289 4.47 26.37 25.26
CA ASP A 1289 5.26 27.57 25.08
C ASP A 1289 5.23 28.08 23.63
N GLY A 1290 4.97 27.16 22.70
CA GLY A 1290 4.97 27.50 21.28
C GLY A 1290 3.74 28.23 20.81
N TRP A 1291 2.69 28.22 21.63
CA TRP A 1291 1.44 28.90 21.32
C TRP A 1291 1.22 30.08 22.26
N GLY A 1292 1.10 29.80 23.55
CA GLY A 1292 1.27 30.83 24.56
C GLY A 1292 0.35 32.05 24.53
N GLU A 1293 -0.95 31.83 24.63
CA GLU A 1293 -1.86 32.92 24.96
C GLU A 1293 -2.00 32.99 26.48
N ARG A 1294 -2.85 33.89 26.97
CA ARG A 1294 -3.04 34.05 28.42
C ARG A 1294 -4.22 33.24 28.96
N PRO A 1295 -3.93 32.17 29.72
CA PRO A 1295 -4.99 31.35 30.30
C PRO A 1295 -5.84 32.14 31.31
N MET B 3 -41.72 17.85 10.88
CA MET B 3 -41.96 17.89 12.31
C MET B 3 -43.26 18.62 12.61
N ASN B 4 -43.24 19.59 13.52
CA ASN B 4 -44.47 20.32 13.89
C ASN B 4 -44.89 21.37 12.86
N ILE B 5 -44.63 21.07 11.59
CA ILE B 5 -45.24 21.79 10.48
C ILE B 5 -46.69 21.33 10.41
N ASN B 6 -47.57 22.24 10.02
CA ASN B 6 -48.99 21.88 10.11
C ASN B 6 -49.39 20.78 9.12
N ASP B 7 -49.87 19.66 9.66
CA ASP B 7 -50.17 18.45 8.89
C ASP B 7 -51.66 18.27 8.59
N ASN B 8 -52.48 19.20 9.08
CA ASN B 8 -53.92 19.00 9.18
C ASN B 8 -54.69 19.37 7.91
N LEU B 9 -53.98 19.64 6.83
CA LEU B 9 -54.58 20.22 5.63
C LEU B 9 -54.74 19.29 4.41
N SER B 10 -55.81 19.53 3.65
CA SER B 10 -55.99 18.94 2.33
C SER B 10 -56.59 20.01 1.40
N ILE B 11 -56.58 19.75 0.10
CA ILE B 11 -57.10 20.73 -0.85
C ILE B 11 -58.59 21.04 -0.62
N ASN B 12 -59.30 20.10 -0.01
CA ASN B 12 -60.72 20.31 0.29
C ASN B 12 -60.99 20.87 1.69
N SER B 13 -59.94 21.16 2.44
CA SER B 13 -60.11 21.80 3.74
C SER B 13 -60.91 23.07 3.60
N PRO B 14 -61.92 23.25 4.46
CA PRO B 14 -62.75 24.45 4.37
C PRO B 14 -61.95 25.70 4.72
N VAL B 15 -62.40 26.86 4.25
CA VAL B 15 -61.79 28.12 4.65
C VAL B 15 -62.17 28.40 6.10
N ASP B 16 -61.19 28.50 6.98
CA ASP B 16 -61.42 28.91 8.36
C ASP B 16 -61.02 30.34 8.68
N ASN B 17 -60.47 31.04 7.70
CA ASN B 17 -59.87 32.35 7.93
C ASN B 17 -58.72 32.39 8.93
N LYS B 18 -58.08 31.25 9.16
CA LYS B 18 -56.91 31.20 10.04
C LYS B 18 -55.74 30.44 9.39
N ASN B 19 -55.88 29.13 9.21
CA ASN B 19 -54.92 28.35 8.44
C ASN B 19 -55.29 28.06 6.98
N VAL B 20 -56.51 28.39 6.58
CA VAL B 20 -56.93 28.22 5.20
C VAL B 20 -57.72 29.44 4.75
N VAL B 21 -57.18 30.14 3.76
CA VAL B 21 -57.78 31.39 3.32
C VAL B 21 -57.91 31.44 1.80
N VAL B 22 -58.71 32.37 1.32
CA VAL B 22 -58.79 32.67 -0.09
C VAL B 22 -58.39 34.12 -0.26
N VAL B 23 -57.23 34.34 -0.87
CA VAL B 23 -56.59 35.67 -0.86
C VAL B 23 -56.31 36.26 -2.25
N ARG B 24 -56.19 37.58 -2.30
CA ARG B 24 -55.96 38.30 -3.54
C ARG B 24 -54.49 38.25 -3.92
N ALA B 25 -54.22 38.08 -5.21
CA ALA B 25 -52.85 38.07 -5.71
C ALA B 25 -52.40 39.47 -6.13
N ARG B 26 -51.47 40.03 -5.36
CA ARG B 26 -51.07 41.42 -5.55
C ARG B 26 -52.30 42.33 -5.65
N LYS B 27 -52.31 43.25 -6.60
CA LYS B 27 -53.47 44.12 -6.79
C LYS B 27 -54.42 43.62 -7.88
N THR B 28 -54.18 42.43 -8.41
CA THR B 28 -54.97 41.93 -9.53
C THR B 28 -56.41 41.54 -9.16
N ASP B 29 -57.19 41.15 -10.16
CA ASP B 29 -58.58 40.73 -9.96
C ASP B 29 -58.64 39.28 -9.55
N THR B 30 -57.46 38.70 -9.36
CA THR B 30 -57.29 37.27 -9.22
C THR B 30 -57.14 36.86 -7.77
N VAL B 31 -57.66 35.70 -7.45
CA VAL B 31 -57.73 35.22 -6.09
C VAL B 31 -57.22 33.77 -6.03
N PHE B 32 -56.70 33.35 -4.90
CA PHE B 32 -56.19 31.98 -4.78
C PHE B 32 -56.27 31.44 -3.36
N LYS B 33 -56.27 30.11 -3.24
CA LYS B 33 -56.40 29.48 -1.93
C LYS B 33 -55.02 29.22 -1.37
N ALA B 34 -54.84 29.51 -0.09
CA ALA B 34 -53.54 29.34 0.57
C ALA B 34 -53.67 28.63 1.92
N PHE B 35 -52.70 27.79 2.25
CA PHE B 35 -52.72 27.02 3.48
C PHE B 35 -51.50 27.37 4.32
N LYS B 36 -51.72 27.64 5.61
CA LYS B 36 -50.63 28.04 6.49
C LYS B 36 -50.01 26.81 7.16
N VAL B 37 -48.78 26.49 6.76
CA VAL B 37 -48.08 25.31 7.29
C VAL B 37 -47.19 25.64 8.48
N ALA B 38 -47.01 26.93 8.75
CA ALA B 38 -46.11 27.39 9.81
C ALA B 38 -46.25 28.90 9.90
N PRO B 39 -45.89 29.48 11.06
CA PRO B 39 -46.20 30.90 11.23
C PRO B 39 -45.56 31.72 10.13
N ASN B 40 -46.36 32.55 9.45
CA ASN B 40 -45.84 33.42 8.39
C ASN B 40 -45.43 32.70 7.11
N ILE B 41 -45.58 31.37 7.10
CA ILE B 41 -45.25 30.56 5.93
C ILE B 41 -46.46 29.83 5.32
N TRP B 42 -46.81 30.19 4.09
CA TRP B 42 -47.98 29.62 3.39
C TRP B 42 -47.62 28.80 2.15
N VAL B 43 -48.46 27.82 1.83
CA VAL B 43 -48.37 27.08 0.58
C VAL B 43 -49.65 27.30 -0.23
N ALA B 44 -49.47 27.68 -1.49
CA ALA B 44 -50.61 27.93 -2.38
C ALA B 44 -50.53 26.98 -3.56
N PRO B 45 -51.12 25.78 -3.41
CA PRO B 45 -50.95 24.65 -4.34
C PRO B 45 -51.58 24.82 -5.71
N GLU B 46 -51.22 25.89 -6.43
CA GLU B 46 -51.61 26.04 -7.83
C GLU B 46 -50.47 26.64 -8.62
N ARG B 47 -50.67 26.78 -9.92
CA ARG B 47 -49.70 27.45 -10.76
C ARG B 47 -49.53 28.89 -10.30
N TYR B 48 -48.33 29.44 -10.41
CA TYR B 48 -48.14 30.85 -10.11
C TYR B 48 -49.10 31.67 -10.96
N TYR B 49 -49.75 32.65 -10.35
CA TYR B 49 -50.80 33.44 -11.00
C TYR B 49 -50.22 34.43 -12.00
N GLY B 50 -48.98 34.85 -11.77
CA GLY B 50 -48.39 35.99 -12.44
C GLY B 50 -47.91 35.77 -13.86
N GLU B 51 -47.80 34.51 -14.26
CA GLU B 51 -47.28 34.17 -15.57
C GLU B 51 -48.31 33.42 -16.35
N SER B 52 -48.53 33.79 -17.61
CA SER B 52 -49.45 33.08 -18.48
C SER B 52 -48.96 31.65 -18.64
N LEU B 53 -49.88 30.69 -18.66
CA LEU B 53 -49.54 29.28 -18.78
C LEU B 53 -49.29 28.88 -20.23
N SER B 54 -49.94 29.58 -21.15
CA SER B 54 -49.69 29.36 -22.57
C SER B 54 -48.89 30.53 -23.12
N ILE B 55 -47.69 30.25 -23.61
CA ILE B 55 -46.86 31.31 -24.15
C ILE B 55 -46.47 31.05 -25.61
N ASP B 56 -46.14 32.11 -26.33
CA ASP B 56 -45.73 32.00 -27.73
C ASP B 56 -44.51 31.10 -27.87
N GLU B 57 -44.43 30.39 -29.00
CA GLU B 57 -43.33 29.48 -29.23
C GLU B 57 -41.98 30.20 -29.16
N GLU B 58 -41.97 31.45 -29.60
CA GLU B 58 -40.73 32.22 -29.64
C GLU B 58 -40.17 32.47 -28.24
N TYR B 59 -41.03 32.47 -27.23
CA TYR B 59 -40.61 32.80 -25.87
C TYR B 59 -40.31 31.59 -24.97
N LYS B 60 -40.49 30.38 -25.49
CA LYS B 60 -40.20 29.18 -24.72
C LYS B 60 -38.70 28.95 -24.61
N VAL B 61 -38.21 28.87 -23.38
CA VAL B 61 -36.79 28.72 -23.13
C VAL B 61 -36.27 27.29 -23.31
N ASP B 62 -35.00 27.15 -23.68
CA ASP B 62 -34.39 25.84 -23.86
C ASP B 62 -34.46 25.03 -22.57
N GLY B 63 -34.80 23.75 -22.71
CA GLY B 63 -34.85 22.86 -21.57
C GLY B 63 -36.14 22.97 -20.77
N GLY B 64 -37.03 23.83 -21.21
CA GLY B 64 -38.29 24.01 -20.51
C GLY B 64 -39.35 23.00 -20.90
N ILE B 65 -40.27 22.74 -19.97
CA ILE B 65 -41.45 21.94 -20.26
C ILE B 65 -42.70 22.78 -20.01
N TYR B 66 -43.52 22.94 -21.05
CA TYR B 66 -44.70 23.78 -20.93
C TYR B 66 -46.01 22.98 -21.02
N ASP B 67 -46.76 22.95 -19.93
CA ASP B 67 -48.07 22.28 -19.88
C ASP B 67 -49.12 23.14 -19.17
N SER B 68 -50.14 23.59 -19.89
CA SER B 68 -51.13 24.47 -19.29
C SER B 68 -52.11 23.71 -18.39
N ASN B 69 -52.23 22.41 -18.61
CA ASN B 69 -53.14 21.58 -17.83
C ASN B 69 -52.48 20.89 -16.63
N PHE B 70 -51.21 21.21 -16.37
CA PHE B 70 -50.50 20.70 -15.21
C PHE B 70 -50.91 21.45 -13.94
N LEU B 71 -51.24 20.71 -12.88
CA LEU B 71 -51.77 21.29 -11.64
C LEU B 71 -53.14 21.95 -11.82
N SER B 72 -53.93 21.50 -12.81
CA SER B 72 -55.31 21.96 -13.00
C SER B 72 -56.35 21.24 -12.14
N GLN B 73 -56.15 19.93 -11.97
CA GLN B 73 -57.07 19.08 -11.23
C GLN B 73 -56.87 19.11 -9.71
N ASP B 74 -57.96 18.90 -8.98
CA ASP B 74 -57.94 18.88 -7.53
C ASP B 74 -57.03 17.77 -7.01
N SER B 75 -57.06 16.63 -7.67
CA SER B 75 -56.18 15.52 -7.30
C SER B 75 -54.71 15.94 -7.33
N GLU B 76 -54.32 16.63 -8.40
CA GLU B 76 -52.95 17.10 -8.55
C GLU B 76 -52.63 18.12 -7.48
N LYS B 77 -53.57 19.04 -7.23
CA LYS B 77 -53.34 20.11 -6.27
C LYS B 77 -53.07 19.58 -4.88
N ASP B 78 -53.84 18.58 -4.47
CA ASP B 78 -53.64 17.98 -3.15
C ASP B 78 -52.27 17.29 -3.09
N LYS B 79 -51.99 16.46 -4.08
CA LYS B 79 -50.70 15.79 -4.16
C LYS B 79 -49.57 16.81 -4.01
N PHE B 80 -49.74 17.96 -4.66
CA PHE B 80 -48.78 19.05 -4.52
C PHE B 80 -48.69 19.50 -3.07
N LEU B 81 -49.83 19.91 -2.51
CA LEU B 81 -49.87 20.44 -1.15
C LEU B 81 -49.24 19.48 -0.14
N GLN B 82 -49.52 18.19 -0.30
CA GLN B 82 -48.95 17.19 0.58
C GLN B 82 -47.45 17.05 0.33
N ALA B 83 -47.04 17.14 -0.93
CA ALA B 83 -45.63 17.01 -1.30
C ALA B 83 -44.79 18.10 -0.62
N ILE B 84 -45.23 19.35 -0.75
CA ILE B 84 -44.52 20.45 -0.10
C ILE B 84 -44.49 20.26 1.42
N ILE B 85 -45.65 19.98 2.01
CA ILE B 85 -45.73 19.69 3.44
C ILE B 85 -44.73 18.60 3.81
N THR B 86 -44.59 17.59 2.95
CA THR B 86 -43.64 16.51 3.18
C THR B 86 -42.20 17.02 3.17
N LEU B 87 -41.88 17.89 2.21
CA LEU B 87 -40.53 18.42 2.08
C LEU B 87 -40.16 19.36 3.23
N LEU B 88 -41.10 20.22 3.62
CA LEU B 88 -40.91 21.11 4.75
C LEU B 88 -40.71 20.30 6.02
N LYS B 89 -41.36 19.14 6.09
CA LYS B 89 -41.22 18.26 7.25
C LYS B 89 -39.81 17.70 7.33
N ARG B 90 -39.29 17.28 6.19
CA ARG B 90 -37.93 16.76 6.11
C ARG B 90 -36.89 17.81 6.52
N ILE B 91 -37.06 19.01 5.99
CA ILE B 91 -36.17 20.14 6.29
C ILE B 91 -36.22 20.49 7.77
N ASN B 92 -37.41 20.44 8.35
CA ASN B 92 -37.63 20.81 9.75
C ASN B 92 -37.16 19.70 10.69
N SER B 93 -36.93 18.52 10.12
CA SER B 93 -36.56 17.34 10.90
C SER B 93 -35.08 17.23 11.19
N THR B 94 -34.31 18.19 10.68
CA THR B 94 -32.86 18.28 10.93
C THR B 94 -32.55 19.63 11.52
N ASN B 95 -31.72 19.67 12.56
CA ASN B 95 -31.51 20.93 13.28
C ASN B 95 -31.19 22.12 12.38
N ALA B 96 -30.33 21.89 11.39
CA ALA B 96 -29.94 22.95 10.47
C ALA B 96 -31.15 23.56 9.76
N GLY B 97 -31.92 22.73 9.07
CA GLY B 97 -33.08 23.20 8.34
C GLY B 97 -34.22 23.64 9.25
N GLU B 98 -34.25 23.14 10.48
CA GLU B 98 -35.22 23.59 11.45
C GLU B 98 -34.93 25.04 11.82
N LYS B 99 -33.64 25.36 11.97
CA LYS B 99 -33.22 26.73 12.21
C LYS B 99 -33.56 27.63 11.03
N LEU B 100 -33.32 27.14 9.81
CA LEU B 100 -33.59 27.92 8.62
C LEU B 100 -35.06 28.34 8.55
N LEU B 101 -35.96 27.39 8.77
CA LEU B 101 -37.40 27.67 8.76
C LEU B 101 -37.80 28.61 9.90
N SER B 102 -37.33 28.31 11.11
CA SER B 102 -37.51 29.23 12.24
C SER B 102 -37.05 30.66 11.95
N LEU B 103 -35.89 30.83 11.34
CA LEU B 103 -35.38 32.15 11.01
C LEU B 103 -36.30 32.85 10.02
N ILE B 104 -36.65 32.13 8.96
CA ILE B 104 -37.53 32.65 7.91
C ILE B 104 -38.86 33.06 8.50
N SER B 105 -39.33 32.29 9.46
CA SER B 105 -40.58 32.58 10.16
C SER B 105 -40.55 33.91 10.91
N THR B 106 -39.43 34.20 11.57
CA THR B 106 -39.30 35.40 12.40
C THR B 106 -38.71 36.58 11.62
N ALA B 107 -38.50 36.37 10.34
CA ALA B 107 -37.72 37.28 9.50
C ALA B 107 -38.57 38.41 8.94
N ILE B 108 -39.75 38.61 9.52
CA ILE B 108 -40.73 39.52 8.96
C ILE B 108 -40.05 40.82 8.56
N PRO B 109 -40.47 41.39 7.42
CA PRO B 109 -39.93 42.64 6.91
C PRO B 109 -40.12 43.77 7.91
N PHE B 110 -39.30 44.80 7.82
CA PHE B 110 -39.42 45.95 8.71
C PHE B 110 -40.72 46.67 8.38
N PRO B 111 -41.47 47.07 9.42
CA PRO B 111 -42.73 47.79 9.24
C PRO B 111 -42.46 49.26 8.93
N TYR B 112 -43.44 49.94 8.32
CA TYR B 112 -43.34 51.39 8.12
C TYR B 112 -43.83 52.11 9.38
N GLY B 113 -43.73 53.45 9.39
CA GLY B 113 -44.07 54.22 10.56
C GLY B 113 -45.46 54.84 10.57
N TYR B 114 -45.81 55.53 11.64
CA TYR B 114 -47.10 56.22 11.73
C TYR B 114 -47.19 57.24 10.61
N ILE B 115 -48.26 57.14 9.81
CA ILE B 115 -48.46 58.06 8.69
C ILE B 115 -47.18 58.25 7.85
N GLY B 151 -50.60 51.39 14.94
CA GLY B 151 -49.83 52.55 14.53
C GLY B 151 -48.86 52.27 13.39
N TYR B 152 -47.93 51.34 13.61
CA TYR B 152 -46.99 50.92 12.58
C TYR B 152 -47.72 50.05 11.55
N ARG B 153 -47.31 50.15 10.29
CA ARG B 153 -47.99 49.45 9.19
C ARG B 153 -47.12 48.35 8.55
N GLU B 154 -47.56 47.10 8.68
CA GLU B 154 -46.83 45.95 8.12
C GLU B 154 -47.03 45.79 6.62
N THR B 155 -45.97 45.39 5.93
CA THR B 155 -46.07 45.12 4.50
C THR B 155 -46.20 43.64 4.17
N ASN B 156 -46.09 42.76 5.16
CA ASN B 156 -46.18 41.34 4.83
C ASN B 156 -47.50 40.76 5.27
N TYR B 157 -48.42 40.68 4.33
CA TYR B 157 -49.74 40.13 4.62
C TYR B 157 -50.41 39.78 3.30
N LEU B 158 -51.34 38.84 3.38
CA LEU B 158 -52.19 38.53 2.25
C LEU B 158 -53.55 39.18 2.53
N SER B 159 -54.18 39.70 1.50
CA SER B 159 -55.49 40.31 1.66
C SER B 159 -56.61 39.35 1.30
N SER B 160 -57.66 39.33 2.12
CA SER B 160 -58.87 38.61 1.77
C SER B 160 -59.52 39.31 0.57
N GLU B 161 -60.34 38.57 -0.17
CA GLU B 161 -60.96 39.11 -1.37
C GLU B 161 -61.81 40.34 -1.07
N ASP B 162 -62.50 40.33 0.07
CA ASP B 162 -63.36 41.45 0.46
C ASP B 162 -62.53 42.61 0.99
N ASN B 163 -61.24 42.35 1.20
CA ASN B 163 -60.30 43.37 1.60
C ASN B 163 -60.58 43.93 3.00
N LYS B 164 -61.31 43.18 3.82
CA LYS B 164 -61.42 43.47 5.25
C LYS B 164 -60.60 42.60 6.20
N SER B 165 -59.82 41.65 5.68
CA SER B 165 -59.05 40.75 6.51
C SER B 165 -57.64 40.54 5.95
N PHE B 166 -56.65 40.51 6.84
CA PHE B 166 -55.26 40.42 6.40
C PHE B 166 -54.48 39.40 7.19
N TYR B 167 -53.70 38.60 6.49
CA TYR B 167 -53.03 37.46 7.11
C TYR B 167 -51.52 37.59 7.00
N ALA B 168 -50.81 37.46 8.11
CA ALA B 168 -49.35 37.66 8.10
C ALA B 168 -48.69 36.58 7.27
N SER B 169 -47.87 36.99 6.30
CA SER B 169 -47.05 36.03 5.57
C SER B 169 -45.68 36.59 5.17
N ASN B 170 -44.63 35.86 5.52
CA ASN B 170 -43.31 36.13 4.97
C ASN B 170 -43.11 35.43 3.63
N ILE B 171 -43.56 34.18 3.56
CA ILE B 171 -43.26 33.29 2.44
C ILE B 171 -44.51 32.61 1.92
N VAL B 172 -44.68 32.59 0.60
CA VAL B 172 -45.76 31.82 -0.02
C VAL B 172 -45.21 30.92 -1.11
N ILE B 173 -45.47 29.63 -1.01
CA ILE B 173 -44.93 28.65 -1.94
C ILE B 173 -45.97 28.21 -2.97
N PHE B 174 -45.76 28.61 -4.22
CA PHE B 174 -46.65 28.25 -5.32
C PHE B 174 -46.09 27.08 -6.12
N GLY B 175 -46.86 26.63 -7.09
CA GLY B 175 -46.36 25.69 -8.06
C GLY B 175 -45.69 26.49 -9.15
N PRO B 176 -45.19 25.81 -10.19
CA PRO B 176 -44.43 26.44 -11.27
C PRO B 176 -45.21 27.52 -12.01
N GLY B 177 -44.47 28.35 -12.74
CA GLY B 177 -45.07 29.26 -13.70
C GLY B 177 -45.23 28.53 -15.02
N ALA B 178 -45.10 29.25 -16.13
CA ALA B 178 -45.24 28.66 -17.46
C ALA B 178 -44.35 27.43 -17.64
N ASN B 179 -43.05 27.59 -17.40
CA ASN B 179 -42.12 26.49 -17.51
C ASN B 179 -42.17 25.67 -16.23
N ILE B 180 -42.52 24.40 -16.35
CA ILE B 180 -42.83 23.61 -15.15
C ILE B 180 -41.65 22.88 -14.53
N VAL B 181 -40.48 22.97 -15.16
CA VAL B 181 -39.26 22.48 -14.53
C VAL B 181 -38.36 23.57 -13.90
N GLU B 182 -38.76 24.83 -14.01
CA GLU B 182 -37.95 25.92 -13.48
C GLU B 182 -38.47 26.48 -12.16
N ASN B 183 -37.73 26.26 -11.08
CA ASN B 183 -38.04 26.87 -9.80
C ASN B 183 -37.69 28.35 -9.84
N ASN B 184 -38.29 29.12 -8.93
CA ASN B 184 -38.05 30.55 -8.92
C ASN B 184 -38.33 31.16 -7.54
N THR B 185 -37.71 32.29 -7.28
CA THR B 185 -37.92 33.03 -6.04
C THR B 185 -38.10 34.49 -6.42
N VAL B 186 -39.26 35.06 -6.14
CA VAL B 186 -39.52 36.45 -6.50
C VAL B 186 -39.85 37.28 -5.27
N PHE B 187 -39.71 38.59 -5.40
CA PHE B 187 -39.98 39.50 -4.31
C PHE B 187 -41.29 40.21 -4.53
N TYR B 188 -41.96 40.54 -3.43
CA TYR B 188 -43.26 41.20 -3.52
C TYR B 188 -43.10 42.63 -4.03
N LYS B 189 -42.10 43.32 -3.50
CA LYS B 189 -41.83 44.71 -3.88
C LYS B 189 -40.32 44.89 -4.02
N LYS B 190 -39.87 45.22 -5.23
CA LYS B 190 -38.42 45.36 -5.49
C LYS B 190 -37.79 46.35 -4.51
N GLU B 191 -38.36 47.54 -4.44
CA GLU B 191 -37.83 48.59 -3.57
C GLU B 191 -37.57 48.09 -2.14
N ASP B 192 -38.56 47.40 -1.56
CA ASP B 192 -38.42 46.90 -0.19
C ASP B 192 -37.43 45.76 -0.08
N ALA B 193 -37.12 45.13 -1.20
CA ALA B 193 -36.12 44.07 -1.20
C ALA B 193 -34.71 44.64 -1.28
N GLU B 194 -34.58 45.85 -1.81
CA GLU B 194 -33.26 46.50 -1.89
C GLU B 194 -32.91 47.51 -0.79
N ASN B 195 -33.90 47.97 -0.03
CA ASN B 195 -33.71 49.11 0.88
C ASN B 195 -33.49 48.84 2.37
N GLY B 196 -33.42 47.58 2.76
CA GLY B 196 -33.27 47.24 4.17
C GLY B 196 -34.54 46.97 4.95
N MET B 197 -35.69 47.39 4.41
CA MET B 197 -36.98 47.07 5.02
C MET B 197 -37.24 45.57 4.95
N GLY B 198 -37.21 45.04 3.73
CA GLY B 198 -37.53 43.65 3.49
C GLY B 198 -38.89 43.52 2.83
N THR B 199 -39.10 42.43 2.10
CA THR B 199 -40.34 42.25 1.37
C THR B 199 -40.76 40.80 1.39
N MET B 200 -42.05 40.56 1.22
CA MET B 200 -42.58 39.21 1.18
C MET B 200 -41.98 38.48 -0.01
N THR B 201 -41.88 37.16 0.09
CA THR B 201 -41.29 36.37 -0.99
C THR B 201 -42.21 35.29 -1.48
N GLU B 202 -42.37 35.22 -2.80
CA GLU B 202 -43.14 34.17 -3.44
C GLU B 202 -42.18 33.18 -4.06
N ILE B 203 -42.49 31.90 -3.94
CA ILE B 203 -41.64 30.84 -4.49
C ILE B 203 -42.44 30.01 -5.48
N TRP B 204 -41.83 29.69 -6.61
CA TRP B 204 -42.42 28.76 -7.56
C TRP B 204 -41.64 27.47 -7.46
N PHE B 205 -42.30 26.37 -7.09
CA PHE B 205 -41.58 25.10 -6.91
C PHE B 205 -42.20 23.91 -7.64
N GLN B 206 -41.35 22.92 -7.94
CA GLN B 206 -41.75 21.73 -8.69
C GLN B 206 -41.27 20.46 -7.98
N PRO B 207 -42.11 19.91 -7.10
CA PRO B 207 -41.81 18.72 -6.29
C PRO B 207 -41.87 17.41 -7.08
N PHE B 208 -42.52 17.41 -8.24
CA PHE B 208 -42.85 16.15 -8.93
C PHE B 208 -41.86 15.65 -9.97
N LEU B 209 -40.92 16.49 -10.37
CA LEU B 209 -39.92 16.07 -11.34
C LEU B 209 -38.52 16.25 -10.75
N THR B 210 -37.63 15.35 -11.10
CA THR B 210 -36.24 15.44 -10.71
C THR B 210 -35.44 14.87 -11.86
N TYR B 211 -34.14 15.10 -11.86
CA TYR B 211 -33.28 14.56 -12.90
C TYR B 211 -32.08 13.90 -12.27
N LYS B 212 -31.39 13.06 -13.05
CA LYS B 212 -30.20 12.39 -12.56
C LYS B 212 -28.96 13.21 -12.94
N TYR B 213 -28.03 13.36 -11.99
CA TYR B 213 -26.74 13.96 -12.26
C TYR B 213 -25.68 12.96 -11.82
N ASP B 214 -24.96 12.41 -12.78
CA ASP B 214 -24.06 11.30 -12.50
C ASP B 214 -24.86 10.13 -11.95
N GLU B 215 -24.51 9.71 -10.75
CA GLU B 215 -25.11 8.51 -10.17
C GLU B 215 -26.29 8.79 -9.24
N PHE B 216 -26.68 10.04 -9.09
CA PHE B 216 -27.69 10.37 -8.08
C PHE B 216 -28.84 11.25 -8.58
N TYR B 217 -29.99 11.14 -7.93
CA TYR B 217 -31.12 12.00 -8.25
C TYR B 217 -31.07 13.27 -7.41
N ILE B 218 -31.38 14.39 -8.04
CA ILE B 218 -31.48 15.65 -7.32
C ILE B 218 -32.55 15.51 -6.25
N ASP B 219 -32.25 16.00 -5.05
CA ASP B 219 -33.19 15.93 -3.94
C ASP B 219 -33.97 17.24 -3.86
N PRO B 220 -35.28 17.19 -4.17
CA PRO B 220 -36.10 18.40 -4.20
C PRO B 220 -36.01 19.17 -2.89
N ALA B 221 -35.68 18.47 -1.80
CA ALA B 221 -35.59 19.11 -0.50
C ALA B 221 -34.51 20.18 -0.50
N ILE B 222 -33.37 19.88 -1.13
CA ILE B 222 -32.29 20.85 -1.20
C ILE B 222 -32.62 21.93 -2.24
N GLU B 223 -33.33 21.54 -3.29
CA GLU B 223 -33.78 22.50 -4.31
C GLU B 223 -34.69 23.56 -3.71
N LEU B 224 -35.50 23.17 -2.72
CA LEU B 224 -36.40 24.08 -2.04
C LEU B 224 -35.63 24.93 -1.02
N ILE B 225 -34.67 24.31 -0.36
CA ILE B 225 -33.82 25.01 0.59
C ILE B 225 -33.06 26.16 -0.08
N LYS B 226 -32.72 25.96 -1.35
CA LYS B 226 -32.08 26.99 -2.15
C LYS B 226 -32.99 28.20 -2.32
N CYS B 227 -34.25 27.94 -2.66
CA CYS B 227 -35.23 28.99 -2.82
C CYS B 227 -35.46 29.71 -1.49
N LEU B 228 -35.45 28.94 -0.41
CA LEU B 228 -35.65 29.50 0.91
C LEU B 228 -34.49 30.38 1.34
N ILE B 229 -33.26 29.93 1.09
CA ILE B 229 -32.11 30.74 1.44
C ILE B 229 -32.16 32.08 0.72
N LYS B 230 -32.49 32.06 -0.56
CA LYS B 230 -32.52 33.28 -1.34
C LYS B 230 -33.55 34.27 -0.81
N SER B 231 -34.62 33.76 -0.20
CA SER B 231 -35.67 34.64 0.30
C SER B 231 -35.16 35.44 1.50
N LEU B 232 -34.14 34.92 2.17
CA LEU B 232 -33.52 35.62 3.29
C LEU B 232 -33.04 36.98 2.82
N TYR B 233 -32.45 37.02 1.63
CA TYR B 233 -31.99 38.27 1.04
C TYR B 233 -33.15 39.24 0.84
N PHE B 234 -34.28 38.72 0.40
CA PHE B 234 -35.47 39.53 0.16
C PHE B 234 -36.14 39.98 1.46
N LEU B 235 -36.19 39.09 2.43
CA LEU B 235 -36.82 39.41 3.72
C LEU B 235 -36.03 40.48 4.50
N TYR B 236 -34.70 40.48 4.32
CA TYR B 236 -33.84 41.44 5.02
C TYR B 236 -33.69 42.76 4.27
N GLY B 237 -34.08 42.78 3.00
CA GLY B 237 -33.97 43.96 2.17
C GLY B 237 -32.55 44.18 1.68
N ILE B 238 -31.78 43.09 1.64
CA ILE B 238 -30.40 43.13 1.19
C ILE B 238 -30.17 42.68 -0.26
N LYS B 239 -31.23 42.49 -1.03
CA LYS B 239 -31.06 42.13 -2.44
C LYS B 239 -30.14 43.14 -3.15
N PRO B 240 -29.03 42.64 -3.73
CA PRO B 240 -28.04 43.42 -4.47
C PRO B 240 -28.60 43.93 -5.78
N SER B 241 -27.93 44.92 -6.35
CA SER B 241 -28.30 45.43 -7.66
C SER B 241 -28.27 44.29 -8.66
N ASP B 242 -29.12 44.36 -9.66
CA ASP B 242 -29.13 43.32 -10.68
C ASP B 242 -27.80 43.33 -11.42
N ASP B 243 -27.07 44.43 -11.28
CA ASP B 243 -25.81 44.61 -11.99
C ASP B 243 -24.60 44.09 -11.23
N LEU B 244 -24.79 43.58 -10.02
CA LEU B 244 -23.65 43.12 -9.27
C LEU B 244 -23.45 41.67 -9.65
N VAL B 245 -22.47 41.47 -10.50
CA VAL B 245 -22.38 40.25 -11.26
C VAL B 245 -20.91 39.86 -11.46
N ILE B 246 -20.59 38.59 -11.27
CA ILE B 246 -19.23 38.11 -11.45
C ILE B 246 -19.12 37.12 -12.62
N PRO B 247 -17.92 37.02 -13.21
CA PRO B 247 -17.73 36.06 -14.29
C PRO B 247 -17.86 34.62 -13.78
N TYR B 248 -18.63 33.83 -14.52
CA TYR B 248 -18.99 32.48 -14.12
C TYR B 248 -18.30 31.47 -15.02
N ARG B 249 -18.55 31.61 -16.32
CA ARG B 249 -18.05 30.66 -17.30
C ARG B 249 -17.65 31.36 -18.60
N LEU B 250 -16.43 31.09 -19.08
CA LEU B 250 -16.03 31.57 -20.40
C LEU B 250 -16.74 30.71 -21.42
N ARG B 251 -17.33 31.32 -22.43
CA ARG B 251 -18.08 30.52 -23.38
C ARG B 251 -17.12 30.11 -24.46
N SER B 252 -16.60 28.91 -24.32
CA SER B 252 -15.46 28.45 -25.12
C SER B 252 -15.99 27.76 -26.34
N GLU B 253 -17.32 27.66 -26.41
CA GLU B 253 -18.01 27.07 -27.54
C GLU B 253 -18.11 28.07 -28.68
N LEU B 254 -18.12 29.36 -28.32
CA LEU B 254 -18.32 30.43 -29.29
C LEU B 254 -17.02 30.93 -29.96
N GLU B 255 -17.11 31.28 -31.23
CA GLU B 255 -15.96 31.77 -31.98
C GLU B 255 -15.37 33.02 -31.34
N ASN B 256 -16.25 33.88 -30.82
CA ASN B 256 -15.81 35.11 -30.20
C ASN B 256 -15.60 34.98 -28.71
N ILE B 257 -15.12 36.05 -28.09
CA ILE B 257 -14.86 36.07 -26.66
C ILE B 257 -16.09 36.56 -25.92
N GLU B 258 -16.71 35.68 -25.14
CA GLU B 258 -17.92 36.03 -24.41
C GLU B 258 -18.03 35.25 -23.09
N TYR B 259 -18.46 35.93 -22.03
CA TYR B 259 -18.57 35.27 -20.73
C TYR B 259 -20.02 35.11 -20.31
N SER B 260 -20.29 34.08 -19.52
CA SER B 260 -21.56 34.01 -18.81
C SER B 260 -21.37 34.61 -17.44
N GLN B 261 -22.35 35.38 -16.98
CA GLN B 261 -22.25 36.02 -15.69
C GLN B 261 -23.30 35.51 -14.71
N LEU B 262 -23.02 35.65 -13.42
CA LEU B 262 -23.94 35.22 -12.39
C LEU B 262 -24.00 36.29 -11.33
N ASN B 263 -25.21 36.60 -10.88
CA ASN B 263 -25.40 37.61 -9.86
C ASN B 263 -24.81 37.10 -8.57
N ILE B 264 -24.22 38.01 -7.80
CA ILE B 264 -23.61 37.65 -6.53
C ILE B 264 -24.56 36.82 -5.63
N VAL B 265 -25.85 37.17 -5.60
CA VAL B 265 -26.81 36.45 -4.78
C VAL B 265 -26.81 34.95 -5.05
N ASP B 266 -26.92 34.60 -6.33
CA ASP B 266 -27.03 33.21 -6.76
C ASP B 266 -25.73 32.45 -6.52
N LEU B 267 -24.61 33.14 -6.67
CA LEU B 267 -23.33 32.52 -6.44
C LEU B 267 -23.18 32.15 -4.96
N LEU B 268 -23.55 33.07 -4.08
CA LEU B 268 -23.39 32.86 -2.65
C LEU B 268 -24.34 31.80 -2.11
N VAL B 269 -25.56 31.75 -2.64
CA VAL B 269 -26.57 30.77 -2.23
C VAL B 269 -26.34 29.35 -2.79
N SER B 270 -25.96 29.26 -4.07
CA SER B 270 -25.97 27.99 -4.80
C SER B 270 -24.92 26.96 -4.40
N GLY B 271 -23.91 27.39 -3.65
CA GLY B 271 -22.89 26.48 -3.17
C GLY B 271 -22.08 25.84 -4.29
N GLY B 272 -21.45 24.71 -3.97
CA GLY B 272 -20.51 24.07 -4.87
C GLY B 272 -19.10 24.60 -4.70
N ILE B 273 -18.25 24.33 -5.68
CA ILE B 273 -16.88 24.82 -5.61
C ILE B 273 -16.72 26.29 -6.06
N ASP B 274 -17.48 26.68 -7.08
CA ASP B 274 -17.33 27.98 -7.71
C ASP B 274 -17.13 29.15 -6.75
N PRO B 275 -17.97 29.26 -5.71
CA PRO B 275 -17.83 30.35 -4.73
C PRO B 275 -16.47 30.46 -4.04
N LYS B 276 -15.71 29.38 -3.93
CA LYS B 276 -14.44 29.42 -3.21
C LYS B 276 -13.47 30.40 -3.89
N PHE B 277 -13.75 30.68 -5.16
CA PHE B 277 -12.92 31.58 -5.94
C PHE B 277 -13.23 33.07 -5.76
N ILE B 278 -14.51 33.40 -5.58
CA ILE B 278 -14.92 34.76 -5.26
C ILE B 278 -14.80 35.09 -3.78
N ASN B 279 -15.18 34.15 -2.92
CA ASN B 279 -15.19 34.40 -1.48
C ASN B 279 -13.85 33.95 -0.93
N THR B 280 -12.99 34.90 -0.61
CA THR B 280 -11.60 34.56 -0.31
C THR B 280 -11.03 35.37 0.83
N ASP B 281 -9.92 34.91 1.38
CA ASP B 281 -9.28 35.55 2.52
C ASP B 281 -7.78 35.79 2.32
N PRO B 282 -7.39 37.02 1.94
CA PRO B 282 -8.23 38.22 1.82
C PRO B 282 -9.08 38.24 0.55
N TYR B 283 -10.09 39.10 0.57
CA TYR B 283 -10.99 39.27 -0.58
C TYR B 283 -10.28 40.04 -1.69
N TRP B 284 -10.31 39.49 -2.91
CA TRP B 284 -9.81 40.22 -4.06
C TRP B 284 -10.94 40.92 -4.79
N PHE B 285 -12.19 40.60 -4.44
CA PHE B 285 -13.34 41.19 -5.09
C PHE B 285 -14.27 41.87 -4.10
N THR B 286 -14.58 43.14 -4.36
CA THR B 286 -15.58 43.83 -3.55
C THR B 286 -16.52 44.73 -4.32
N ASP B 287 -17.31 45.47 -3.55
CA ASP B 287 -18.36 46.32 -4.09
C ASP B 287 -18.95 47.04 -2.89
N ASN B 288 -19.59 48.19 -3.14
CA ASN B 288 -20.10 49.00 -2.05
C ASN B 288 -21.29 48.29 -1.44
N TYR B 289 -21.84 47.37 -2.21
CA TYR B 289 -23.01 46.63 -1.77
C TYR B 289 -22.85 46.06 -0.37
N PHE B 290 -21.70 45.44 -0.11
CA PHE B 290 -21.50 44.73 1.14
C PHE B 290 -21.40 45.70 2.31
N SER B 291 -20.53 46.68 2.17
CA SER B 291 -20.32 47.66 3.23
C SER B 291 -21.58 48.47 3.49
N ASN B 292 -22.36 48.74 2.44
CA ASN B 292 -23.58 49.53 2.56
C ASN B 292 -24.74 48.73 3.17
N ALA B 293 -24.87 47.47 2.76
CA ALA B 293 -25.90 46.60 3.31
C ALA B 293 -25.68 46.50 4.82
N LYS B 294 -24.44 46.33 5.22
CA LYS B 294 -24.10 46.23 6.64
C LYS B 294 -24.48 47.53 7.33
N LYS B 295 -24.33 48.64 6.61
CA LYS B 295 -24.63 49.96 7.14
C LYS B 295 -26.12 50.16 7.41
N VAL B 296 -26.93 49.95 6.38
CA VAL B 296 -28.38 50.11 6.48
C VAL B 296 -28.97 49.14 7.50
N PHE B 297 -28.41 47.94 7.57
CA PHE B 297 -28.83 46.96 8.55
C PHE B 297 -28.74 47.53 9.97
N GLU B 298 -27.63 48.19 10.25
CA GLU B 298 -27.41 48.81 11.56
C GLU B 298 -28.38 49.96 11.80
N ASP B 299 -28.68 50.71 10.74
CA ASP B 299 -29.65 51.78 10.83
C ASP B 299 -30.97 51.22 11.33
N HIS B 300 -31.44 50.16 10.65
CA HIS B 300 -32.71 49.52 11.01
C HIS B 300 -32.67 48.86 12.38
N ARG B 301 -31.57 48.21 12.72
CA ARG B 301 -31.42 47.68 14.07
C ARG B 301 -31.63 48.79 15.09
N ASN B 302 -31.00 49.94 14.84
CA ASN B 302 -31.07 51.08 15.72
C ASN B 302 -32.48 51.63 15.91
N ILE B 303 -33.17 51.84 14.79
CA ILE B 303 -34.57 52.23 14.82
C ILE B 303 -35.37 51.29 15.70
N TYR B 304 -35.10 49.99 15.60
CA TYR B 304 -35.71 49.00 16.47
C TYR B 304 -35.34 49.20 17.95
N GLU B 305 -34.03 49.16 18.23
CA GLU B 305 -33.53 49.24 19.60
C GLU B 305 -34.11 50.43 20.36
N THR B 306 -33.95 51.62 19.79
CA THR B 306 -34.36 52.85 20.47
C THR B 306 -35.87 53.02 20.54
N GLU B 307 -36.56 52.63 19.46
CA GLU B 307 -37.97 52.98 19.32
C GLU B 307 -38.95 51.81 19.52
N ILE B 308 -38.89 50.82 18.63
CA ILE B 308 -39.85 49.73 18.62
C ILE B 308 -39.81 48.86 19.88
N GLU B 309 -38.61 48.45 20.30
CA GLU B 309 -38.49 47.60 21.48
C GLU B 309 -38.89 48.33 22.77
N GLY B 310 -39.79 47.72 23.53
CA GLY B 310 -40.25 48.32 24.78
C GLY B 310 -41.38 49.30 24.55
N ASN B 311 -41.70 49.54 23.29
CA ASN B 311 -42.82 50.41 22.94
C ASN B 311 -44.13 49.63 23.08
N ASN B 312 -44.98 50.06 24.00
CA ASN B 312 -46.19 49.32 24.33
C ASN B 312 -47.29 49.47 23.30
N ALA B 313 -47.06 50.35 22.32
CA ALA B 313 -48.04 50.62 21.29
C ALA B 313 -47.94 49.61 20.15
N ILE B 314 -47.04 48.64 20.28
CA ILE B 314 -46.70 47.73 19.19
C ILE B 314 -47.14 46.27 19.37
N GLY B 315 -46.63 45.61 20.41
CA GLY B 315 -47.04 44.24 20.72
C GLY B 315 -46.06 43.15 20.33
N ASN B 316 -46.05 42.09 21.14
CA ASN B 316 -44.99 41.07 21.10
C ASN B 316 -44.87 40.27 19.82
N ASP B 317 -46.00 39.94 19.20
CA ASP B 317 -45.97 39.10 18.01
C ASP B 317 -45.12 39.74 16.91
N ILE B 318 -44.89 41.04 17.02
CA ILE B 318 -44.07 41.77 16.05
C ILE B 318 -42.68 42.11 16.60
N LYS B 319 -42.63 42.89 17.68
CA LYS B 319 -41.35 43.32 18.21
C LYS B 319 -40.44 42.16 18.65
N LEU B 320 -41.03 41.09 19.18
CA LEU B 320 -40.24 39.92 19.58
C LEU B 320 -39.62 39.25 18.36
N ARG B 321 -40.40 39.13 17.29
CA ARG B 321 -39.88 38.58 16.03
C ARG B 321 -38.74 39.46 15.51
N LEU B 322 -38.98 40.75 15.47
CA LEU B 322 -37.94 41.69 15.09
C LEU B 322 -36.67 41.46 15.90
N LYS B 323 -36.82 41.37 17.23
CA LYS B 323 -35.67 41.14 18.09
C LYS B 323 -34.84 39.95 17.64
N GLN B 324 -35.51 38.91 17.14
CA GLN B 324 -34.83 37.72 16.67
C GLN B 324 -34.21 37.93 15.31
N LYS B 325 -34.91 38.67 14.45
CA LYS B 325 -34.40 39.00 13.12
C LYS B 325 -33.05 39.69 13.21
N PHE B 326 -32.85 40.43 14.30
CA PHE B 326 -31.61 41.19 14.49
C PHE B 326 -30.57 40.52 15.39
N ARG B 327 -30.89 39.35 15.92
CA ARG B 327 -29.89 38.55 16.62
C ARG B 327 -28.88 38.07 15.57
N ILE B 328 -29.32 38.04 14.33
CA ILE B 328 -28.48 37.65 13.20
C ILE B 328 -27.50 38.74 12.80
N ASN B 329 -26.45 38.33 12.10
CA ASN B 329 -25.53 39.26 11.49
C ASN B 329 -25.73 39.17 9.97
N ILE B 330 -25.59 40.29 9.26
CA ILE B 330 -25.77 40.24 7.80
C ILE B 330 -24.80 39.26 7.17
N ASN B 331 -23.58 39.21 7.70
CA ASN B 331 -22.58 38.25 7.23
C ASN B 331 -23.04 36.81 7.24
N ASP B 332 -23.84 36.45 8.25
CA ASP B 332 -24.38 35.10 8.39
C ASP B 332 -25.19 34.67 7.16
N ILE B 333 -25.92 35.61 6.58
CA ILE B 333 -26.72 35.32 5.39
C ILE B 333 -25.84 35.14 4.16
N TRP B 334 -24.84 36.01 4.02
CA TRP B 334 -23.87 35.90 2.93
C TRP B 334 -23.06 34.59 3.00
N GLU B 335 -22.79 34.11 4.22
CA GLU B 335 -22.01 32.90 4.41
C GLU B 335 -22.86 31.63 4.30
N LEU B 336 -24.18 31.78 4.30
CA LEU B 336 -25.08 30.64 4.24
C LEU B 336 -25.34 30.18 2.82
N ASN B 337 -25.16 28.88 2.57
CA ASN B 337 -25.39 28.31 1.25
C ASN B 337 -25.59 26.80 1.24
N LEU B 338 -25.89 26.26 0.06
CA LEU B 338 -26.22 24.85 -0.10
C LEU B 338 -25.17 23.86 0.41
N ASN B 339 -23.89 24.22 0.30
CA ASN B 339 -22.83 23.33 0.74
C ASN B 339 -23.00 22.90 2.20
N TYR B 340 -23.59 23.80 2.98
CA TYR B 340 -23.76 23.58 4.41
C TYR B 340 -24.88 22.58 4.65
N PHE B 341 -26.00 22.78 3.98
CA PHE B 341 -27.12 21.85 4.10
C PHE B 341 -26.81 20.53 3.42
N SER B 342 -26.06 20.59 2.32
CA SER B 342 -25.58 19.39 1.65
C SER B 342 -24.92 18.48 2.67
N LYS B 343 -24.15 19.08 3.55
CA LYS B 343 -23.42 18.35 4.57
C LYS B 343 -24.33 17.91 5.72
N GLU B 344 -25.09 18.84 6.26
CA GLU B 344 -25.93 18.55 7.43
C GLU B 344 -27.01 17.51 7.14
N PHE B 345 -27.53 17.52 5.91
CA PHE B 345 -28.55 16.57 5.46
C PHE B 345 -27.99 15.35 4.73
N SER B 346 -26.67 15.30 4.55
CA SER B 346 -26.04 14.28 3.73
C SER B 346 -26.75 14.13 2.39
N ILE B 347 -27.03 15.26 1.75
CA ILE B 347 -27.60 15.28 0.41
C ILE B 347 -26.54 15.56 -0.66
N MET B 348 -26.53 14.76 -1.71
CA MET B 348 -25.68 15.00 -2.86
C MET B 348 -26.27 16.06 -3.76
N MET B 349 -25.41 16.95 -4.25
CA MET B 349 -25.84 18.01 -5.15
C MET B 349 -24.71 18.24 -6.15
N PRO B 350 -25.04 18.75 -7.34
CA PRO B 350 -23.99 19.10 -8.30
C PRO B 350 -23.06 20.22 -7.77
N ASP B 351 -21.76 19.95 -7.78
CA ASP B 351 -20.74 20.81 -7.16
C ASP B 351 -19.89 21.73 -8.07
N ARG B 352 -20.12 21.68 -9.38
CA ARG B 352 -19.29 22.44 -10.33
C ARG B 352 -20.15 23.17 -11.37
N PHE B 353 -20.02 24.49 -11.43
CA PHE B 353 -20.78 25.28 -12.38
C PHE B 353 -22.26 24.89 -12.30
N ASN B 354 -22.77 24.77 -11.08
CA ASN B 354 -24.11 24.23 -10.91
C ASN B 354 -25.25 25.16 -11.33
N ASN B 355 -24.92 26.39 -11.70
CA ASN B 355 -25.89 27.27 -12.34
C ASN B 355 -25.77 27.28 -13.86
N ALA B 356 -24.76 26.61 -14.40
CA ALA B 356 -24.58 26.52 -15.85
C ALA B 356 -24.98 25.17 -16.49
N LEU B 357 -25.50 24.25 -15.68
CA LEU B 357 -25.62 22.85 -16.09
C LEU B 357 -26.33 22.63 -17.43
N LYS B 358 -27.21 23.55 -17.81
CA LYS B 358 -27.93 23.42 -19.06
C LYS B 358 -26.98 23.24 -20.25
N HIS B 359 -25.79 23.85 -20.17
CA HIS B 359 -24.80 23.74 -21.24
C HIS B 359 -24.06 22.41 -21.23
N PHE B 360 -23.74 21.93 -20.03
CA PHE B 360 -22.93 20.73 -19.89
C PHE B 360 -23.71 19.43 -20.05
N TYR B 361 -25.02 19.52 -19.93
CA TYR B 361 -25.85 18.34 -19.67
C TYR B 361 -27.22 18.45 -20.34
N ARG B 362 -27.72 17.35 -20.89
CA ARG B 362 -29.14 17.27 -21.24
C ARG B 362 -29.88 16.52 -20.14
N LYS B 363 -30.76 17.21 -19.44
CA LYS B 363 -31.48 16.60 -18.32
C LYS B 363 -32.58 15.64 -18.80
N GLN B 364 -32.72 14.53 -18.11
CA GLN B 364 -33.85 13.63 -18.32
C GLN B 364 -34.64 13.48 -17.01
N TYR B 365 -35.92 13.81 -17.06
CA TYR B 365 -36.71 13.96 -15.84
C TYR B 365 -37.37 12.68 -15.34
N TYR B 366 -37.41 12.53 -14.03
CA TYR B 366 -38.03 11.37 -13.39
C TYR B 366 -39.14 11.79 -12.45
N LYS B 367 -40.24 11.04 -12.46
CA LYS B 367 -41.38 11.27 -11.58
C LYS B 367 -41.03 10.93 -10.14
N ILE B 368 -41.51 11.75 -9.20
CA ILE B 368 -41.36 11.45 -7.77
C ILE B 368 -42.74 11.43 -7.14
N ASP B 369 -43.14 10.30 -6.59
CA ASP B 369 -44.40 10.20 -5.86
C ASP B 369 -44.18 10.23 -4.36
N TYR B 370 -44.86 11.13 -3.67
CA TYR B 370 -44.89 11.11 -2.23
C TYR B 370 -46.13 10.34 -1.74
N PRO B 371 -45.97 9.57 -0.66
CA PRO B 371 -44.64 9.26 -0.15
C PRO B 371 -44.10 7.90 -0.57
N GLU B 372 -44.33 7.42 -1.80
CA GLU B 372 -43.82 6.09 -2.10
C GLU B 372 -42.35 6.14 -2.49
N ASN B 373 -42.00 7.13 -3.32
CA ASN B 373 -40.60 7.36 -3.67
C ASN B 373 -39.87 8.21 -2.63
N TYR B 374 -40.59 9.11 -1.98
CA TYR B 374 -39.95 10.12 -1.17
C TYR B 374 -40.74 10.42 0.10
N SER B 375 -40.04 10.43 1.23
CA SER B 375 -40.69 10.65 2.53
C SER B 375 -39.83 11.54 3.41
N ILE B 376 -40.17 11.66 4.69
CA ILE B 376 -39.45 12.56 5.59
C ILE B 376 -37.98 12.22 5.77
N ASN B 377 -37.58 11.02 5.36
CA ASN B 377 -36.17 10.67 5.35
C ASN B 377 -35.50 10.87 4.00
N GLY B 378 -36.25 11.45 3.06
CA GLY B 378 -35.76 11.66 1.71
C GLY B 378 -36.14 10.50 0.80
N PHE B 379 -35.45 10.38 -0.32
CA PHE B 379 -35.75 9.30 -1.25
C PHE B 379 -35.73 7.97 -0.53
N VAL B 380 -36.72 7.14 -0.83
CA VAL B 380 -36.73 5.78 -0.35
C VAL B 380 -35.61 5.05 -1.08
N ASN B 381 -34.69 4.48 -0.30
CA ASN B 381 -33.43 3.90 -0.81
C ASN B 381 -32.42 4.91 -1.35
N GLY B 382 -32.49 6.14 -0.86
CA GLY B 382 -31.46 7.14 -1.13
C GLY B 382 -31.41 7.67 -2.55
N GLN B 383 -30.51 8.63 -2.79
CA GLN B 383 -30.45 9.35 -4.05
C GLN B 383 -29.86 8.52 -5.20
N ILE B 384 -29.13 7.47 -4.86
CA ILE B 384 -28.52 6.62 -5.88
C ILE B 384 -29.50 5.56 -6.33
N ASN B 385 -29.93 4.72 -5.39
CA ASN B 385 -30.71 3.53 -5.70
C ASN B 385 -32.23 3.65 -5.64
N ALA B 386 -32.75 4.87 -5.46
CA ALA B 386 -34.18 5.09 -5.53
C ALA B 386 -34.70 4.61 -6.89
N GLN B 387 -35.86 3.98 -6.90
CA GLN B 387 -36.42 3.52 -8.15
C GLN B 387 -37.46 4.53 -8.58
N LEU B 388 -37.13 5.32 -9.60
CA LEU B 388 -38.03 6.37 -10.07
C LEU B 388 -38.39 6.09 -11.52
N SER B 389 -39.61 6.42 -11.90
CA SER B 389 -40.04 6.20 -13.28
C SER B 389 -39.70 7.40 -14.14
N LEU B 390 -39.31 7.16 -15.38
CA LEU B 390 -39.07 8.26 -16.32
C LEU B 390 -40.38 8.97 -16.59
N SER B 391 -40.31 10.31 -16.67
CA SER B 391 -41.49 11.11 -16.99
C SER B 391 -41.82 11.06 -18.48
N ASP B 392 -43.12 10.98 -18.79
CA ASP B 392 -43.57 10.95 -20.17
C ASP B 392 -43.39 12.32 -20.79
N ARG B 393 -43.01 13.28 -19.95
CA ARG B 393 -42.80 14.65 -20.40
C ARG B 393 -41.45 14.88 -21.08
N ASN B 394 -40.51 13.96 -20.91
CA ASN B 394 -39.17 14.12 -21.46
C ASN B 394 -39.20 14.49 -22.94
N GLN B 395 -40.21 13.99 -23.64
CA GLN B 395 -40.34 14.23 -25.07
C GLN B 395 -40.89 15.62 -25.38
N ASP B 396 -41.40 16.30 -24.35
CA ASP B 396 -42.00 17.63 -24.54
C ASP B 396 -40.99 18.74 -24.31
N ILE B 397 -39.81 18.36 -23.81
CA ILE B 397 -38.76 19.32 -23.53
C ILE B 397 -38.40 20.13 -24.76
N ILE B 398 -38.38 21.46 -24.59
CA ILE B 398 -38.03 22.38 -25.67
C ILE B 398 -36.52 22.36 -25.94
N ASN B 399 -36.12 22.14 -27.18
CA ASN B 399 -34.69 22.13 -27.53
C ASN B 399 -34.31 23.27 -28.45
N LYS B 400 -33.60 24.25 -27.89
CA LYS B 400 -33.18 25.43 -28.62
C LYS B 400 -31.69 25.66 -28.44
N PRO B 401 -30.88 25.15 -29.36
CA PRO B 401 -29.41 25.16 -29.24
C PRO B 401 -28.84 26.57 -29.24
N GLU B 402 -27.78 26.78 -28.47
CA GLU B 402 -27.03 28.03 -28.51
C GLU B 402 -26.31 28.15 -29.86
N GLU B 403 -25.63 27.09 -30.27
CA GLU B 403 -25.12 27.01 -31.63
C GLU B 403 -25.22 25.59 -32.20
N ILE B 404 -25.23 25.51 -33.52
CA ILE B 404 -25.32 24.26 -34.26
C ILE B 404 -24.05 24.03 -35.09
N ILE B 405 -23.40 22.89 -34.86
CA ILE B 405 -22.17 22.57 -35.57
C ILE B 405 -22.47 21.77 -36.84
N ASN B 406 -22.24 22.40 -37.99
CA ASN B 406 -22.50 21.77 -39.27
C ASN B 406 -21.22 21.11 -39.83
N LEU B 407 -21.22 19.79 -39.90
CA LEU B 407 -20.05 19.06 -40.34
C LEU B 407 -20.24 18.64 -41.79
N LEU B 408 -19.49 19.25 -42.69
CA LEU B 408 -19.57 18.91 -44.10
C LEU B 408 -18.36 18.09 -44.54
N ASN B 409 -18.38 17.64 -45.78
CA ASN B 409 -17.23 16.98 -46.39
C ASN B 409 -16.54 17.89 -47.41
N GLY B 410 -15.53 17.35 -48.09
CA GLY B 410 -14.79 18.10 -49.10
C GLY B 410 -15.68 18.73 -50.16
N ASN B 411 -16.82 18.09 -50.42
CA ASN B 411 -17.73 18.56 -51.46
C ASN B 411 -18.72 19.58 -50.90
N ASN B 412 -18.50 19.99 -49.65
CA ASN B 412 -19.30 21.05 -49.06
C ASN B 412 -20.76 20.65 -48.80
N VAL B 413 -20.98 19.35 -48.62
CA VAL B 413 -22.32 18.86 -48.30
C VAL B 413 -22.43 18.39 -46.85
N SER B 414 -23.59 18.58 -46.24
CA SER B 414 -23.77 18.36 -44.81
C SER B 414 -23.85 16.88 -44.44
N LEU B 415 -22.90 16.43 -43.63
CA LEU B 415 -22.89 15.07 -43.07
C LEU B 415 -23.75 14.95 -41.81
N MET B 416 -23.62 15.94 -40.94
CA MET B 416 -24.21 15.88 -39.61
C MET B 416 -24.50 17.29 -39.09
N ARG B 417 -25.55 17.45 -38.31
CA ARG B 417 -25.79 18.72 -37.64
C ARG B 417 -26.04 18.52 -36.14
N SER B 418 -25.08 18.99 -35.33
CA SER B 418 -25.10 18.72 -33.90
C SER B 418 -25.42 19.95 -33.08
N ASN B 419 -26.05 19.74 -31.93
CA ASN B 419 -26.51 20.83 -31.09
C ASN B 419 -25.61 21.07 -29.88
N ILE B 420 -25.29 22.34 -29.66
CA ILE B 420 -24.67 22.76 -28.40
C ILE B 420 -25.64 23.70 -27.68
N TYR B 421 -25.87 23.46 -26.41
CA TYR B 421 -26.83 24.25 -25.65
C TYR B 421 -26.15 25.24 -24.71
N GLY B 422 -26.71 26.45 -24.63
CA GLY B 422 -26.24 27.46 -23.70
C GLY B 422 -26.59 27.17 -22.24
N ASP B 423 -25.99 27.92 -21.33
CA ASP B 423 -26.21 27.72 -19.91
C ASP B 423 -27.46 28.42 -19.38
N GLY B 424 -27.97 29.37 -20.15
CA GLY B 424 -29.17 30.10 -19.76
C GLY B 424 -28.86 31.48 -19.19
N LEU B 425 -27.63 31.67 -18.73
CA LEU B 425 -27.22 32.90 -18.06
C LEU B 425 -27.06 34.07 -19.02
N LYS B 426 -27.14 35.29 -18.49
CA LYS B 426 -26.91 36.50 -19.29
C LYS B 426 -25.41 36.68 -19.55
N SER B 427 -25.04 37.50 -20.54
CA SER B 427 -23.65 37.58 -20.96
C SER B 427 -22.93 38.88 -20.93
N THR B 428 -21.59 38.82 -20.85
CA THR B 428 -20.66 39.99 -20.88
C THR B 428 -21.18 41.12 -19.97
N VAL B 429 -21.17 42.39 -20.35
CA VAL B 429 -20.64 42.94 -21.54
C VAL B 429 -19.91 44.18 -21.00
N ASP B 430 -18.59 44.24 -21.11
CA ASP B 430 -17.83 43.14 -21.61
C ASP B 430 -16.64 42.92 -20.67
N ASP B 431 -15.64 42.18 -21.12
CA ASP B 431 -14.59 41.59 -20.27
C ASP B 431 -14.33 42.23 -18.91
N PHE B 432 -14.50 41.41 -17.88
CA PHE B 432 -14.47 41.87 -16.50
C PHE B 432 -13.04 41.95 -15.95
N TYR B 433 -12.24 40.94 -16.28
CA TYR B 433 -10.90 40.81 -15.72
C TYR B 433 -9.98 41.95 -16.15
N SER B 434 -10.13 42.41 -17.39
CA SER B 434 -9.30 43.49 -17.91
C SER B 434 -9.52 44.79 -17.14
N ASN B 435 -10.78 45.11 -16.90
CA ASN B 435 -11.15 46.40 -16.31
C ASN B 435 -11.35 46.38 -14.80
N TYR B 436 -11.09 45.24 -14.15
CA TYR B 436 -11.23 45.16 -12.71
C TYR B 436 -9.92 45.42 -11.96
N LYS B 437 -9.96 46.40 -11.07
CA LYS B 437 -8.79 46.75 -10.26
C LYS B 437 -8.84 46.07 -8.90
N ILE B 438 -7.83 45.28 -8.60
CA ILE B 438 -7.72 44.61 -7.31
C ILE B 438 -7.39 45.64 -6.23
N PRO B 439 -8.29 45.81 -5.27
CA PRO B 439 -8.20 46.89 -4.28
C PRO B 439 -6.99 46.76 -3.39
N TYR B 440 -6.18 47.82 -3.32
CA TYR B 440 -5.00 47.86 -2.46
C TYR B 440 -5.37 48.26 -1.03
N ASN B 441 -6.24 49.25 -0.91
CA ASN B 441 -6.77 49.65 0.39
C ASN B 441 -7.99 48.81 0.73
N ARG B 442 -8.00 48.22 1.91
CA ARG B 442 -9.00 47.21 2.28
C ARG B 442 -10.32 47.77 2.82
N ALA B 443 -10.46 49.09 2.87
CA ALA B 443 -11.73 49.73 3.27
C ALA B 443 -11.78 51.20 2.90
N ASP B 453 -17.82 28.78 9.84
CA ASP B 453 -18.78 27.85 9.23
C ASP B 453 -20.25 28.26 9.45
N SER B 454 -20.81 27.84 10.59
CA SER B 454 -22.26 27.89 10.81
C SER B 454 -22.82 29.30 11.01
N SER B 455 -23.76 29.68 10.15
CA SER B 455 -24.38 31.00 10.21
C SER B 455 -25.66 31.02 11.04
N LEU B 456 -26.18 29.83 11.34
CA LEU B 456 -27.44 29.73 12.05
C LEU B 456 -27.26 29.54 13.55
N ASP B 457 -26.02 29.65 14.01
CA ASP B 457 -25.71 29.53 15.43
C ASP B 457 -26.60 30.40 16.31
N ASN B 458 -26.88 31.61 15.85
CA ASN B 458 -27.63 32.58 16.66
C ASN B 458 -29.16 32.55 16.54
N VAL B 459 -29.67 31.56 15.81
CA VAL B 459 -31.11 31.35 15.70
C VAL B 459 -31.63 30.46 16.83
N ASN B 460 -32.54 30.99 17.65
CA ASN B 460 -33.07 30.23 18.78
C ASN B 460 -34.46 29.66 18.47
N ILE B 461 -34.54 28.35 18.31
CA ILE B 461 -35.80 27.71 17.91
C ILE B 461 -36.85 27.78 19.01
N GLY B 462 -36.45 27.42 20.22
CA GLY B 462 -37.36 27.46 21.36
C GLY B 462 -37.98 28.83 21.54
N VAL B 463 -37.14 29.85 21.62
CA VAL B 463 -37.61 31.22 21.77
C VAL B 463 -38.60 31.64 20.68
N ILE B 464 -38.26 31.36 19.43
CA ILE B 464 -39.11 31.76 18.32
C ILE B 464 -40.47 31.06 18.35
N ASP B 465 -40.46 29.76 18.64
CA ASP B 465 -41.69 28.96 18.66
C ASP B 465 -42.68 29.40 19.74
N ASN B 466 -42.24 30.23 20.67
CA ASN B 466 -43.12 30.74 21.72
C ASN B 466 -43.67 32.14 21.48
N ILE B 467 -43.34 32.72 20.35
CA ILE B 467 -43.86 34.04 19.99
C ILE B 467 -45.25 33.89 19.38
N PRO B 468 -46.28 34.37 20.08
CA PRO B 468 -47.64 34.24 19.52
C PRO B 468 -47.69 34.73 18.08
N GLU B 469 -48.50 34.06 17.25
CA GLU B 469 -48.60 34.41 15.84
C GLU B 469 -49.16 35.81 15.66
N ILE B 470 -48.77 36.46 14.56
CA ILE B 470 -49.29 37.79 14.27
C ILE B 470 -50.77 37.65 13.92
N ILE B 471 -51.61 38.33 14.68
CA ILE B 471 -53.06 38.20 14.56
C ILE B 471 -53.68 39.48 14.04
N ASP B 472 -53.52 40.58 14.77
CA ASP B 472 -54.02 41.85 14.29
C ASP B 472 -52.93 42.54 13.46
N VAL B 473 -53.16 42.59 12.16
CA VAL B 473 -52.25 43.22 11.21
C VAL B 473 -52.83 44.56 10.80
N ASN B 474 -52.00 45.60 10.85
CA ASN B 474 -52.39 46.89 10.29
C ASN B 474 -51.72 47.01 8.94
N PRO B 475 -52.50 46.86 7.86
CA PRO B 475 -51.89 46.71 6.54
C PRO B 475 -51.32 48.00 5.95
N TYR B 476 -50.18 47.88 5.30
CA TYR B 476 -49.61 48.96 4.50
C TYR B 476 -50.15 48.84 3.08
N LYS B 477 -50.80 49.88 2.58
CA LYS B 477 -51.56 49.80 1.34
C LYS B 477 -50.76 49.30 0.14
N GLU B 478 -49.76 50.05 -0.30
CA GLU B 478 -49.04 49.58 -1.47
C GLU B 478 -47.78 48.87 -1.02
N ASN B 479 -47.90 47.56 -0.93
CA ASN B 479 -46.83 46.67 -0.53
C ASN B 479 -46.23 45.87 -1.66
N CYS B 480 -46.68 46.09 -2.89
CA CYS B 480 -46.27 45.22 -3.98
C CYS B 480 -46.22 45.87 -5.37
N ASP B 481 -45.43 45.27 -6.24
CA ASP B 481 -45.32 45.69 -7.64
C ASP B 481 -46.26 44.88 -8.51
N LYS B 482 -46.80 45.50 -9.55
CA LYS B 482 -47.43 44.70 -10.60
C LYS B 482 -46.37 43.70 -11.01
N PHE B 483 -46.68 42.41 -10.98
CA PHE B 483 -45.70 41.43 -11.43
C PHE B 483 -45.62 41.44 -12.95
N SER B 484 -44.41 41.61 -13.46
CA SER B 484 -44.18 41.58 -14.90
C SER B 484 -43.35 40.35 -15.26
N PRO B 485 -43.92 39.45 -16.07
CA PRO B 485 -43.24 38.24 -16.54
C PRO B 485 -42.03 38.55 -17.42
N VAL B 486 -40.99 37.76 -17.27
CA VAL B 486 -39.78 37.85 -18.09
C VAL B 486 -40.02 37.20 -19.45
N GLN B 487 -39.60 37.86 -20.52
CA GLN B 487 -39.71 37.25 -21.84
C GLN B 487 -38.32 37.12 -22.48
N LYS B 488 -38.09 35.98 -23.12
CA LYS B 488 -36.75 35.66 -23.63
C LYS B 488 -36.80 35.02 -25.02
N ILE B 489 -36.07 35.61 -25.96
CA ILE B 489 -35.93 35.04 -27.29
C ILE B 489 -34.55 34.42 -27.39
N THR B 490 -34.49 33.16 -27.80
CA THR B 490 -33.22 32.42 -27.81
C THR B 490 -32.57 32.38 -29.19
N SER B 491 -31.40 33.01 -29.30
CA SER B 491 -30.67 33.10 -30.56
C SER B 491 -29.84 31.85 -30.83
N THR B 492 -29.81 31.43 -32.09
CA THR B 492 -29.06 30.25 -32.49
C THR B 492 -28.04 30.56 -33.57
N ARG B 493 -26.80 30.09 -33.38
CA ARG B 493 -25.75 30.27 -34.37
C ARG B 493 -25.49 28.99 -35.15
N GLU B 494 -25.39 29.11 -36.48
CA GLU B 494 -24.97 28.00 -37.31
C GLU B 494 -23.50 28.20 -37.63
N ILE B 495 -22.70 27.15 -37.52
CA ILE B 495 -21.30 27.25 -37.94
C ILE B 495 -20.81 25.97 -38.63
N ASN B 496 -20.02 26.14 -39.69
CA ASN B 496 -19.59 25.02 -40.52
C ASN B 496 -18.15 24.58 -40.23
N THR B 497 -17.91 23.28 -40.32
CA THR B 497 -16.56 22.75 -40.12
C THR B 497 -16.33 21.47 -40.93
N ASN B 498 -15.11 21.30 -41.44
CA ASN B 498 -14.74 20.05 -42.10
C ASN B 498 -14.09 19.09 -41.12
N ILE B 499 -13.79 19.59 -39.93
CA ILE B 499 -13.21 18.79 -38.86
C ILE B 499 -14.23 18.53 -37.76
N PRO B 500 -14.59 17.25 -37.53
CA PRO B 500 -15.58 16.91 -36.52
C PRO B 500 -15.23 17.47 -35.14
N TRP B 501 -16.18 18.15 -34.50
CA TRP B 501 -16.01 18.57 -33.12
C TRP B 501 -16.38 17.39 -32.24
N PRO B 502 -16.00 17.44 -30.96
CA PRO B 502 -16.41 16.42 -29.99
C PRO B 502 -17.92 16.18 -30.00
N ILE B 503 -18.70 17.25 -30.14
CA ILE B 503 -20.15 17.12 -30.13
C ILE B 503 -20.61 16.31 -31.34
N ASN B 504 -19.82 16.30 -32.41
CA ASN B 504 -20.09 15.47 -33.57
C ASN B 504 -19.85 14.01 -33.25
N TYR B 505 -18.66 13.70 -32.73
CA TYR B 505 -18.31 12.32 -32.39
C TYR B 505 -19.29 11.75 -31.37
N LEU B 506 -19.82 12.60 -30.51
CA LEU B 506 -20.79 12.16 -29.51
C LEU B 506 -22.05 11.73 -30.22
N GLN B 507 -22.61 12.64 -31.02
CA GLN B 507 -23.87 12.39 -31.71
C GLN B 507 -23.86 11.11 -32.57
N ALA B 508 -22.69 10.73 -33.06
CA ALA B 508 -22.54 9.54 -33.90
C ALA B 508 -22.64 8.27 -33.07
N GLN B 509 -22.70 8.44 -31.76
CA GLN B 509 -22.76 7.30 -30.84
C GLN B 509 -24.21 6.94 -30.45
N ASN B 510 -25.17 7.59 -31.10
CA ASN B 510 -26.58 7.29 -30.93
C ASN B 510 -27.23 6.76 -32.20
N THR B 511 -28.14 5.80 -32.03
CA THR B 511 -29.01 5.35 -33.12
C THR B 511 -30.42 5.19 -32.63
N ASN B 512 -31.38 5.46 -33.50
CA ASN B 512 -32.77 5.07 -33.27
C ASN B 512 -33.09 3.78 -34.03
N ASN B 513 -32.09 3.26 -34.74
CA ASN B 513 -32.24 2.01 -35.47
C ASN B 513 -32.39 0.84 -34.50
N GLU B 514 -33.48 0.10 -34.63
CA GLU B 514 -33.71 -1.08 -33.80
C GLU B 514 -32.62 -2.09 -34.09
N LYS B 515 -32.19 -2.16 -35.34
CA LYS B 515 -31.04 -2.96 -35.70
C LYS B 515 -29.87 -2.06 -36.03
N PHE B 516 -28.71 -2.34 -35.44
CA PHE B 516 -27.54 -1.51 -35.66
C PHE B 516 -26.26 -2.32 -35.53
N SER B 517 -25.17 -1.79 -36.07
CA SER B 517 -23.86 -2.43 -35.97
C SER B 517 -22.82 -1.44 -35.43
N LEU B 518 -21.94 -1.92 -34.56
CA LEU B 518 -20.89 -1.07 -34.03
C LEU B 518 -19.78 -0.91 -35.05
N SER B 519 -19.28 0.31 -35.20
CA SER B 519 -18.17 0.56 -36.12
C SER B 519 -17.17 1.53 -35.50
N SER B 520 -15.90 1.31 -35.79
CA SER B 520 -14.83 2.16 -35.29
C SER B 520 -14.41 3.24 -36.30
N ASP B 521 -15.07 3.27 -37.45
CA ASP B 521 -14.78 4.28 -38.47
C ASP B 521 -15.83 5.38 -38.40
N PHE B 522 -15.43 6.55 -37.95
CA PHE B 522 -16.36 7.67 -37.83
C PHE B 522 -16.89 8.11 -39.19
N VAL B 523 -15.99 8.24 -40.17
CA VAL B 523 -16.40 8.65 -41.51
C VAL B 523 -17.41 7.68 -42.11
N GLU B 524 -17.13 6.38 -41.98
CA GLU B 524 -18.05 5.37 -42.48
C GLU B 524 -19.42 5.46 -41.81
N VAL B 525 -19.44 5.76 -40.51
CA VAL B 525 -20.69 5.82 -39.77
C VAL B 525 -21.62 6.93 -40.25
N VAL B 526 -21.07 8.11 -40.49
CA VAL B 526 -21.88 9.27 -40.87
C VAL B 526 -22.13 9.36 -42.39
N SER B 527 -21.36 8.62 -43.17
CA SER B 527 -21.57 8.52 -44.61
C SER B 527 -22.38 7.29 -44.95
N SER B 528 -22.83 6.58 -43.91
CA SER B 528 -23.48 5.29 -44.06
C SER B 528 -24.61 5.32 -45.08
N LYS B 529 -24.58 4.34 -45.98
CA LYS B 529 -25.65 4.15 -46.94
C LYS B 529 -26.71 3.23 -46.32
N ASP B 530 -26.55 2.92 -45.04
CA ASP B 530 -27.47 2.00 -44.36
C ASP B 530 -28.85 2.63 -43.96
N LYS B 531 -28.88 3.59 -43.01
CA LYS B 531 -27.71 3.92 -42.22
C LYS B 531 -27.89 3.24 -40.86
N SER B 532 -27.29 2.07 -40.74
CA SER B 532 -27.40 1.23 -39.55
C SER B 532 -26.20 1.30 -38.63
N LEU B 533 -25.11 1.90 -39.10
CA LEU B 533 -23.89 1.89 -38.31
C LEU B 533 -23.97 2.93 -37.19
N VAL B 534 -23.34 2.62 -36.07
CA VAL B 534 -23.24 3.57 -34.98
C VAL B 534 -21.79 3.57 -34.49
N TYR B 535 -21.31 4.72 -34.04
CA TYR B 535 -19.89 4.87 -33.74
C TYR B 535 -19.51 4.36 -32.35
N SER B 536 -18.49 3.51 -32.29
CA SER B 536 -18.04 2.93 -31.03
C SER B 536 -16.51 2.76 -30.95
N PHE B 537 -15.98 3.06 -29.78
CA PHE B 537 -14.57 2.77 -29.48
C PHE B 537 -14.34 1.47 -28.72
N LEU B 538 -15.35 0.62 -28.56
CA LEU B 538 -15.15 -0.55 -27.71
C LEU B 538 -14.51 -1.62 -28.58
N SER B 539 -13.20 -1.78 -28.39
CA SER B 539 -12.40 -2.59 -29.28
C SER B 539 -12.52 -4.05 -28.93
N ASN B 540 -12.50 -4.34 -27.64
CA ASN B 540 -12.58 -5.71 -27.18
C ASN B 540 -13.96 -6.26 -27.46
N VAL B 541 -14.98 -5.43 -27.29
CA VAL B 541 -16.33 -5.89 -27.52
C VAL B 541 -16.53 -6.17 -29.01
N MET B 542 -16.14 -5.21 -29.85
CA MET B 542 -16.26 -5.39 -31.29
C MET B 542 -15.48 -6.61 -31.75
N PHE B 543 -14.29 -6.81 -31.19
CA PHE B 543 -13.49 -7.96 -31.54
C PHE B 543 -14.16 -9.28 -31.14
N TYR B 544 -14.74 -9.31 -29.95
CA TYR B 544 -15.46 -10.51 -29.51
C TYR B 544 -16.68 -10.80 -30.39
N LEU B 545 -17.44 -9.76 -30.70
CA LEU B 545 -18.63 -9.92 -31.53
C LEU B 545 -18.27 -10.50 -32.89
N ASP B 546 -17.11 -10.10 -33.40
CA ASP B 546 -16.64 -10.60 -34.69
C ASP B 546 -16.19 -12.05 -34.62
N SER B 547 -15.56 -12.42 -33.50
CA SER B 547 -15.02 -13.76 -33.35
C SER B 547 -16.14 -14.81 -33.37
N ILE B 548 -17.33 -14.41 -32.91
CA ILE B 548 -18.48 -15.32 -32.87
C ILE B 548 -19.44 -15.18 -34.05
N LYS B 549 -19.12 -14.31 -35.01
CA LYS B 549 -19.99 -14.01 -36.14
C LYS B 549 -20.49 -15.25 -36.90
N ASP B 550 -19.61 -16.21 -37.11
CA ASP B 550 -19.92 -17.36 -37.95
C ASP B 550 -20.47 -18.55 -37.15
N ASN B 551 -20.52 -18.39 -35.83
CA ASN B 551 -20.92 -19.48 -34.94
C ASN B 551 -22.38 -19.88 -35.10
N SER B 552 -22.67 -21.13 -34.74
CA SER B 552 -24.03 -21.62 -34.63
C SER B 552 -24.78 -20.77 -33.60
N PRO B 553 -26.06 -20.48 -33.88
CA PRO B 553 -26.81 -19.55 -33.04
C PRO B 553 -26.90 -20.01 -31.58
N ILE B 554 -27.16 -19.08 -30.67
CA ILE B 554 -27.28 -19.41 -29.25
C ILE B 554 -28.59 -20.12 -28.97
N ASP B 555 -28.52 -21.33 -28.44
CA ASP B 555 -29.70 -22.13 -28.09
C ASP B 555 -29.79 -22.49 -26.59
N THR B 556 -28.80 -23.19 -26.05
CA THR B 556 -28.77 -23.49 -24.62
C THR B 556 -28.74 -22.20 -23.81
N ASP B 557 -29.17 -22.27 -22.57
CA ASP B 557 -28.97 -21.16 -21.64
C ASP B 557 -27.47 -21.03 -21.33
N LYS B 558 -26.77 -22.15 -21.33
CA LYS B 558 -25.33 -22.16 -21.08
C LYS B 558 -24.63 -21.29 -22.12
N LYS B 559 -25.06 -21.41 -23.37
CA LYS B 559 -24.46 -20.62 -24.43
C LYS B 559 -24.73 -19.13 -24.26
N TYR B 560 -25.92 -18.80 -23.75
CA TYR B 560 -26.27 -17.40 -23.49
C TYR B 560 -25.35 -16.82 -22.42
N TYR B 561 -25.15 -17.58 -21.34
CA TYR B 561 -24.27 -17.14 -20.25
C TYR B 561 -22.83 -16.92 -20.73
N LEU B 562 -22.27 -17.90 -21.42
CA LEU B 562 -20.90 -17.78 -21.92
C LEU B 562 -20.78 -16.53 -22.78
N TRP B 563 -21.81 -16.26 -23.56
CA TRP B 563 -21.86 -15.06 -24.40
C TRP B 563 -21.93 -13.79 -23.54
N LEU B 564 -22.94 -13.73 -22.67
CA LEU B 564 -23.18 -12.56 -21.83
C LEU B 564 -21.99 -12.21 -20.96
N ARG B 565 -21.31 -13.23 -20.43
CA ARG B 565 -20.14 -13.00 -19.59
C ARG B 565 -19.02 -12.35 -20.38
N GLU B 566 -18.72 -12.89 -21.55
CA GLU B 566 -17.67 -12.34 -22.40
C GLU B 566 -18.05 -10.94 -22.86
N ILE B 567 -19.33 -10.71 -23.09
CA ILE B 567 -19.79 -9.36 -23.40
C ILE B 567 -19.45 -8.43 -22.26
N PHE B 568 -19.68 -8.88 -21.03
CA PHE B 568 -19.41 -8.06 -19.87
C PHE B 568 -17.92 -7.82 -19.62
N ARG B 569 -17.11 -8.87 -19.65
CA ARG B 569 -15.68 -8.73 -19.41
C ARG B 569 -15.04 -7.77 -20.41
N ASN B 570 -15.36 -7.96 -21.68
CA ASN B 570 -14.82 -7.12 -22.72
C ASN B 570 -15.26 -5.67 -22.59
N TYR B 571 -16.51 -5.45 -22.22
CA TYR B 571 -16.96 -4.09 -22.00
C TYR B 571 -16.14 -3.46 -20.87
N SER B 572 -15.95 -4.20 -19.79
CA SER B 572 -15.18 -3.69 -18.68
C SER B 572 -13.75 -3.32 -19.13
N PHE B 573 -13.12 -4.22 -19.88
CA PHE B 573 -11.77 -4.00 -20.34
C PHE B 573 -11.66 -2.76 -21.21
N ASP B 574 -12.64 -2.58 -22.10
CA ASP B 574 -12.68 -1.42 -22.97
C ASP B 574 -12.87 -0.13 -22.20
N ILE B 575 -13.88 -0.10 -21.34
CA ILE B 575 -14.33 1.16 -20.74
C ILE B 575 -13.48 1.63 -19.58
N THR B 576 -12.88 0.71 -18.84
CA THR B 576 -12.08 1.11 -17.68
C THR B 576 -10.60 1.27 -18.02
N ALA B 577 -10.27 1.12 -19.29
CA ALA B 577 -8.88 1.21 -19.73
C ALA B 577 -8.19 2.52 -19.30
N THR B 578 -7.05 2.42 -18.62
CA THR B 578 -6.23 3.57 -18.30
C THR B 578 -4.76 3.22 -18.45
N GLN B 579 -3.96 4.24 -18.71
CA GLN B 579 -2.51 4.11 -18.74
C GLN B 579 -1.88 5.27 -17.97
N GLU B 580 -0.95 4.97 -17.08
CA GLU B 580 -0.26 6.04 -16.34
C GLU B 580 0.88 6.61 -17.18
N ILE B 581 0.96 7.93 -17.22
CA ILE B 581 1.97 8.61 -17.99
C ILE B 581 2.69 9.63 -17.14
N ASN B 582 3.91 9.95 -17.53
CA ASN B 582 4.70 11.01 -16.91
C ASN B 582 4.40 12.35 -17.59
N THR B 583 4.00 13.34 -16.79
CA THR B 583 3.67 14.67 -17.32
C THR B 583 4.55 15.76 -16.73
N ASN B 584 4.31 17.00 -17.13
CA ASN B 584 5.03 18.14 -16.56
C ASN B 584 4.92 18.17 -15.04
N CYS B 585 3.72 17.90 -14.56
CA CYS B 585 3.40 18.02 -13.15
C CYS B 585 3.43 16.70 -12.40
N GLY B 586 3.71 15.61 -13.08
CA GLY B 586 3.71 14.32 -12.41
C GLY B 586 3.30 13.13 -13.25
N ILE B 587 2.78 12.12 -12.56
CA ILE B 587 2.10 10.99 -13.21
C ILE B 587 0.57 11.13 -13.13
N ASN B 588 -0.07 10.98 -14.27
CA ASN B 588 -1.53 11.08 -14.38
C ASN B 588 -2.05 9.77 -14.94
N LYS B 589 -3.21 9.34 -14.47
CA LYS B 589 -3.81 8.10 -14.96
C LYS B 589 -4.76 8.48 -16.10
N VAL B 590 -4.37 8.16 -17.33
CA VAL B 590 -5.07 8.68 -18.49
C VAL B 590 -6.14 7.72 -18.98
N VAL B 591 -7.28 8.26 -19.38
CA VAL B 591 -8.31 7.43 -19.99
C VAL B 591 -7.89 7.17 -21.43
N THR B 592 -7.67 5.90 -21.74
CA THR B 592 -7.07 5.48 -22.99
C THR B 592 -7.89 5.81 -24.23
N TRP B 593 -9.22 5.78 -24.08
CA TRP B 593 -10.09 5.91 -25.24
C TRP B 593 -10.52 7.35 -25.48
N PHE B 594 -10.05 8.24 -24.62
CA PHE B 594 -10.51 9.63 -24.64
C PHE B 594 -10.47 10.29 -26.02
N GLY B 595 -9.38 10.09 -26.75
CA GLY B 595 -9.22 10.70 -28.05
C GLY B 595 -10.16 10.13 -29.11
N LYS B 596 -10.34 8.81 -29.08
CA LYS B 596 -11.22 8.15 -30.03
C LYS B 596 -12.68 8.50 -29.75
N ALA B 597 -12.98 8.83 -28.49
CA ALA B 597 -14.35 9.18 -28.10
C ALA B 597 -14.76 10.56 -28.56
N LEU B 598 -13.94 11.56 -28.25
CA LEU B 598 -14.25 12.96 -28.54
C LEU B 598 -13.56 13.55 -29.77
N ASN B 599 -12.78 12.74 -30.47
CA ASN B 599 -11.96 13.22 -31.58
C ASN B 599 -10.94 14.30 -31.18
N ILE B 600 -10.22 14.05 -30.09
CA ILE B 600 -9.25 15.01 -29.56
C ILE B 600 -7.86 14.39 -29.52
N LEU B 601 -6.90 15.08 -30.13
CA LEU B 601 -5.59 14.49 -30.38
C LEU B 601 -5.80 13.14 -31.02
N ASN B 602 -6.82 13.06 -31.87
CA ASN B 602 -7.26 11.80 -32.44
C ASN B 602 -6.69 11.54 -33.83
N THR B 603 -5.89 12.48 -34.32
CA THR B 603 -5.35 12.39 -35.66
C THR B 603 -4.11 11.49 -35.70
N SER B 604 -3.55 11.17 -34.53
CA SER B 604 -2.44 10.23 -34.42
C SER B 604 -2.95 8.79 -34.54
N ASP B 605 -2.04 7.84 -34.38
CA ASP B 605 -2.44 6.45 -34.24
C ASP B 605 -2.65 6.15 -32.76
N SER B 606 -2.16 7.05 -31.90
CA SER B 606 -2.34 6.92 -30.46
C SER B 606 -2.60 8.28 -29.83
N PHE B 607 -3.67 8.35 -29.04
CA PHE B 607 -4.00 9.57 -28.32
C PHE B 607 -3.10 9.73 -27.10
N VAL B 608 -2.76 8.61 -26.47
CA VAL B 608 -2.00 8.64 -25.24
C VAL B 608 -0.62 9.28 -25.40
N GLU B 609 0.13 8.82 -26.41
CA GLU B 609 1.48 9.33 -26.59
C GLU B 609 1.45 10.77 -27.08
N GLU B 610 0.44 11.10 -27.87
CA GLU B 610 0.30 12.47 -28.36
C GLU B 610 0.00 13.43 -27.23
N PHE B 611 -0.71 12.95 -26.21
CA PHE B 611 -1.03 13.75 -25.03
C PHE B 611 0.17 13.89 -24.11
N GLN B 612 0.92 12.82 -23.94
CA GLN B 612 2.19 12.86 -23.22
C GLN B 612 3.10 13.90 -23.85
N ASN B 613 3.14 13.92 -25.18
CA ASN B 613 3.92 14.90 -25.92
C ASN B 613 3.51 16.35 -25.72
N LEU B 614 2.27 16.68 -26.03
CA LEU B 614 1.81 18.07 -26.11
C LEU B 614 1.40 18.70 -24.77
N GLY B 615 1.05 17.86 -23.80
CA GLY B 615 0.68 18.34 -22.47
C GLY B 615 -0.80 18.65 -22.25
N ALA B 616 -1.16 18.85 -20.98
CA ALA B 616 -2.56 19.03 -20.60
C ALA B 616 -3.29 20.14 -21.35
N ILE B 617 -2.57 21.18 -21.74
CA ILE B 617 -3.21 22.34 -22.37
C ILE B 617 -3.67 22.05 -23.80
N SER B 618 -3.17 20.95 -24.37
CA SER B 618 -3.47 20.60 -25.76
C SER B 618 -4.87 20.02 -25.97
N LEU B 619 -5.60 19.78 -24.88
CA LEU B 619 -6.94 19.18 -24.96
C LEU B 619 -8.07 20.20 -25.15
N ILE B 620 -7.79 21.47 -24.95
CA ILE B 620 -8.85 22.49 -25.00
C ILE B 620 -8.67 23.47 -26.15
N ASN B 621 -9.78 24.08 -26.58
CA ASN B 621 -9.78 24.95 -27.76
C ASN B 621 -9.29 26.39 -27.59
N LYS B 622 -9.54 27.00 -26.44
CA LYS B 622 -9.05 28.36 -26.23
C LYS B 622 -7.90 28.33 -25.23
N LYS B 623 -6.67 28.49 -25.74
CA LYS B 623 -5.48 28.36 -24.89
C LYS B 623 -5.07 29.63 -24.13
N GLU B 624 -5.22 30.81 -24.71
CA GLU B 624 -4.80 32.01 -24.01
C GLU B 624 -5.97 32.92 -23.70
N ASN B 625 -6.50 32.82 -22.49
CA ASN B 625 -7.60 33.66 -22.06
C ASN B 625 -7.26 34.69 -20.98
N LEU B 626 -6.03 34.63 -20.51
CA LEU B 626 -5.63 35.39 -19.34
C LEU B 626 -5.69 36.89 -19.61
N SER B 627 -5.99 37.67 -18.58
CA SER B 627 -5.90 39.13 -18.66
C SER B 627 -5.14 39.60 -17.46
N MET B 628 -3.95 40.16 -17.69
CA MET B 628 -3.16 40.67 -16.60
C MET B 628 -4.01 41.71 -15.92
N PRO B 629 -4.16 41.61 -14.58
CA PRO B 629 -5.08 42.50 -13.88
C PRO B 629 -4.50 43.89 -13.73
N ILE B 630 -5.37 44.88 -13.64
CA ILE B 630 -4.93 46.26 -13.44
C ILE B 630 -4.67 46.48 -11.96
N ILE B 631 -3.50 47.02 -11.65
CA ILE B 631 -3.07 47.17 -10.27
C ILE B 631 -3.30 48.59 -9.72
N GLU B 632 -2.93 48.79 -8.45
CA GLU B 632 -2.91 50.12 -7.87
C GLU B 632 -1.44 50.50 -7.64
N SER B 633 -0.96 51.46 -8.41
CA SER B 633 0.48 51.75 -8.45
C SER B 633 1.05 52.19 -7.10
N TYR B 634 2.35 52.03 -6.97
CA TYR B 634 2.99 52.06 -5.65
C TYR B 634 3.67 53.39 -5.34
N GLU B 635 3.09 54.12 -4.39
CA GLU B 635 3.70 55.34 -3.90
C GLU B 635 3.77 55.41 -2.37
N ILE B 636 4.97 55.68 -1.87
CA ILE B 636 5.17 55.87 -0.45
C ILE B 636 4.98 57.34 -0.11
N PRO B 637 4.11 57.62 0.88
CA PRO B 637 3.72 58.98 1.28
C PRO B 637 4.93 59.90 1.49
N ASN B 638 4.77 61.18 1.13
CA ASN B 638 5.86 62.14 1.30
C ASN B 638 5.94 62.70 2.71
N ASP B 639 4.98 62.32 3.56
CA ASP B 639 4.93 62.80 4.94
C ASP B 639 5.80 61.98 5.89
N MET B 640 6.31 60.83 5.42
CA MET B 640 7.15 59.97 6.23
C MET B 640 8.63 60.26 6.04
N LEU B 641 8.93 61.15 5.10
CA LEU B 641 10.31 61.43 4.67
C LEU B 641 11.22 61.83 5.83
N GLY B 642 10.67 62.49 6.83
CA GLY B 642 11.46 62.99 7.94
C GLY B 642 11.24 62.29 9.28
N LEU B 643 10.48 61.20 9.28
CA LEU B 643 10.17 60.51 10.52
C LEU B 643 11.40 59.93 11.21
N PRO B 644 11.35 59.79 12.54
CA PRO B 644 12.41 59.08 13.28
C PRO B 644 12.35 57.58 13.04
N LEU B 645 13.46 56.90 13.28
CA LEU B 645 13.58 55.48 12.96
C LEU B 645 12.40 54.65 13.47
N ASN B 646 12.22 54.60 14.78
CA ASN B 646 11.21 53.74 15.39
C ASN B 646 9.85 53.85 14.71
N ASP B 647 9.49 55.07 14.35
CA ASP B 647 8.20 55.33 13.72
C ASP B 647 8.23 55.03 12.21
N LEU B 648 9.32 55.41 11.55
CA LEU B 648 9.52 55.05 10.16
C LEU B 648 9.50 53.52 10.04
N ASN B 649 10.29 52.88 10.90
CA ASN B 649 10.38 51.43 10.95
C ASN B 649 9.02 50.76 10.98
N GLU B 650 8.26 51.02 12.03
CA GLU B 650 6.99 50.32 12.24
C GLU B 650 5.87 50.74 11.27
N LYS B 651 6.09 51.85 10.56
CA LYS B 651 5.16 52.26 9.50
C LYS B 651 5.40 51.54 8.17
N LEU B 652 6.66 51.19 7.90
CA LEU B 652 6.98 50.38 6.72
C LEU B 652 6.58 48.92 6.96
N PHE B 653 6.55 48.51 8.23
CA PHE B 653 6.08 47.16 8.58
C PHE B 653 4.62 47.02 8.16
N ASN B 654 3.85 48.08 8.36
CA ASN B 654 2.45 48.09 7.95
C ASN B 654 2.33 47.99 6.44
N ILE B 655 3.17 48.73 5.72
CA ILE B 655 3.16 48.68 4.26
C ILE B 655 3.59 47.31 3.75
N TYR B 656 4.47 46.66 4.50
CA TYR B 656 4.97 45.34 4.13
C TYR B 656 3.82 44.33 4.12
N SER B 657 3.01 44.35 5.18
CA SER B 657 1.88 43.45 5.27
C SER B 657 0.86 43.74 4.20
N LYS B 658 0.48 45.00 4.05
CA LYS B 658 -0.49 45.35 3.02
C LYS B 658 -0.06 44.76 1.69
N ASN B 659 1.23 44.93 1.37
CA ASN B 659 1.78 44.40 0.13
C ASN B 659 1.66 42.89 -0.02
N THR B 660 2.15 42.14 0.96
CA THR B 660 2.09 40.69 0.87
C THR B 660 0.65 40.17 0.79
N ALA B 661 -0.27 40.89 1.43
CA ALA B 661 -1.70 40.59 1.30
C ALA B 661 -2.15 40.87 -0.12
N TYR B 662 -1.70 41.99 -0.67
CA TYR B 662 -2.00 42.36 -2.04
C TYR B 662 -1.55 41.29 -3.02
N PHE B 663 -0.37 40.72 -2.76
CA PHE B 663 0.14 39.63 -3.60
C PHE B 663 -0.88 38.50 -3.58
N LYS B 664 -1.34 38.14 -2.39
CA LYS B 664 -2.26 37.04 -2.24
C LYS B 664 -3.54 37.27 -3.02
N LYS B 665 -4.06 38.50 -2.96
CA LYS B 665 -5.22 38.90 -3.75
C LYS B 665 -4.98 38.66 -5.23
N ILE B 666 -3.85 39.13 -5.74
CA ILE B 666 -3.52 38.94 -7.15
C ILE B 666 -3.57 37.46 -7.54
N TYR B 667 -2.91 36.62 -6.75
CA TYR B 667 -2.91 35.18 -6.97
C TYR B 667 -4.36 34.66 -7.06
N TYR B 668 -5.18 35.08 -6.11
CA TYR B 668 -6.59 34.67 -6.12
C TYR B 668 -7.22 35.00 -7.46
N ASN B 669 -7.10 36.26 -7.87
CA ASN B 669 -7.58 36.73 -9.16
C ASN B 669 -7.14 35.83 -10.31
N PHE B 670 -5.89 35.36 -10.26
CA PHE B 670 -5.42 34.43 -11.27
C PHE B 670 -6.11 33.07 -11.15
N LEU B 671 -6.32 32.61 -9.91
CA LEU B 671 -7.01 31.34 -9.70
C LEU B 671 -8.45 31.37 -10.20
N ASP B 672 -9.15 32.49 -9.98
CA ASP B 672 -10.50 32.66 -10.48
C ASP B 672 -10.57 32.61 -12.00
N GLN B 673 -9.65 33.32 -12.66
CA GLN B 673 -9.54 33.28 -14.12
C GLN B 673 -9.28 31.87 -14.64
N TRP B 674 -8.43 31.14 -13.91
CA TRP B 674 -8.16 29.74 -14.27
C TRP B 674 -9.45 28.95 -14.28
N TRP B 675 -10.21 29.07 -13.19
CA TRP B 675 -11.46 28.34 -13.01
C TRP B 675 -12.46 28.67 -14.10
N THR B 676 -12.70 29.97 -14.22
CA THR B 676 -13.64 30.51 -15.18
C THR B 676 -13.24 30.22 -16.64
N GLN B 677 -11.99 30.52 -16.99
CA GLN B 677 -11.53 30.34 -18.36
C GLN B 677 -11.05 28.93 -18.72
N TYR B 678 -10.33 28.29 -17.81
CA TYR B 678 -9.67 27.02 -18.14
C TYR B 678 -10.39 25.80 -17.62
N TYR B 679 -10.55 25.69 -16.30
CA TYR B 679 -11.31 24.53 -15.78
C TYR B 679 -12.67 24.36 -16.46
N SER B 680 -13.37 25.46 -16.71
CA SER B 680 -14.64 25.40 -17.41
C SER B 680 -14.52 24.51 -18.65
N GLN B 681 -13.39 24.61 -19.36
CA GLN B 681 -13.22 23.81 -20.58
C GLN B 681 -12.91 22.35 -20.29
N TYR B 682 -12.25 22.07 -19.17
CA TYR B 682 -11.95 20.69 -18.82
C TYR B 682 -13.20 20.02 -18.26
N PHE B 683 -14.07 20.80 -17.64
CA PHE B 683 -15.32 20.27 -17.13
C PHE B 683 -16.25 19.93 -18.29
N ASP B 684 -16.12 20.69 -19.37
CA ASP B 684 -16.88 20.39 -20.58
C ASP B 684 -16.41 19.06 -21.14
N LEU B 685 -15.09 18.87 -21.15
CA LEU B 685 -14.50 17.61 -21.58
C LEU B 685 -14.95 16.46 -20.70
N ILE B 686 -14.98 16.69 -19.39
CA ILE B 686 -15.42 15.69 -18.44
C ILE B 686 -16.87 15.25 -18.74
N CYS B 687 -17.74 16.23 -18.96
CA CYS B 687 -19.15 15.96 -19.22
C CYS B 687 -19.37 15.22 -20.53
N MET B 688 -18.73 15.70 -21.60
CA MET B 688 -18.84 15.04 -22.88
C MET B 688 -18.28 13.63 -22.82
N ALA B 689 -17.19 13.46 -22.10
CA ALA B 689 -16.58 12.13 -21.98
C ALA B 689 -17.52 11.21 -21.21
N LYS B 690 -18.15 11.75 -20.17
CA LYS B 690 -19.11 10.97 -19.40
C LYS B 690 -20.33 10.60 -20.23
N ARG B 691 -20.78 11.53 -21.08
CA ARG B 691 -21.88 11.26 -21.98
C ARG B 691 -21.51 10.16 -22.97
N SER B 692 -20.27 10.19 -23.42
CA SER B 692 -19.77 9.17 -24.33
C SER B 692 -19.87 7.79 -23.67
N VAL B 693 -19.47 7.70 -22.41
CA VAL B 693 -19.56 6.46 -21.66
C VAL B 693 -21.01 5.96 -21.58
N LEU B 694 -21.95 6.87 -21.32
CA LEU B 694 -23.37 6.50 -21.27
C LEU B 694 -23.86 6.02 -22.62
N ALA B 695 -23.47 6.73 -23.67
CA ALA B 695 -23.89 6.38 -25.01
C ALA B 695 -23.41 4.96 -25.32
N GLN B 696 -22.17 4.66 -24.97
CA GLN B 696 -21.61 3.34 -25.21
C GLN B 696 -22.33 2.29 -24.37
N GLU B 697 -22.46 2.55 -23.07
CA GLU B 697 -23.19 1.66 -22.18
C GLU B 697 -24.57 1.32 -22.76
N THR B 698 -25.29 2.35 -23.19
CA THR B 698 -26.61 2.14 -23.81
C THR B 698 -26.55 1.17 -24.98
N LEU B 699 -25.58 1.37 -25.87
CA LEU B 699 -25.40 0.45 -27.00
C LEU B 699 -25.26 -0.99 -26.49
N ILE B 700 -24.43 -1.18 -25.47
CA ILE B 700 -24.20 -2.52 -24.93
C ILE B 700 -25.48 -3.14 -24.39
N LYS B 701 -26.15 -2.43 -23.49
CA LYS B 701 -27.39 -2.91 -22.90
C LYS B 701 -28.42 -3.28 -23.96
N ARG B 702 -28.55 -2.44 -24.99
CA ARG B 702 -29.47 -2.75 -26.07
C ARG B 702 -29.07 -4.03 -26.78
N ILE B 703 -27.78 -4.23 -26.98
CA ILE B 703 -27.31 -5.47 -27.60
C ILE B 703 -27.66 -6.68 -26.74
N ILE B 704 -27.48 -6.56 -25.43
CA ILE B 704 -27.80 -7.62 -24.49
C ILE B 704 -29.30 -7.84 -24.46
N GLN B 705 -30.05 -6.75 -24.43
CA GLN B 705 -31.51 -6.86 -24.30
C GLN B 705 -32.11 -7.54 -25.52
N LYS B 706 -31.57 -7.25 -26.69
CA LYS B 706 -32.05 -7.86 -27.94
C LYS B 706 -31.83 -9.36 -27.94
N LYS B 707 -30.66 -9.79 -27.48
CA LYS B 707 -30.34 -11.21 -27.47
C LYS B 707 -31.23 -11.95 -26.48
N LEU B 708 -31.43 -11.36 -25.31
CA LEU B 708 -32.31 -11.95 -24.31
C LEU B 708 -33.75 -11.97 -24.81
N SER B 709 -34.18 -10.84 -25.36
CA SER B 709 -35.53 -10.69 -25.86
C SER B 709 -35.80 -11.72 -26.96
N TYR B 710 -34.77 -12.01 -27.76
CA TYR B 710 -34.90 -12.92 -28.88
C TYR B 710 -35.01 -14.38 -28.43
N LEU B 711 -34.13 -14.80 -27.53
CA LEU B 711 -34.18 -16.14 -26.98
C LEU B 711 -35.53 -16.41 -26.30
N ILE B 712 -35.99 -15.45 -25.51
CA ILE B 712 -37.30 -15.53 -24.89
C ILE B 712 -38.37 -15.61 -25.97
N GLY B 713 -38.17 -14.88 -27.06
CA GLY B 713 -39.14 -14.87 -28.14
C GLY B 713 -39.28 -16.21 -28.82
N ASN B 714 -38.19 -16.73 -29.39
CA ASN B 714 -38.23 -18.07 -29.96
C ASN B 714 -37.00 -18.91 -29.63
N SER B 715 -37.14 -19.82 -28.69
CA SER B 715 -36.12 -20.83 -28.43
C SER B 715 -36.71 -21.93 -27.55
N ASN B 716 -36.06 -23.09 -27.54
CA ASN B 716 -36.55 -24.22 -26.76
C ASN B 716 -36.09 -24.17 -25.30
N ILE B 717 -35.37 -23.11 -24.94
CA ILE B 717 -34.93 -22.95 -23.56
C ILE B 717 -36.10 -23.05 -22.61
N SER B 718 -35.94 -23.83 -21.55
CA SER B 718 -37.03 -24.10 -20.62
C SER B 718 -37.58 -22.80 -20.04
N SER B 719 -38.89 -22.79 -19.77
CA SER B 719 -39.53 -21.62 -19.19
C SER B 719 -38.81 -21.19 -17.92
N ASP B 720 -38.61 -22.14 -17.01
CA ASP B 720 -37.91 -21.87 -15.77
C ASP B 720 -36.50 -21.37 -16.05
N ASN B 721 -35.88 -21.91 -17.10
CA ASN B 721 -34.55 -21.50 -17.51
C ASN B 721 -34.52 -20.03 -17.93
N LEU B 722 -35.45 -19.66 -18.78
CA LEU B 722 -35.56 -18.27 -19.23
C LEU B 722 -35.76 -17.34 -18.04
N ALA B 723 -36.57 -17.79 -17.08
CA ALA B 723 -36.82 -17.02 -15.88
C ALA B 723 -35.51 -16.63 -15.18
N LEU B 724 -34.65 -17.62 -14.95
CA LEU B 724 -33.37 -17.37 -14.31
C LEU B 724 -32.54 -16.42 -15.17
N MET B 725 -32.53 -16.68 -16.48
CA MET B 725 -31.81 -15.84 -17.43
C MET B 725 -32.20 -14.38 -17.29
N ASN B 726 -33.50 -14.14 -17.15
CA ASN B 726 -34.01 -12.79 -17.02
C ASN B 726 -33.55 -12.14 -15.71
N LEU B 727 -33.67 -12.88 -14.61
CA LEU B 727 -33.25 -12.35 -13.34
C LEU B 727 -31.74 -12.07 -13.38
N THR B 728 -30.99 -13.01 -13.92
CA THR B 728 -29.53 -12.95 -13.96
C THR B 728 -29.03 -11.79 -14.81
N THR B 729 -29.61 -11.63 -15.99
CA THR B 729 -29.21 -10.56 -16.90
C THR B 729 -29.35 -9.18 -16.23
N THR B 730 -30.44 -9.01 -15.51
CA THR B 730 -30.66 -7.81 -14.72
C THR B 730 -29.48 -7.49 -13.81
N ASN B 731 -29.00 -8.50 -13.11
CA ASN B 731 -27.83 -8.32 -12.27
C ASN B 731 -26.60 -7.95 -13.09
N THR B 732 -26.48 -8.54 -14.28
CA THR B 732 -25.39 -8.21 -15.17
C THR B 732 -25.45 -6.76 -15.66
N LEU B 733 -26.66 -6.28 -15.91
CA LEU B 733 -26.83 -4.90 -16.36
C LEU B 733 -26.44 -3.92 -15.26
N ARG B 734 -26.60 -4.34 -14.02
CA ARG B 734 -26.15 -3.52 -12.90
C ARG B 734 -24.62 -3.53 -12.86
N ASP B 735 -24.06 -4.73 -13.00
CA ASP B 735 -22.61 -4.89 -13.04
C ASP B 735 -22.00 -4.03 -14.13
N ILE B 736 -22.74 -3.82 -15.22
CA ILE B 736 -22.26 -2.99 -16.31
C ILE B 736 -22.30 -1.49 -15.97
N SER B 737 -23.27 -1.09 -15.15
CA SER B 737 -23.33 0.29 -14.68
C SER B 737 -22.20 0.56 -13.71
N ASN B 738 -21.93 -0.42 -12.85
CA ASN B 738 -20.86 -0.26 -11.87
C ASN B 738 -19.53 -0.11 -12.57
N GLU B 739 -19.41 -0.77 -13.72
CA GLU B 739 -18.19 -0.69 -14.52
C GLU B 739 -18.14 0.64 -15.25
N SER B 740 -19.29 1.06 -15.77
CA SER B 740 -19.40 2.40 -16.37
C SER B 740 -19.02 3.46 -15.36
N GLN B 741 -19.38 3.24 -14.10
CA GLN B 741 -19.14 4.24 -13.06
C GLN B 741 -17.65 4.40 -12.79
N ILE B 742 -16.93 3.27 -12.74
CA ILE B 742 -15.50 3.29 -12.56
C ILE B 742 -14.88 4.16 -13.65
N ALA B 743 -15.34 3.98 -14.88
CA ALA B 743 -14.83 4.73 -16.02
C ALA B 743 -15.14 6.23 -15.94
N MET B 744 -16.34 6.57 -15.45
CA MET B 744 -16.70 7.99 -15.32
C MET B 744 -15.89 8.65 -14.19
N ASN B 745 -15.37 7.85 -13.26
CA ASN B 745 -14.49 8.36 -12.22
C ASN B 745 -13.11 8.56 -12.77
N ASN B 746 -12.70 7.63 -13.63
CA ASN B 746 -11.45 7.73 -14.33
C ASN B 746 -11.34 9.02 -15.11
N VAL B 747 -12.36 9.38 -15.89
CA VAL B 747 -12.26 10.61 -16.67
C VAL B 747 -12.29 11.85 -15.80
N ASP B 748 -12.90 11.74 -14.62
CA ASP B 748 -12.93 12.86 -13.69
C ASP B 748 -11.55 13.16 -13.08
N SER B 749 -10.85 12.11 -12.64
CA SER B 749 -9.52 12.28 -12.09
C SER B 749 -8.55 12.74 -13.15
N PHE B 750 -8.59 12.07 -14.28
CA PHE B 750 -7.73 12.35 -15.42
C PHE B 750 -7.84 13.82 -15.77
N LEU B 751 -9.06 14.28 -16.02
CA LEU B 751 -9.24 15.64 -16.52
C LEU B 751 -9.07 16.70 -15.45
N ASN B 752 -9.39 16.38 -14.20
CA ASN B 752 -9.14 17.32 -13.09
C ASN B 752 -7.63 17.53 -12.89
N ASN B 753 -6.88 16.44 -12.89
CA ASN B 753 -5.43 16.53 -12.81
C ASN B 753 -4.89 17.39 -13.94
N ALA B 754 -5.33 17.11 -15.16
CA ALA B 754 -4.92 17.90 -16.32
C ALA B 754 -5.13 19.40 -16.08
N ALA B 755 -6.35 19.77 -15.67
CA ALA B 755 -6.67 21.18 -15.44
C ALA B 755 -5.75 21.79 -14.40
N ILE B 756 -5.38 21.01 -13.39
CA ILE B 756 -4.49 21.50 -12.34
C ILE B 756 -3.07 21.65 -12.87
N CYS B 757 -2.71 20.77 -13.79
CA CYS B 757 -1.41 20.81 -14.43
C CYS B 757 -1.33 22.07 -15.29
N VAL B 758 -2.44 22.41 -15.95
CA VAL B 758 -2.49 23.62 -16.73
C VAL B 758 -2.31 24.86 -15.87
N PHE B 759 -2.84 24.84 -14.65
CA PHE B 759 -2.58 25.97 -13.75
C PHE B 759 -1.09 26.08 -13.38
N GLU B 760 -0.44 24.97 -13.06
CA GLU B 760 0.98 24.99 -12.73
C GLU B 760 1.80 25.38 -13.95
N SER B 761 1.49 24.76 -15.08
CA SER B 761 2.31 24.90 -16.29
C SER B 761 2.05 26.15 -17.11
N ASN B 762 0.85 26.70 -17.03
CA ASN B 762 0.44 27.78 -17.94
C ASN B 762 0.03 29.08 -17.26
N ILE B 763 -0.91 29.00 -16.34
CA ILE B 763 -1.38 30.17 -15.61
C ILE B 763 -0.34 30.64 -14.58
N TYR B 764 0.01 29.79 -13.64
CA TYR B 764 0.95 30.13 -12.56
C TYR B 764 2.18 30.92 -13.01
N PRO B 765 2.89 30.45 -14.06
CA PRO B 765 4.08 31.15 -14.51
C PRO B 765 3.78 32.57 -15.04
N LYS B 766 2.60 32.80 -15.58
CA LYS B 766 2.22 34.15 -16.00
C LYS B 766 2.06 35.03 -14.76
N PHE B 767 1.52 34.44 -13.69
CA PHE B 767 1.43 35.09 -12.39
C PHE B 767 2.83 35.48 -11.87
N ILE B 768 3.76 34.54 -11.92
CA ILE B 768 5.12 34.77 -11.43
C ILE B 768 5.82 35.86 -12.21
N SER B 769 5.61 35.90 -13.52
CA SER B 769 6.13 36.98 -14.34
C SER B 769 5.59 38.30 -13.82
N PHE B 770 4.27 38.40 -13.74
CA PHE B 770 3.60 39.62 -13.30
C PHE B 770 4.08 40.06 -11.92
N MET B 771 4.40 39.10 -11.07
CA MET B 771 4.76 39.41 -9.68
C MET B 771 6.19 39.90 -9.51
N GLU B 772 7.11 39.43 -10.35
CA GLU B 772 8.48 39.93 -10.26
C GLU B 772 8.67 41.29 -10.94
N GLN B 773 7.84 41.59 -11.94
CA GLN B 773 7.78 42.95 -12.46
C GLN B 773 7.28 43.86 -11.34
N CYS B 774 6.30 43.34 -10.60
CA CYS B 774 5.61 44.09 -9.55
C CYS B 774 6.51 44.38 -8.34
N ILE B 775 7.22 43.36 -7.85
CA ILE B 775 8.08 43.58 -6.70
C ILE B 775 9.41 44.22 -7.10
N ASN B 776 9.80 44.07 -8.36
CA ASN B 776 10.93 44.83 -8.88
C ASN B 776 10.63 46.32 -8.81
N ASN B 777 9.42 46.68 -9.24
CA ASN B 777 8.96 48.05 -9.11
C ASN B 777 8.95 48.47 -7.65
N ILE B 778 8.21 47.74 -6.82
CA ILE B 778 8.13 48.05 -5.41
C ILE B 778 9.50 48.20 -4.77
N ASN B 779 10.40 47.26 -5.07
CA ASN B 779 11.76 47.33 -4.54
C ASN B 779 12.44 48.65 -4.89
N ILE B 780 12.27 49.08 -6.14
CA ILE B 780 12.81 50.36 -6.58
C ILE B 780 12.27 51.51 -5.74
N LYS B 781 10.97 51.72 -5.82
CA LYS B 781 10.33 52.83 -5.12
C LYS B 781 10.65 52.87 -3.62
N THR B 782 10.83 51.71 -3.02
CA THR B 782 11.12 51.62 -1.60
C THR B 782 12.58 51.96 -1.28
N LYS B 783 13.47 51.69 -2.22
CA LYS B 783 14.88 52.02 -2.07
C LYS B 783 15.07 53.51 -2.29
N GLU B 784 14.41 54.02 -3.33
CA GLU B 784 14.45 55.45 -3.63
C GLU B 784 13.85 56.26 -2.49
N PHE B 785 12.80 55.73 -1.88
CA PHE B 785 12.19 56.40 -0.75
C PHE B 785 13.14 56.50 0.43
N ILE B 786 13.73 55.37 0.81
CA ILE B 786 14.59 55.31 2.00
C ILE B 786 15.86 56.18 1.88
N GLN B 787 16.37 56.35 0.67
CA GLN B 787 17.53 57.21 0.44
C GLN B 787 17.16 58.67 0.67
N LYS B 788 15.90 59.01 0.41
CA LYS B 788 15.44 60.39 0.53
C LYS B 788 15.03 60.72 1.96
N CYS B 789 15.24 59.78 2.88
CA CYS B 789 14.90 59.99 4.27
C CYS B 789 15.87 60.94 4.95
N THR B 790 15.35 62.04 5.47
CA THR B 790 16.17 63.09 6.07
C THR B 790 16.67 62.76 7.47
N ASN B 791 15.76 62.24 8.30
CA ASN B 791 15.99 62.14 9.74
C ASN B 791 16.66 60.86 10.23
N ILE B 792 17.11 60.02 9.31
CA ILE B 792 17.88 58.83 9.69
C ILE B 792 19.25 58.84 9.01
N ASN B 793 20.19 58.10 9.60
CA ASN B 793 21.57 58.09 9.09
C ASN B 793 21.78 57.01 8.04
N GLU B 794 23.03 56.81 7.63
CA GLU B 794 23.36 55.90 6.55
C GLU B 794 23.33 54.43 6.96
N ASP B 795 23.74 54.15 8.19
CA ASP B 795 23.66 52.78 8.71
C ASP B 795 22.21 52.35 8.86
N GLU B 796 21.34 53.32 9.15
CA GLU B 796 19.91 53.06 9.29
C GLU B 796 19.26 52.74 7.93
N LYS B 797 19.65 53.49 6.90
CA LYS B 797 19.12 53.28 5.56
C LYS B 797 19.36 51.86 5.03
N LEU B 798 20.55 51.33 5.27
CA LEU B 798 20.94 50.04 4.74
C LEU B 798 20.20 48.91 5.47
N GLN B 799 20.02 49.07 6.77
CA GLN B 799 19.29 48.08 7.56
C GLN B 799 17.81 48.11 7.21
N LEU B 800 17.31 49.30 6.90
CA LEU B 800 15.90 49.48 6.51
C LEU B 800 15.57 48.93 5.13
N ILE B 801 16.35 49.33 4.14
CA ILE B 801 16.16 48.80 2.79
C ILE B 801 16.15 47.28 2.82
N ASN B 802 17.04 46.72 3.62
CA ASN B 802 17.14 45.27 3.77
C ASN B 802 15.91 44.62 4.40
N GLN B 803 15.37 45.29 5.42
CA GLN B 803 14.19 44.79 6.11
C GLN B 803 12.99 44.73 5.16
N ASN B 804 12.89 45.72 4.27
CA ASN B 804 11.70 45.90 3.43
C ASN B 804 11.72 45.34 2.01
N VAL B 805 12.78 44.60 1.66
CA VAL B 805 12.92 44.12 0.28
C VAL B 805 12.16 42.80 -0.01
N PHE B 806 11.51 42.73 -1.18
CA PHE B 806 10.76 41.55 -1.58
C PHE B 806 11.51 40.66 -2.58
N ASN B 807 11.34 39.35 -2.43
CA ASN B 807 11.89 38.36 -3.34
C ASN B 807 10.82 37.35 -3.74
N SER B 808 11.11 36.53 -4.74
CA SER B 808 10.11 35.61 -5.30
C SER B 808 9.39 34.77 -4.26
N LEU B 809 10.08 34.35 -3.21
CA LEU B 809 9.45 33.48 -2.22
C LEU B 809 8.24 34.13 -1.52
N ASP B 810 8.23 35.47 -1.48
CA ASP B 810 7.11 36.22 -0.91
C ASP B 810 5.80 36.02 -1.68
N PHE B 811 5.87 35.49 -2.90
CA PHE B 811 4.67 35.28 -3.70
C PHE B 811 4.53 33.91 -4.38
N GLU B 812 5.33 32.94 -3.98
CA GLU B 812 5.21 31.59 -4.54
C GLU B 812 4.17 30.78 -3.79
N PHE B 813 2.88 30.97 -4.14
CA PHE B 813 1.78 30.50 -3.31
C PHE B 813 1.30 29.11 -3.69
N LEU B 814 1.86 28.55 -4.76
CA LEU B 814 1.35 27.30 -5.29
C LEU B 814 1.34 26.25 -4.19
N ASN B 815 0.16 25.68 -3.96
CA ASN B 815 0.04 24.51 -3.12
C ASN B 815 -0.77 23.49 -3.91
N ILE B 816 -0.10 22.43 -4.34
CA ILE B 816 -0.70 21.45 -5.24
C ILE B 816 -1.75 20.61 -4.50
N GLN B 817 -1.51 20.35 -3.22
CA GLN B 817 -2.49 19.63 -2.41
C GLN B 817 -3.80 20.43 -2.30
N ASN B 818 -3.69 21.75 -2.18
CA ASN B 818 -4.88 22.59 -2.18
C ASN B 818 -5.60 22.57 -3.51
N MET B 819 -4.85 22.57 -4.61
CA MET B 819 -5.46 22.47 -5.91
C MET B 819 -6.32 21.21 -5.93
N LYS B 820 -5.75 20.09 -5.51
CA LYS B 820 -6.43 18.80 -5.51
C LYS B 820 -7.64 18.75 -4.57
N SER B 821 -7.49 19.37 -3.40
CA SER B 821 -8.56 19.36 -2.41
C SER B 821 -9.82 20.13 -2.84
N LEU B 822 -9.68 20.96 -3.88
CA LEU B 822 -10.81 21.71 -4.39
C LEU B 822 -11.97 20.81 -4.74
N PHE B 823 -11.65 19.66 -5.34
CA PHE B 823 -12.67 18.79 -5.89
C PHE B 823 -13.22 17.79 -4.89
N SER B 824 -12.71 17.84 -3.66
CA SER B 824 -13.29 17.02 -2.62
C SER B 824 -14.33 17.89 -1.95
N SER B 825 -15.58 17.62 -2.30
CA SER B 825 -16.72 18.35 -1.76
C SER B 825 -17.43 17.40 -0.84
N GLU B 826 -18.48 17.87 -0.19
CA GLU B 826 -19.29 16.99 0.63
C GLU B 826 -19.84 15.92 -0.30
N THR B 827 -20.30 16.36 -1.47
CA THR B 827 -20.91 15.44 -2.43
C THR B 827 -19.95 14.35 -2.88
N ALA B 828 -18.74 14.73 -3.23
CA ALA B 828 -17.73 13.76 -3.67
C ALA B 828 -17.49 12.70 -2.58
N LEU B 829 -17.50 13.15 -1.34
CA LEU B 829 -17.35 12.28 -0.18
C LEU B 829 -18.56 11.37 -0.03
N LEU B 830 -19.75 11.98 0.04
CA LEU B 830 -20.98 11.19 0.15
C LEU B 830 -21.04 10.11 -0.91
N ILE B 831 -20.63 10.45 -2.13
CA ILE B 831 -20.66 9.49 -3.22
C ILE B 831 -19.70 8.34 -2.97
N LYS B 832 -18.50 8.66 -2.48
CA LYS B 832 -17.52 7.64 -2.11
C LYS B 832 -18.12 6.64 -1.11
N GLU B 833 -18.76 7.15 -0.06
CA GLU B 833 -19.28 6.33 1.02
C GLU B 833 -20.50 5.50 0.60
N GLU B 834 -21.27 6.04 -0.35
CA GLU B 834 -22.44 5.32 -0.84
C GLU B 834 -22.06 4.24 -1.85
N THR B 835 -21.01 4.49 -2.62
CA THR B 835 -20.57 3.56 -3.65
C THR B 835 -19.37 2.65 -3.31
N TRP B 836 -18.86 2.71 -2.10
CA TRP B 836 -17.71 1.86 -1.77
C TRP B 836 -18.08 0.37 -1.79
N PRO B 837 -17.07 -0.50 -1.89
CA PRO B 837 -17.24 -1.96 -2.06
C PRO B 837 -17.94 -2.70 -0.93
N TYR B 838 -18.12 -2.08 0.25
CA TYR B 838 -18.75 -2.83 1.33
C TYR B 838 -20.24 -3.11 1.10
N GLU B 839 -20.62 -4.38 1.00
CA GLU B 839 -22.03 -4.74 1.02
C GLU B 839 -22.51 -5.21 2.38
N LEU B 840 -21.57 -5.65 3.20
CA LEU B 840 -21.87 -6.01 4.57
C LEU B 840 -20.65 -5.75 5.44
N VAL B 841 -20.85 -5.02 6.54
CA VAL B 841 -19.82 -4.93 7.55
C VAL B 841 -20.44 -5.18 8.91
N LEU B 842 -20.13 -6.33 9.50
CA LEU B 842 -20.80 -6.74 10.71
C LEU B 842 -20.15 -6.14 11.96
N TYR B 843 -20.94 -5.41 12.73
CA TYR B 843 -20.47 -4.90 14.01
C TYR B 843 -21.29 -5.47 15.15
N ALA B 844 -20.67 -5.56 16.32
CA ALA B 844 -21.35 -6.02 17.51
C ALA B 844 -20.77 -5.39 18.77
N PHE B 845 -21.63 -5.07 19.72
CA PHE B 845 -21.17 -4.60 21.03
C PHE B 845 -22.22 -4.81 22.13
N LYS B 846 -21.77 -4.73 23.38
CA LYS B 846 -22.63 -4.96 24.53
C LYS B 846 -23.13 -3.67 25.16
N GLU B 847 -24.43 -3.43 25.06
CA GLU B 847 -25.10 -2.39 25.85
C GLU B 847 -25.56 -3.01 27.15
N PRO B 848 -25.84 -2.17 28.17
CA PRO B 848 -26.37 -2.79 29.39
C PRO B 848 -27.70 -3.49 29.11
N GLY B 849 -27.79 -4.76 29.48
CA GLY B 849 -28.98 -5.56 29.24
C GLY B 849 -29.31 -5.77 27.77
N ASN B 850 -28.38 -5.46 26.88
CA ASN B 850 -28.62 -5.65 25.45
C ASN B 850 -27.34 -5.98 24.68
N ASN B 851 -27.44 -6.90 23.72
CA ASN B 851 -26.36 -7.14 22.76
C ASN B 851 -26.75 -6.55 21.41
N VAL B 852 -25.87 -5.72 20.86
CA VAL B 852 -26.16 -5.06 19.59
C VAL B 852 -25.39 -5.67 18.44
N ILE B 853 -26.11 -6.04 17.39
CA ILE B 853 -25.52 -6.52 16.15
C ILE B 853 -26.09 -5.66 15.03
N GLY B 854 -25.25 -5.25 14.10
CA GLY B 854 -25.68 -4.39 13.01
C GLY B 854 -24.76 -4.42 11.81
N ASP B 855 -25.13 -3.68 10.79
CA ASP B 855 -24.35 -3.59 9.57
C ASP B 855 -23.98 -2.13 9.30
N ALA B 856 -22.68 -1.89 9.13
CA ALA B 856 -22.15 -0.55 8.93
C ALA B 856 -21.91 -0.18 7.46
N SER B 857 -22.21 -1.10 6.55
CA SER B 857 -21.87 -0.91 5.14
C SER B 857 -22.56 0.32 4.57
N GLY B 858 -23.71 0.66 5.16
CA GLY B 858 -24.49 1.78 4.67
C GLY B 858 -25.35 1.36 3.50
N LYS B 859 -25.38 0.06 3.25
CA LYS B 859 -26.25 -0.52 2.25
C LYS B 859 -27.59 -0.98 2.85
N ASN B 860 -28.37 -1.71 2.04
CA ASN B 860 -29.72 -2.12 2.41
C ASN B 860 -29.80 -3.37 3.28
N THR B 861 -28.66 -3.88 3.71
CA THR B 861 -28.59 -5.15 4.43
C THR B 861 -29.53 -5.20 5.63
N SER B 862 -30.40 -6.22 5.66
CA SER B 862 -31.27 -6.50 6.80
C SER B 862 -30.66 -7.63 7.60
N ILE B 863 -30.78 -7.57 8.91
CA ILE B 863 -30.19 -8.59 9.77
C ILE B 863 -31.25 -9.20 10.66
N GLU B 864 -31.30 -10.53 10.68
CA GLU B 864 -32.22 -11.25 11.53
C GLU B 864 -31.40 -12.27 12.30
N TYR B 865 -31.58 -12.32 13.62
CA TYR B 865 -30.78 -13.22 14.43
C TYR B 865 -31.50 -13.70 15.68
N SER B 866 -31.07 -14.85 16.18
CA SER B 866 -31.56 -15.40 17.43
C SER B 866 -31.41 -14.38 18.55
N LYS B 867 -32.44 -14.25 19.39
CA LYS B 867 -32.44 -13.25 20.45
C LYS B 867 -31.33 -13.50 21.48
N ASP B 868 -31.02 -14.77 21.73
CA ASP B 868 -30.07 -15.14 22.79
C ASP B 868 -28.59 -15.27 22.36
N ILE B 869 -28.27 -14.92 21.12
CA ILE B 869 -26.87 -14.94 20.69
C ILE B 869 -25.98 -14.09 21.60
N GLY B 870 -24.88 -14.68 22.08
CA GLY B 870 -23.96 -14.00 22.98
C GLY B 870 -22.77 -13.36 22.29
N LEU B 871 -22.15 -12.42 22.99
CA LEU B 871 -20.97 -11.73 22.44
C LEU B 871 -19.74 -11.96 23.31
N VAL B 872 -18.59 -12.13 22.66
CA VAL B 872 -17.33 -12.32 23.38
C VAL B 872 -16.20 -11.57 22.69
N TYR B 873 -15.29 -11.00 23.47
CA TYR B 873 -14.17 -10.32 22.85
C TYR B 873 -13.32 -11.29 22.04
N GLY B 874 -13.09 -10.88 20.80
CA GLY B 874 -12.35 -11.60 19.79
C GLY B 874 -10.94 -11.08 19.64
N ILE B 875 -10.56 -10.90 18.39
CA ILE B 875 -9.30 -10.26 18.05
C ILE B 875 -9.30 -8.75 18.31
N ASN B 876 -10.03 -7.98 17.50
CA ASN B 876 -10.14 -6.54 17.71
C ASN B 876 -11.45 -6.00 18.29
N SER B 877 -12.44 -6.87 18.49
CA SER B 877 -13.78 -6.41 18.87
C SER B 877 -14.63 -7.55 19.40
N ASP B 878 -15.90 -7.29 19.65
CA ASP B 878 -16.79 -8.34 20.13
C ASP B 878 -17.13 -9.33 19.02
N ALA B 879 -17.05 -10.62 19.35
CA ALA B 879 -17.32 -11.69 18.40
C ALA B 879 -18.67 -12.33 18.72
N LEU B 880 -19.34 -12.82 17.70
CA LEU B 880 -20.59 -13.55 17.90
C LEU B 880 -20.31 -14.99 18.32
N TYR B 881 -21.06 -15.47 19.31
CA TYR B 881 -20.98 -16.87 19.70
C TYR B 881 -22.20 -17.62 19.20
N LEU B 882 -21.97 -18.60 18.34
CA LEU B 882 -23.03 -19.49 17.89
C LEU B 882 -22.82 -20.84 18.56
N ASN B 883 -23.86 -21.35 19.23
CA ASN B 883 -23.72 -22.58 20.02
C ASN B 883 -23.78 -23.88 19.19
N GLY B 884 -24.16 -23.76 17.93
CA GLY B 884 -24.20 -24.91 17.04
C GLY B 884 -25.56 -25.58 17.01
N SER B 885 -26.38 -25.34 18.04
CA SER B 885 -27.67 -26.03 18.10
C SER B 885 -28.81 -25.21 17.51
N ASN B 886 -29.31 -24.22 18.25
CA ASN B 886 -30.45 -23.45 17.76
C ASN B 886 -30.12 -22.08 17.18
N GLN B 887 -28.86 -21.66 17.29
CA GLN B 887 -28.53 -20.27 17.00
C GLN B 887 -28.08 -20.02 15.56
N SER B 888 -28.63 -18.98 14.97
CA SER B 888 -28.34 -18.64 13.59
C SER B 888 -28.54 -17.14 13.38
N ILE B 889 -27.88 -16.62 12.35
CA ILE B 889 -28.03 -15.23 11.98
C ILE B 889 -28.04 -15.14 10.46
N SER B 890 -28.78 -14.19 9.91
CA SER B 890 -28.96 -14.12 8.46
C SER B 890 -28.93 -12.69 7.96
N PHE B 891 -28.25 -12.49 6.83
CA PHE B 891 -28.06 -11.16 6.27
C PHE B 891 -28.68 -11.10 4.89
N SER B 892 -29.41 -10.02 4.63
CA SER B 892 -30.20 -9.93 3.40
C SER B 892 -29.83 -8.69 2.58
N ASN B 893 -29.35 -8.91 1.37
CA ASN B 893 -29.00 -7.83 0.48
C ASN B 893 -29.17 -8.33 -0.96
N ASP B 894 -29.74 -7.53 -1.84
CA ASP B 894 -29.97 -8.02 -3.19
C ASP B 894 -28.67 -8.39 -3.91
N PHE B 895 -27.56 -7.77 -3.50
CA PHE B 895 -26.27 -8.09 -4.07
C PHE B 895 -25.87 -9.53 -3.78
N PHE B 896 -26.28 -10.05 -2.62
CA PHE B 896 -25.84 -11.37 -2.14
C PHE B 896 -26.18 -12.53 -3.08
N GLU B 897 -27.18 -12.33 -3.93
CA GLU B 897 -27.62 -13.38 -4.84
C GLU B 897 -26.59 -13.67 -5.92
N ASN B 898 -25.66 -12.74 -6.10
CA ASN B 898 -24.61 -12.85 -7.11
C ASN B 898 -25.19 -12.96 -8.51
N GLY B 899 -24.70 -13.91 -9.29
CA GLY B 899 -25.11 -13.99 -10.67
C GLY B 899 -24.00 -14.58 -11.53
N LEU B 900 -23.99 -14.19 -12.80
CA LEU B 900 -22.94 -14.56 -13.73
C LEU B 900 -21.67 -13.70 -13.64
N THR B 901 -21.84 -12.38 -13.69
CA THR B 901 -20.73 -11.47 -13.91
C THR B 901 -20.13 -10.67 -12.74
N ASN B 902 -20.73 -10.69 -11.56
CA ASN B 902 -20.24 -9.87 -10.45
C ASN B 902 -19.08 -10.50 -9.68
N SER B 903 -18.27 -9.68 -9.03
CA SER B 903 -17.19 -10.20 -8.21
C SER B 903 -17.48 -9.87 -6.77
N PHE B 904 -16.92 -10.64 -5.85
CA PHE B 904 -17.13 -10.39 -4.43
C PHE B 904 -16.05 -11.00 -3.58
N SER B 905 -15.97 -10.54 -2.33
CA SER B 905 -15.04 -11.13 -1.39
C SER B 905 -15.82 -11.37 -0.12
N ILE B 906 -15.45 -12.45 0.57
CA ILE B 906 -16.01 -12.73 1.88
C ILE B 906 -14.84 -12.84 2.81
N TYR B 907 -14.91 -12.15 3.93
CA TYR B 907 -13.96 -12.44 4.98
C TYR B 907 -14.50 -12.30 6.39
N PHE B 908 -13.78 -12.93 7.31
CA PHE B 908 -14.17 -12.94 8.71
C PHE B 908 -13.12 -13.65 9.54
N TRP B 909 -13.13 -13.37 10.83
CA TRP B 909 -12.35 -14.15 11.77
C TRP B 909 -13.24 -15.26 12.33
N LEU B 910 -12.65 -16.41 12.55
CA LEU B 910 -13.40 -17.56 13.01
C LEU B 910 -12.56 -18.35 14.00
N ARG B 911 -13.14 -18.68 15.14
CA ARG B 911 -12.51 -19.63 16.05
C ARG B 911 -13.51 -20.71 16.30
N ASN B 912 -13.09 -21.94 16.06
CA ASN B 912 -13.99 -23.07 16.13
C ASN B 912 -13.54 -24.03 17.19
N LEU B 913 -14.46 -24.40 18.06
CA LEU B 913 -14.11 -25.40 19.03
C LEU B 913 -14.44 -26.69 18.30
N GLY B 914 -13.39 -27.24 17.69
CA GLY B 914 -13.50 -28.34 16.74
C GLY B 914 -13.75 -29.69 17.38
N LYS B 915 -14.82 -30.35 16.98
CA LYS B 915 -15.10 -31.68 17.51
C LYS B 915 -15.28 -32.72 16.41
N ASP B 916 -16.45 -32.70 15.79
CA ASP B 916 -16.83 -33.69 14.80
C ASP B 916 -16.09 -33.45 13.49
N THR B 917 -15.99 -34.50 12.67
CA THR B 917 -15.47 -34.35 11.33
C THR B 917 -16.59 -34.12 10.29
N ILE B 918 -17.84 -34.30 10.71
CA ILE B 918 -18.96 -34.35 9.76
C ILE B 918 -19.33 -33.03 9.09
N LYS B 919 -19.49 -33.08 7.77
CA LYS B 919 -19.75 -31.91 6.94
C LYS B 919 -20.98 -31.12 7.42
N SER B 920 -20.78 -29.85 7.72
CA SER B 920 -21.82 -29.02 8.32
C SER B 920 -21.80 -27.61 7.77
N LYS B 921 -22.97 -27.06 7.49
CA LYS B 921 -23.07 -25.70 6.97
C LYS B 921 -22.55 -24.74 8.02
N LEU B 922 -21.65 -23.85 7.61
CA LEU B 922 -21.23 -22.73 8.45
C LEU B 922 -21.90 -21.47 7.97
N ILE B 923 -21.56 -21.06 6.75
CA ILE B 923 -22.11 -19.86 6.16
C ILE B 923 -22.15 -20.02 4.64
N GLY B 924 -23.18 -19.46 4.00
CA GLY B 924 -23.31 -19.54 2.57
C GLY B 924 -24.57 -18.89 2.06
N SER B 925 -24.71 -18.85 0.74
CA SER B 925 -25.94 -18.39 0.11
C SER B 925 -26.32 -19.38 -0.98
N LYS B 926 -27.44 -20.06 -0.79
CA LYS B 926 -27.82 -21.11 -1.71
C LYS B 926 -29.32 -21.11 -1.94
N GLU B 927 -29.70 -21.27 -3.20
CA GLU B 927 -31.10 -21.48 -3.55
C GLU B 927 -31.11 -22.30 -4.83
N ASP B 928 -32.06 -23.23 -4.90
CA ASP B 928 -32.19 -24.08 -6.07
C ASP B 928 -30.86 -24.74 -6.38
N ASN B 929 -30.09 -25.02 -5.33
CA ASN B 929 -28.79 -25.68 -5.49
C ASN B 929 -27.77 -24.90 -6.33
N CYS B 930 -27.73 -23.58 -6.16
CA CYS B 930 -26.72 -22.75 -6.77
C CYS B 930 -26.17 -21.83 -5.70
N GLY B 931 -25.06 -21.16 -5.99
CA GLY B 931 -24.41 -20.34 -4.99
C GLY B 931 -23.19 -20.94 -4.34
N TRP B 932 -22.87 -20.46 -3.15
CA TRP B 932 -21.66 -20.84 -2.46
C TRP B 932 -21.96 -21.20 -1.01
N GLU B 933 -21.15 -22.10 -0.45
CA GLU B 933 -21.22 -22.46 0.96
C GLU B 933 -19.82 -22.76 1.51
N ILE B 934 -19.58 -22.31 2.74
CA ILE B 934 -18.43 -22.76 3.50
C ILE B 934 -18.90 -23.77 4.56
N TYR B 935 -18.30 -24.95 4.54
CA TYR B 935 -18.65 -26.04 5.45
C TYR B 935 -17.55 -26.29 6.46
N PHE B 936 -17.90 -26.83 7.62
CA PHE B 936 -16.91 -27.44 8.48
C PHE B 936 -16.75 -28.86 7.97
N GLN B 937 -15.52 -29.31 7.77
CA GLN B 937 -15.29 -30.71 7.43
C GLN B 937 -13.95 -31.22 7.95
N ASP B 938 -13.91 -32.48 8.39
CA ASP B 938 -12.71 -33.04 8.96
C ASP B 938 -12.13 -32.05 9.97
N THR B 939 -10.88 -31.64 9.76
CA THR B 939 -10.25 -30.67 10.65
C THR B 939 -10.33 -29.28 10.06
N GLY B 940 -10.79 -29.18 8.83
CA GLY B 940 -10.80 -27.93 8.10
C GLY B 940 -12.13 -27.28 7.73
N LEU B 941 -12.08 -26.50 6.66
CA LEU B 941 -13.26 -25.97 5.99
C LEU B 941 -13.33 -26.54 4.57
N VAL B 942 -14.52 -26.54 3.97
CA VAL B 942 -14.63 -26.72 2.53
C VAL B 942 -15.33 -25.50 1.91
N PHE B 943 -14.75 -24.94 0.88
CA PHE B 943 -15.43 -23.89 0.11
C PHE B 943 -16.08 -24.54 -1.09
N ASN B 944 -17.38 -24.34 -1.20
CA ASN B 944 -18.13 -24.93 -2.30
C ASN B 944 -18.77 -23.84 -3.15
N MET B 945 -18.68 -24.00 -4.46
CA MET B 945 -19.25 -23.06 -5.41
C MET B 945 -19.87 -23.88 -6.53
N ILE B 946 -21.14 -23.62 -6.83
CA ILE B 946 -21.83 -24.39 -7.85
C ILE B 946 -22.80 -23.56 -8.69
N ASP B 947 -22.75 -23.75 -10.01
CA ASP B 947 -23.60 -22.99 -10.93
C ASP B 947 -24.85 -23.77 -11.35
N SER B 948 -25.70 -23.10 -12.11
CA SER B 948 -26.99 -23.66 -12.50
C SER B 948 -26.86 -24.79 -13.51
N ASN B 949 -25.65 -24.98 -14.05
CA ASN B 949 -25.41 -26.07 -14.97
C ASN B 949 -24.78 -27.27 -14.27
N GLY B 950 -24.50 -27.13 -12.99
CA GLY B 950 -23.95 -28.21 -12.20
C GLY B 950 -22.45 -28.21 -11.98
N ASN B 951 -21.74 -27.29 -12.62
CA ASN B 951 -20.29 -27.16 -12.46
C ASN B 951 -19.93 -26.70 -11.06
N GLU B 952 -18.86 -27.28 -10.51
CA GLU B 952 -18.58 -27.10 -9.10
C GLU B 952 -17.14 -26.78 -8.75
N LYS B 953 -16.96 -25.96 -7.72
CA LYS B 953 -15.70 -25.89 -7.01
C LYS B 953 -15.93 -26.51 -5.62
N ASN B 954 -15.17 -27.54 -5.29
CA ASN B 954 -15.22 -28.08 -3.94
C ASN B 954 -13.80 -28.21 -3.40
N ILE B 955 -13.44 -27.34 -2.46
CA ILE B 955 -12.04 -27.14 -2.11
C ILE B 955 -11.80 -27.27 -0.62
N TYR B 956 -11.03 -28.27 -0.23
CA TYR B 956 -10.70 -28.49 1.18
C TYR B 956 -9.57 -27.60 1.72
N LEU B 957 -9.88 -26.83 2.75
CA LEU B 957 -8.88 -26.00 3.42
C LEU B 957 -8.45 -26.67 4.72
N SER B 958 -7.25 -27.22 4.73
CA SER B 958 -6.79 -28.07 5.84
C SER B 958 -6.54 -27.33 7.15
N ASP B 959 -6.77 -28.02 8.27
CA ASP B 959 -6.35 -27.56 9.59
C ASP B 959 -6.86 -26.19 10.06
N VAL B 960 -8.15 -25.90 9.90
CA VAL B 960 -8.68 -24.67 10.46
C VAL B 960 -9.35 -24.80 11.84
N SER B 961 -9.68 -26.00 12.30
CA SER B 961 -10.22 -26.06 13.66
C SER B 961 -9.16 -26.61 14.58
N ASN B 962 -8.35 -25.69 15.12
CA ASN B 962 -7.44 -25.91 16.23
C ASN B 962 -7.90 -25.22 17.52
N ASN B 963 -9.10 -24.65 17.48
CA ASN B 963 -9.59 -23.72 18.50
C ASN B 963 -8.63 -22.54 18.70
N SER B 964 -8.13 -22.05 17.59
CA SER B 964 -7.40 -20.79 17.54
C SER B 964 -8.06 -19.90 16.49
N TRP B 965 -8.05 -18.59 16.71
CA TRP B 965 -8.63 -17.67 15.74
C TRP B 965 -7.91 -17.78 14.40
N HIS B 966 -8.66 -17.64 13.31
CA HIS B 966 -8.09 -17.64 11.96
C HIS B 966 -8.80 -16.61 11.13
N TYR B 967 -8.07 -16.00 10.20
CA TYR B 967 -8.66 -14.99 9.32
C TYR B 967 -8.91 -15.60 7.95
N ILE B 968 -10.18 -15.79 7.62
CA ILE B 968 -10.57 -16.39 6.36
C ILE B 968 -10.85 -15.32 5.31
N THR B 969 -10.15 -15.40 4.17
CA THR B 969 -10.46 -14.51 3.06
C THR B 969 -10.73 -15.28 1.77
N ILE B 970 -11.87 -15.00 1.16
CA ILE B 970 -12.24 -15.61 -0.10
C ILE B 970 -12.52 -14.54 -1.13
N SER B 971 -11.92 -14.68 -2.31
CA SER B 971 -11.99 -13.68 -3.37
C SER B 971 -12.44 -14.30 -4.69
N VAL B 972 -13.53 -13.76 -5.25
CA VAL B 972 -14.09 -14.23 -6.52
C VAL B 972 -14.00 -13.12 -7.56
N ASP B 973 -13.19 -13.32 -8.59
CA ASP B 973 -12.92 -12.29 -9.57
C ASP B 973 -13.35 -12.77 -10.96
N ARG B 974 -14.44 -12.20 -11.48
CA ARG B 974 -14.95 -12.61 -12.78
C ARG B 974 -14.21 -11.98 -13.96
N LEU B 975 -13.46 -10.92 -13.71
CA LEU B 975 -12.72 -10.28 -14.78
C LEU B 975 -11.47 -11.09 -15.07
N LYS B 976 -10.81 -11.57 -14.02
CA LYS B 976 -9.64 -12.42 -14.21
C LYS B 976 -9.98 -13.91 -14.14
N GLU B 977 -11.26 -14.21 -13.89
CA GLU B 977 -11.78 -15.59 -13.79
C GLU B 977 -11.00 -16.36 -12.75
N GLN B 978 -10.74 -15.71 -11.62
CA GLN B 978 -9.83 -16.26 -10.62
C GLN B 978 -10.43 -16.30 -9.22
N LEU B 979 -10.35 -17.47 -8.60
CA LEU B 979 -10.69 -17.65 -7.19
C LEU B 979 -9.42 -17.63 -6.32
N LEU B 980 -9.45 -16.85 -5.24
CA LEU B 980 -8.34 -16.77 -4.32
C LEU B 980 -8.83 -17.07 -2.91
N ILE B 981 -8.19 -18.01 -2.23
CA ILE B 981 -8.53 -18.28 -0.83
C ILE B 981 -7.31 -18.14 0.09
N PHE B 982 -7.44 -17.28 1.10
CA PHE B 982 -6.39 -17.03 2.08
C PHE B 982 -6.80 -17.51 3.46
N ILE B 983 -5.88 -18.15 4.17
CA ILE B 983 -6.06 -18.39 5.60
C ILE B 983 -4.96 -17.63 6.36
N ASP B 984 -5.36 -16.71 7.23
CA ASP B 984 -4.40 -15.84 7.89
C ASP B 984 -3.55 -15.11 6.86
N ASP B 985 -2.23 -15.17 7.01
CA ASP B 985 -1.32 -14.44 6.11
C ASP B 985 -0.82 -15.27 4.92
N ASN B 986 -1.38 -16.46 4.75
CA ASN B 986 -1.01 -17.36 3.66
C ASN B 986 -2.08 -17.46 2.57
N LEU B 987 -1.64 -17.72 1.34
CA LEU B 987 -2.57 -17.94 0.25
C LEU B 987 -2.73 -19.43 0.01
N VAL B 988 -3.85 -19.98 0.44
CA VAL B 988 -4.03 -21.42 0.40
C VAL B 988 -4.56 -22.01 -0.90
N ALA B 989 -5.26 -21.20 -1.71
CA ALA B 989 -5.77 -21.68 -2.99
C ALA B 989 -5.83 -20.58 -4.02
N ASN B 990 -5.38 -20.90 -5.22
CA ASN B 990 -5.46 -20.01 -6.34
C ASN B 990 -5.93 -20.85 -7.52
N GLU B 991 -7.13 -20.57 -8.02
CA GLU B 991 -7.77 -21.45 -8.97
C GLU B 991 -8.44 -20.69 -10.11
N SER B 992 -8.56 -21.33 -11.26
CA SER B 992 -9.38 -20.78 -12.32
C SER B 992 -10.86 -21.05 -12.02
N ILE B 993 -11.74 -20.11 -12.30
CA ILE B 993 -13.18 -20.35 -12.20
C ILE B 993 -13.86 -20.09 -13.53
N LYS B 994 -13.10 -20.19 -14.62
CA LYS B 994 -13.62 -19.98 -15.95
C LYS B 994 -14.74 -20.98 -16.26
N GLU B 995 -14.71 -22.12 -15.56
CA GLU B 995 -15.69 -23.18 -15.81
C GLU B 995 -17.00 -22.99 -15.04
N ILE B 996 -16.99 -22.11 -14.04
CA ILE B 996 -18.19 -21.82 -13.25
C ILE B 996 -18.96 -20.66 -13.88
N LEU B 997 -20.24 -20.86 -14.23
CA LEU B 997 -20.97 -19.79 -14.90
C LEU B 997 -21.96 -19.02 -14.02
N ASN B 998 -23.17 -19.54 -13.83
CA ASN B 998 -24.18 -18.75 -13.15
C ASN B 998 -24.48 -19.29 -11.76
N ILE B 999 -24.03 -18.54 -10.77
CA ILE B 999 -24.18 -18.87 -9.36
C ILE B 999 -25.32 -18.16 -8.62
N TYR B 1000 -26.28 -17.63 -9.38
CA TYR B 1000 -27.41 -16.92 -8.78
C TYR B 1000 -28.00 -17.75 -7.63
N SER B 1001 -28.11 -17.10 -6.47
CA SER B 1001 -28.52 -17.71 -5.21
C SER B 1001 -29.62 -16.83 -4.64
N SER B 1002 -30.01 -17.02 -3.39
CA SER B 1002 -30.95 -16.07 -2.79
C SER B 1002 -30.24 -14.77 -2.39
N ASN B 1003 -31.03 -13.83 -1.91
CA ASN B 1003 -30.51 -12.54 -1.45
C ASN B 1003 -30.14 -12.62 0.02
N ILE B 1004 -30.17 -13.84 0.54
CA ILE B 1004 -29.87 -14.09 1.95
C ILE B 1004 -28.61 -14.94 2.12
N ILE B 1005 -27.70 -14.46 2.96
CA ILE B 1005 -26.56 -15.26 3.41
C ILE B 1005 -26.92 -15.77 4.79
N SER B 1006 -26.73 -17.07 5.01
CA SER B 1006 -27.11 -17.64 6.30
C SER B 1006 -25.88 -18.12 7.05
N LEU B 1007 -25.73 -17.64 8.28
CA LEU B 1007 -24.67 -18.10 9.14
C LEU B 1007 -25.32 -19.08 10.12
N LEU B 1008 -25.04 -20.36 9.92
CA LEU B 1008 -25.65 -21.44 10.69
C LEU B 1008 -24.68 -21.99 11.73
N SER B 1009 -23.52 -22.47 11.26
CA SER B 1009 -22.50 -23.02 12.14
C SER B 1009 -23.07 -24.27 12.81
N GLU B 1010 -23.75 -25.09 12.03
CA GLU B 1010 -24.37 -26.31 12.53
C GLU B 1010 -23.37 -27.18 13.27
N ASN B 1011 -23.78 -27.70 14.43
CA ASN B 1011 -23.03 -28.76 15.10
C ASN B 1011 -21.64 -28.37 15.60
N ASN B 1012 -21.19 -27.16 15.29
CA ASN B 1012 -19.88 -26.69 15.71
C ASN B 1012 -19.94 -25.33 16.38
N PRO B 1013 -20.06 -25.31 17.71
CA PRO B 1013 -20.04 -24.01 18.39
C PRO B 1013 -18.79 -23.25 18.00
N SER B 1014 -18.94 -21.98 17.65
CA SER B 1014 -17.82 -21.21 17.14
C SER B 1014 -17.92 -19.74 17.50
N TYR B 1015 -16.88 -18.98 17.14
CA TYR B 1015 -16.91 -17.53 17.25
C TYR B 1015 -16.65 -16.91 15.89
N ILE B 1016 -17.44 -15.91 15.53
CA ILE B 1016 -17.30 -15.21 14.26
C ILE B 1016 -17.19 -13.72 14.50
N GLU B 1017 -16.22 -13.08 13.83
CA GLU B 1017 -15.93 -11.68 14.06
C GLU B 1017 -15.60 -10.94 12.77
N GLY B 1018 -16.08 -9.71 12.67
CA GLY B 1018 -15.75 -8.85 11.55
C GLY B 1018 -16.13 -9.38 10.20
N LEU B 1019 -17.22 -10.15 10.14
CA LEU B 1019 -17.72 -10.65 8.86
C LEU B 1019 -17.92 -9.50 7.88
N THR B 1020 -17.40 -9.67 6.66
CA THR B 1020 -17.52 -8.62 5.66
C THR B 1020 -17.80 -9.20 4.27
N ILE B 1021 -18.65 -8.54 3.51
CA ILE B 1021 -18.85 -8.88 2.11
C ILE B 1021 -18.48 -7.66 1.26
N LEU B 1022 -17.72 -7.88 0.19
CA LEU B 1022 -17.33 -6.81 -0.72
C LEU B 1022 -17.83 -7.13 -2.12
N ASN B 1023 -18.09 -6.10 -2.90
CA ASN B 1023 -18.50 -6.29 -4.28
C ASN B 1023 -17.32 -6.31 -5.25
N LYS B 1024 -16.11 -6.32 -4.69
CA LYS B 1024 -14.89 -6.37 -5.49
C LYS B 1024 -13.97 -7.48 -5.00
N PRO B 1025 -13.01 -7.90 -5.85
CA PRO B 1025 -12.04 -8.90 -5.40
C PRO B 1025 -11.02 -8.32 -4.43
N THR B 1026 -10.31 -9.21 -3.73
CA THR B 1026 -9.31 -8.81 -2.76
C THR B 1026 -7.91 -9.24 -3.24
N THR B 1027 -6.90 -8.40 -3.03
CA THR B 1027 -5.54 -8.81 -3.39
C THR B 1027 -4.77 -9.26 -2.15
N SER B 1028 -3.56 -9.77 -2.37
CA SER B 1028 -2.76 -10.32 -1.27
C SER B 1028 -2.22 -9.21 -0.40
N GLN B 1029 -1.87 -8.08 -1.00
CA GLN B 1029 -1.45 -6.94 -0.21
C GLN B 1029 -2.57 -6.52 0.74
N GLU B 1030 -3.80 -6.38 0.22
CA GLU B 1030 -4.93 -5.97 1.05
C GLU B 1030 -5.18 -6.95 2.21
N VAL B 1031 -5.12 -8.25 1.94
CA VAL B 1031 -5.29 -9.25 2.98
C VAL B 1031 -4.28 -9.06 4.11
N LEU B 1032 -2.99 -9.04 3.75
CA LEU B 1032 -1.92 -8.81 4.70
C LEU B 1032 -2.15 -7.52 5.51
N SER B 1033 -2.54 -6.47 4.83
CA SER B 1033 -2.82 -5.20 5.48
C SER B 1033 -4.00 -5.30 6.45
N ASN B 1034 -5.11 -5.90 6.02
CA ASN B 1034 -6.24 -6.15 6.91
C ASN B 1034 -5.84 -6.95 8.13
N TYR B 1035 -5.17 -8.07 7.87
CA TYR B 1035 -4.79 -9.02 8.91
C TYR B 1035 -3.90 -8.42 9.99
N PHE B 1036 -2.82 -7.76 9.60
CA PHE B 1036 -1.89 -7.24 10.58
C PHE B 1036 -2.36 -5.96 11.24
N GLU B 1037 -3.05 -5.09 10.48
CA GLU B 1037 -3.53 -3.83 11.03
C GLU B 1037 -4.44 -4.12 12.22
N VAL B 1038 -5.42 -4.97 11.99
CA VAL B 1038 -6.36 -5.35 13.04
C VAL B 1038 -5.63 -6.02 14.20
N LEU B 1039 -4.60 -6.79 13.88
CA LEU B 1039 -3.90 -7.56 14.90
C LEU B 1039 -3.10 -6.72 15.92
N ASN B 1040 -2.61 -5.53 15.58
CA ASN B 1040 -2.00 -4.79 16.67
C ASN B 1040 -2.87 -3.65 17.18
N ASN B 1041 -3.61 -4.01 18.23
CA ASN B 1041 -4.44 -3.12 19.04
C ASN B 1041 -3.85 -2.86 20.42
N SER B 1042 -2.60 -3.28 20.61
CA SER B 1042 -1.90 -3.18 21.90
C SER B 1042 -2.05 -4.41 22.79
N TYR B 1043 -2.88 -5.36 22.37
CA TYR B 1043 -3.08 -6.55 23.18
C TYR B 1043 -2.03 -7.62 22.91
N ILE B 1044 -1.56 -8.25 23.97
CA ILE B 1044 -0.74 -9.45 23.89
C ILE B 1044 -1.65 -10.67 23.87
N ARG B 1045 -1.28 -11.69 23.12
CA ARG B 1045 -2.16 -12.85 22.96
C ARG B 1045 -1.55 -14.18 23.44
N ASP B 1046 -2.45 -15.13 23.75
CA ASP B 1046 -2.03 -16.47 24.13
C ASP B 1046 -1.90 -17.34 22.88
N SER B 1047 -1.53 -18.61 23.08
CA SER B 1047 -1.25 -19.48 21.95
C SER B 1047 -2.43 -19.58 20.98
N ASN B 1048 -3.63 -19.25 21.47
CA ASN B 1048 -4.84 -19.28 20.64
C ASN B 1048 -5.26 -17.92 20.09
N GLU B 1049 -4.43 -16.90 20.34
CA GLU B 1049 -4.67 -15.53 19.90
C GLU B 1049 -5.84 -14.88 20.59
N GLU B 1050 -6.22 -15.44 21.73
CA GLU B 1050 -7.11 -14.76 22.65
C GLU B 1050 -6.25 -13.82 23.48
N ARG B 1051 -6.84 -12.77 24.01
CA ARG B 1051 -6.08 -11.84 24.84
C ARG B 1051 -5.45 -12.52 26.05
N LEU B 1052 -4.17 -12.23 26.28
CA LEU B 1052 -3.47 -12.69 27.47
C LEU B 1052 -4.07 -11.96 28.67
N GLU B 1053 -4.45 -12.73 29.70
CA GLU B 1053 -5.04 -12.14 30.89
C GLU B 1053 -4.10 -12.21 32.09
N TYR B 1054 -4.18 -11.22 32.96
CA TYR B 1054 -3.49 -11.32 34.25
C TYR B 1054 -4.24 -12.29 35.15
N ASN B 1055 -3.52 -12.85 36.13
CA ASN B 1055 -4.10 -13.78 37.10
C ASN B 1055 -4.80 -15.00 36.50
N LYS B 1056 -4.34 -15.44 35.34
CA LYS B 1056 -4.85 -16.63 34.68
C LYS B 1056 -3.69 -17.61 34.47
N THR B 1057 -3.95 -18.91 34.65
CA THR B 1057 -2.91 -19.91 34.56
C THR B 1057 -2.64 -20.36 33.13
N TYR B 1058 -1.38 -20.23 32.71
CA TYR B 1058 -0.92 -20.63 31.39
C TYR B 1058 0.29 -21.56 31.56
N GLN B 1059 0.63 -22.29 30.51
CA GLN B 1059 1.92 -22.98 30.43
C GLN B 1059 2.79 -22.25 29.41
N LEU B 1060 4.10 -22.22 29.64
CA LEU B 1060 5.00 -21.40 28.83
C LEU B 1060 5.79 -22.21 27.80
N TYR B 1061 5.78 -21.74 26.55
CA TYR B 1061 6.45 -22.43 25.45
C TYR B 1061 7.33 -21.48 24.63
N ASN B 1062 8.52 -21.96 24.27
CA ASN B 1062 9.42 -21.19 23.41
C ASN B 1062 9.14 -21.50 21.94
N TYR B 1063 9.17 -20.46 21.10
CA TYR B 1063 8.90 -20.60 19.67
C TYR B 1063 9.70 -21.72 18.98
N VAL B 1064 10.92 -21.96 19.45
CA VAL B 1064 11.78 -22.95 18.81
C VAL B 1064 11.45 -24.41 19.16
N PHE B 1065 11.13 -24.67 20.43
CA PHE B 1065 10.53 -25.95 20.73
C PHE B 1065 9.12 -25.66 21.18
N SER B 1066 8.17 -25.86 20.26
CA SER B 1066 6.81 -25.39 20.45
C SER B 1066 5.96 -26.38 21.23
N ASP B 1067 6.37 -27.64 21.24
CA ASP B 1067 5.66 -28.69 21.95
C ASP B 1067 6.27 -28.99 23.31
N LYS B 1068 7.33 -28.27 23.67
CA LYS B 1068 8.02 -28.51 24.94
C LYS B 1068 7.83 -27.36 25.92
N PRO B 1069 7.03 -27.60 26.97
CA PRO B 1069 6.74 -26.60 28.00
C PRO B 1069 7.90 -26.37 28.94
N ILE B 1070 7.96 -25.17 29.50
CA ILE B 1070 8.92 -24.84 30.54
C ILE B 1070 8.65 -25.64 31.81
N CYS B 1071 9.70 -26.14 32.43
CA CYS B 1071 9.61 -26.90 33.69
C CYS B 1071 10.64 -26.37 34.68
N GLU B 1072 10.44 -26.63 35.96
CA GLU B 1072 11.37 -26.17 36.98
C GLU B 1072 12.32 -27.29 37.45
N VAL B 1073 13.58 -26.95 37.65
CA VAL B 1073 14.57 -27.90 38.17
C VAL B 1073 15.54 -27.23 39.13
N LYS B 1074 15.78 -27.85 40.29
CA LYS B 1074 16.70 -27.30 41.27
C LYS B 1074 18.13 -27.79 41.01
N GLN B 1075 19.11 -26.92 41.23
CA GLN B 1075 20.51 -27.29 41.10
C GLN B 1075 21.23 -27.29 42.44
N ASN B 1076 21.57 -26.11 42.95
CA ASN B 1076 22.10 -26.05 44.30
C ASN B 1076 21.08 -25.36 45.20
N ASN B 1077 20.30 -26.17 45.91
CA ASN B 1077 19.32 -25.68 46.88
C ASN B 1077 18.59 -24.41 46.42
N ASN B 1078 18.38 -24.32 45.12
CA ASN B 1078 17.58 -23.25 44.51
C ASN B 1078 17.12 -23.70 43.13
N ILE B 1079 16.08 -23.05 42.60
CA ILE B 1079 15.32 -23.66 41.51
C ILE B 1079 15.25 -22.83 40.22
N TYR B 1080 15.52 -23.48 39.09
CA TYR B 1080 15.60 -22.82 37.79
C TYR B 1080 14.51 -23.26 36.81
N LEU B 1081 14.52 -22.67 35.62
CA LEU B 1081 13.53 -22.98 34.59
C LEU B 1081 14.17 -23.52 33.31
N THR B 1082 13.69 -24.67 32.85
CA THR B 1082 14.25 -25.32 31.67
C THR B 1082 13.14 -25.94 30.84
N ILE B 1083 13.52 -26.68 29.80
CA ILE B 1083 12.56 -27.49 29.04
C ILE B 1083 12.99 -28.94 29.06
N ASN B 1084 12.08 -29.84 28.67
CA ASN B 1084 12.34 -31.27 28.80
C ASN B 1084 12.80 -31.84 27.47
N ASN B 1085 14.09 -32.12 27.37
CA ASN B 1085 14.66 -32.75 26.17
C ASN B 1085 14.89 -34.23 26.34
N THR B 1086 14.64 -34.73 27.56
CA THR B 1086 14.70 -36.16 27.81
C THR B 1086 13.25 -36.62 27.78
N ASN B 1087 12.88 -37.31 26.71
CA ASN B 1087 11.48 -37.60 26.43
C ASN B 1087 10.83 -38.34 27.59
N ASN B 1088 9.75 -37.75 28.12
CA ASN B 1088 9.11 -38.24 29.33
C ASN B 1088 10.09 -38.45 30.49
N LEU B 1089 10.84 -37.40 30.83
CA LEU B 1089 11.70 -37.43 32.01
C LEU B 1089 10.81 -37.17 33.22
N ASN B 1090 9.53 -36.99 32.94
CA ASN B 1090 8.51 -36.80 33.97
C ASN B 1090 8.76 -35.55 34.80
N LEU B 1091 9.33 -34.54 34.16
CA LEU B 1091 9.30 -33.19 34.70
C LEU B 1091 7.88 -32.71 34.43
N GLN B 1092 7.27 -32.06 35.42
CA GLN B 1092 5.91 -31.55 35.24
C GLN B 1092 5.91 -30.19 34.58
N ALA B 1093 5.02 -29.99 33.62
CA ALA B 1093 4.85 -28.68 33.03
C ALA B 1093 4.60 -27.70 34.16
N SER B 1094 5.40 -26.64 34.20
CA SER B 1094 5.27 -25.64 35.25
C SER B 1094 4.08 -24.71 34.95
N LYS B 1095 3.43 -24.24 36.01
CA LYS B 1095 2.21 -23.44 35.86
C LYS B 1095 2.47 -21.96 36.14
N PHE B 1096 2.20 -21.12 35.15
CA PHE B 1096 2.52 -19.70 35.23
C PHE B 1096 1.29 -18.79 35.38
N LYS B 1097 1.48 -17.67 36.06
CA LYS B 1097 0.47 -16.61 36.15
C LYS B 1097 1.12 -15.23 36.09
N LEU B 1098 0.65 -14.37 35.19
CA LEU B 1098 1.16 -13.00 35.09
C LEU B 1098 0.48 -12.06 36.09
N LEU B 1099 1.26 -11.26 36.80
CA LEU B 1099 0.72 -10.34 37.79
C LEU B 1099 1.03 -8.87 37.48
N SER B 1100 0.09 -7.99 37.77
CA SER B 1100 0.26 -6.56 37.52
C SER B 1100 0.28 -5.74 38.81
N ILE B 1101 1.08 -4.68 38.81
CA ILE B 1101 1.17 -3.77 39.95
C ILE B 1101 -0.20 -3.15 40.21
N ASN B 1102 -1.07 -3.20 39.20
CA ASN B 1102 -2.39 -2.63 39.29
C ASN B 1102 -3.46 -3.71 39.39
N PRO B 1103 -4.18 -3.74 40.52
CA PRO B 1103 -5.25 -4.72 40.78
C PRO B 1103 -6.35 -4.64 39.73
N ASN B 1104 -6.65 -3.44 39.25
CA ASN B 1104 -7.73 -3.24 38.28
C ASN B 1104 -7.40 -3.71 36.87
N LYS B 1105 -6.14 -4.02 36.62
CA LYS B 1105 -5.74 -4.36 35.26
C LYS B 1105 -6.07 -5.82 34.95
N GLN B 1106 -6.81 -6.03 33.86
CA GLN B 1106 -7.23 -7.36 33.46
C GLN B 1106 -6.42 -7.94 32.31
N TYR B 1107 -6.42 -7.26 31.18
CA TYR B 1107 -5.72 -7.75 29.99
C TYR B 1107 -4.28 -7.21 29.83
N VAL B 1108 -3.40 -8.06 29.30
CA VAL B 1108 -1.99 -7.73 29.14
C VAL B 1108 -1.73 -6.98 27.84
N GLN B 1109 -1.05 -5.84 27.93
CA GLN B 1109 -0.81 -5.00 26.75
C GLN B 1109 0.67 -4.75 26.47
N LYS B 1110 0.95 -4.36 25.24
CA LYS B 1110 2.30 -4.04 24.79
C LYS B 1110 2.91 -3.04 25.77
N LEU B 1111 4.11 -3.35 26.25
CA LEU B 1111 4.85 -2.45 27.14
C LEU B 1111 4.46 -2.48 28.63
N ASP B 1112 3.48 -3.31 28.98
CA ASP B 1112 3.13 -3.52 30.38
C ASP B 1112 4.31 -4.01 31.23
N GLU B 1113 4.34 -3.59 32.49
CA GLU B 1113 5.28 -4.15 33.46
C GLU B 1113 4.63 -5.31 34.19
N VAL B 1114 5.37 -6.41 34.30
CA VAL B 1114 4.81 -7.70 34.67
C VAL B 1114 5.63 -8.44 35.72
N ILE B 1115 4.95 -9.17 36.60
CA ILE B 1115 5.62 -10.11 37.49
C ILE B 1115 5.16 -11.54 37.16
N ILE B 1116 6.12 -12.43 36.94
CA ILE B 1116 5.80 -13.81 36.60
C ILE B 1116 5.78 -14.68 37.86
N SER B 1117 4.68 -15.41 38.05
CA SER B 1117 4.54 -16.26 39.21
C SER B 1117 4.28 -17.72 38.81
N VAL B 1118 4.56 -18.64 39.73
CA VAL B 1118 4.34 -20.06 39.50
C VAL B 1118 3.77 -20.71 40.76
N LEU B 1119 2.89 -21.68 40.57
CA LEU B 1119 2.37 -22.46 41.69
C LEU B 1119 3.06 -23.82 41.78
N ASP B 1120 3.92 -24.01 42.77
CA ASP B 1120 4.56 -25.29 43.00
C ASP B 1120 4.05 -25.92 44.29
N ASN B 1121 4.54 -25.43 45.43
CA ASN B 1121 3.99 -25.76 46.74
C ASN B 1121 3.33 -24.50 47.29
N MET B 1122 4.16 -23.49 47.54
CA MET B 1122 3.68 -22.13 47.73
C MET B 1122 3.70 -21.43 46.37
N GLU B 1123 3.55 -20.11 46.36
CA GLU B 1123 3.66 -19.34 45.12
C GLU B 1123 5.08 -18.81 44.97
N LYS B 1124 5.72 -19.15 43.85
CA LYS B 1124 7.10 -18.74 43.58
C LYS B 1124 7.17 -17.67 42.48
N TYR B 1125 8.02 -16.66 42.69
CA TYR B 1125 8.12 -15.53 41.76
C TYR B 1125 9.49 -15.48 41.08
N ILE B 1126 9.53 -14.98 39.85
CA ILE B 1126 10.73 -15.06 39.03
C ILE B 1126 11.74 -13.94 39.29
N ASP B 1127 13.01 -14.34 39.43
CA ASP B 1127 14.11 -13.38 39.59
C ASP B 1127 15.24 -13.70 38.61
N ILE B 1128 16.09 -12.70 38.35
CA ILE B 1128 17.28 -12.91 37.52
C ILE B 1128 18.53 -13.07 38.38
N SER B 1129 19.27 -14.15 38.15
CA SER B 1129 20.52 -14.39 38.87
C SER B 1129 21.65 -13.54 38.31
N GLU B 1130 22.85 -13.73 38.85
CA GLU B 1130 24.01 -12.98 38.39
C GLU B 1130 24.55 -13.58 37.09
N ASP B 1131 24.18 -14.82 36.82
CA ASP B 1131 24.56 -15.49 35.57
C ASP B 1131 23.50 -15.28 34.49
N ASN B 1132 22.53 -14.43 34.79
CA ASN B 1132 21.43 -14.13 33.87
C ASN B 1132 20.51 -15.32 33.60
N ARG B 1133 20.48 -16.25 34.56
CA ARG B 1133 19.61 -17.40 34.46
C ARG B 1133 18.41 -17.21 35.39
N LEU B 1134 17.22 -17.41 34.84
CA LEU B 1134 15.99 -17.16 35.60
C LEU B 1134 15.72 -18.25 36.64
N GLN B 1135 15.26 -17.81 37.82
CA GLN B 1135 14.99 -18.74 38.92
C GLN B 1135 13.75 -18.35 39.73
N LEU B 1136 13.07 -19.36 40.27
CA LEU B 1136 11.88 -19.14 41.08
C LEU B 1136 12.27 -18.91 42.54
N ILE B 1137 11.78 -17.81 43.12
CA ILE B 1137 12.15 -17.47 44.48
C ILE B 1137 10.96 -17.31 45.42
N ASP B 1138 11.28 -17.08 46.69
CA ASP B 1138 10.31 -17.08 47.77
C ASP B 1138 9.55 -15.76 47.92
N ASN B 1139 10.23 -14.66 47.62
CA ASN B 1139 9.81 -13.34 48.08
C ASN B 1139 9.37 -12.41 46.93
N LYS B 1140 8.09 -12.05 46.91
CA LYS B 1140 7.55 -11.18 45.86
C LYS B 1140 8.31 -9.85 45.73
N ASN B 1141 8.82 -9.36 46.85
CA ASN B 1141 9.58 -8.11 46.87
C ASN B 1141 10.78 -8.14 45.94
N ASN B 1142 11.52 -9.25 45.95
CA ASN B 1142 12.71 -9.39 45.11
C ASN B 1142 12.35 -9.66 43.66
N ALA B 1143 11.10 -10.02 43.41
CA ALA B 1143 10.68 -10.38 42.06
C ALA B 1143 11.07 -9.26 41.10
N LYS B 1144 11.57 -9.64 39.93
CA LYS B 1144 11.96 -8.67 38.92
C LYS B 1144 10.76 -8.29 38.06
N LYS B 1145 10.60 -7.00 37.81
CA LYS B 1145 9.50 -6.52 36.98
C LYS B 1145 9.94 -6.48 35.52
N MET B 1146 9.31 -7.29 34.69
CA MET B 1146 9.71 -7.44 33.29
C MET B 1146 8.75 -6.74 32.37
N ILE B 1147 9.28 -6.28 31.23
CA ILE B 1147 8.45 -5.64 30.22
C ILE B 1147 8.02 -6.67 29.17
N ILE B 1148 6.70 -6.81 28.99
CA ILE B 1148 6.16 -7.70 27.98
C ILE B 1148 5.76 -6.93 26.72
N SER B 1149 6.03 -7.53 25.56
CA SER B 1149 5.77 -6.91 24.28
C SER B 1149 5.59 -8.01 23.25
N ASN B 1150 5.48 -7.66 21.98
CA ASN B 1150 5.30 -8.68 20.95
C ASN B 1150 5.80 -8.27 19.58
N ASP B 1151 5.95 -9.25 18.71
CA ASP B 1151 6.32 -9.02 17.33
C ASP B 1151 5.05 -8.75 16.55
N ILE B 1152 5.08 -7.75 15.69
CA ILE B 1152 3.90 -7.34 14.94
C ILE B 1152 3.47 -8.41 13.93
N PHE B 1153 4.42 -9.24 13.50
CA PHE B 1153 4.13 -10.29 12.51
C PHE B 1153 3.91 -11.68 13.10
N ILE B 1154 4.10 -11.83 14.40
CA ILE B 1154 3.85 -13.10 15.06
C ILE B 1154 2.69 -12.87 16.01
N SER B 1155 1.53 -13.43 15.66
CA SER B 1155 0.27 -13.09 16.31
C SER B 1155 0.04 -13.72 17.69
N ASN B 1156 0.49 -14.95 17.85
CA ASN B 1156 0.29 -15.70 19.10
C ASN B 1156 1.48 -15.71 20.07
N CYS B 1157 2.51 -14.93 19.75
CA CYS B 1157 3.75 -14.95 20.54
C CYS B 1157 4.06 -13.62 21.21
N LEU B 1158 4.90 -13.69 22.25
CA LEU B 1158 5.33 -12.51 23.00
C LEU B 1158 6.83 -12.52 23.31
N THR B 1159 7.35 -11.36 23.71
CA THR B 1159 8.75 -11.21 24.11
C THR B 1159 8.85 -10.66 25.54
N LEU B 1160 9.95 -10.95 26.22
CA LEU B 1160 10.15 -10.47 27.59
C LEU B 1160 11.53 -9.84 27.79
N SER B 1161 11.59 -8.68 28.44
CA SER B 1161 12.86 -8.00 28.65
C SER B 1161 13.05 -7.44 30.05
N TYR B 1162 14.31 -7.33 30.47
CA TYR B 1162 14.67 -6.61 31.70
C TYR B 1162 15.84 -5.69 31.41
N ASN B 1163 15.67 -4.41 31.73
CA ASN B 1163 16.73 -3.43 31.53
C ASN B 1163 17.29 -3.47 30.11
N GLY B 1164 16.44 -3.78 29.14
CA GLY B 1164 16.86 -3.84 27.76
C GLY B 1164 17.40 -5.19 27.36
N LYS B 1165 17.55 -6.08 28.33
CA LYS B 1165 18.03 -7.43 28.07
C LYS B 1165 16.86 -8.39 27.91
N TYR B 1166 16.72 -8.95 26.71
CA TYR B 1166 15.62 -9.86 26.37
C TYR B 1166 15.80 -11.31 26.85
N ILE B 1167 14.68 -12.00 27.01
CA ILE B 1167 14.66 -13.35 27.58
C ILE B 1167 14.53 -14.46 26.52
N CYS B 1168 15.38 -15.47 26.65
CA CYS B 1168 15.49 -16.54 25.66
C CYS B 1168 15.96 -17.85 26.29
N LEU B 1169 16.27 -18.83 25.44
CA LEU B 1169 16.72 -20.13 25.90
C LEU B 1169 18.22 -20.27 25.74
N SER B 1170 18.88 -20.79 26.76
CA SER B 1170 20.34 -20.90 26.72
C SER B 1170 20.79 -22.05 25.82
N MET B 1171 22.10 -22.18 25.69
CA MET B 1171 22.70 -23.33 25.03
C MET B 1171 22.46 -24.58 25.86
N LYS B 1172 22.59 -25.74 25.23
CA LYS B 1172 22.50 -27.00 25.96
C LYS B 1172 23.49 -27.03 27.10
N ASP B 1173 23.07 -27.52 28.27
CA ASP B 1173 23.97 -27.63 29.41
C ASP B 1173 24.04 -29.01 30.07
N GLU B 1174 22.91 -29.43 30.65
CA GLU B 1174 22.90 -30.54 31.62
C GLU B 1174 23.01 -32.01 31.15
N ASN B 1175 22.22 -32.44 30.16
CA ASN B 1175 21.45 -31.59 29.26
C ASN B 1175 20.21 -30.91 29.82
N HIS B 1176 20.23 -29.58 29.79
CA HIS B 1176 19.06 -28.74 30.04
C HIS B 1176 19.28 -27.44 29.29
N ASN B 1177 18.20 -26.82 28.83
CA ASN B 1177 18.28 -25.50 28.24
C ASN B 1177 17.61 -24.47 29.15
N TRP B 1178 18.41 -23.61 29.76
CA TRP B 1178 17.92 -22.67 30.77
C TRP B 1178 17.29 -21.41 30.19
N MET B 1179 16.28 -20.89 30.88
CA MET B 1179 15.77 -19.56 30.55
C MET B 1179 16.80 -18.57 31.03
N ILE B 1180 17.24 -17.70 30.13
CA ILE B 1180 18.29 -16.75 30.46
C ILE B 1180 17.94 -15.34 30.00
N CYS B 1181 18.54 -14.35 30.64
CA CYS B 1181 18.41 -12.98 30.15
C CYS B 1181 19.70 -12.64 29.43
N ASN B 1182 19.67 -12.68 28.11
CA ASN B 1182 20.86 -12.46 27.30
C ASN B 1182 20.47 -11.96 25.92
N ASN B 1183 21.25 -11.05 25.35
CA ASN B 1183 20.88 -10.44 24.07
C ASN B 1183 21.54 -11.00 22.80
N ASP B 1184 22.39 -12.02 22.96
CA ASP B 1184 23.25 -12.47 21.85
C ASP B 1184 22.80 -13.70 21.05
N MET B 1185 21.64 -14.27 21.36
CA MET B 1185 21.17 -15.48 20.68
C MET B 1185 20.36 -15.17 19.42
N SER B 1186 19.97 -16.22 18.68
CA SER B 1186 19.16 -16.06 17.47
C SER B 1186 17.79 -15.46 17.79
N LYS B 1187 17.31 -14.60 16.88
CA LYS B 1187 16.08 -13.86 17.12
C LYS B 1187 14.91 -14.78 17.47
N TYR B 1188 14.88 -15.97 16.89
CA TYR B 1188 13.74 -16.86 17.08
C TYR B 1188 13.59 -17.31 18.53
N LEU B 1189 14.71 -17.37 19.25
CA LEU B 1189 14.69 -17.81 20.65
C LEU B 1189 14.06 -16.81 21.63
N TYR B 1190 13.70 -15.62 21.17
CA TYR B 1190 13.11 -14.62 22.06
C TYR B 1190 11.58 -14.59 21.97
N LEU B 1191 11.02 -15.47 21.14
CA LEU B 1191 9.58 -15.59 21.01
C LEU B 1191 9.00 -16.68 21.91
N TRP B 1192 8.04 -16.30 22.73
CA TRP B 1192 7.38 -17.24 23.62
C TRP B 1192 5.87 -17.20 23.35
N SER B 1193 5.15 -18.22 23.81
CA SER B 1193 3.70 -18.12 23.86
C SER B 1193 3.14 -18.83 25.07
N PHE B 1194 2.06 -18.29 25.62
CA PHE B 1194 1.36 -18.93 26.73
C PHE B 1194 0.16 -19.73 26.22
N LYS B 1195 0.09 -20.99 26.61
CA LYS B 1195 -1.04 -21.85 26.28
C LYS B 1195 -1.87 -22.16 27.52
N PRO B 1196 -3.18 -21.87 27.46
CA PRO B 1196 -4.09 -22.17 28.57
C PRO B 1196 -4.71 -23.57 28.45
ZN ZN C . 31.58 -29.06 -4.57
CA CA D . 28.26 -4.46 -34.95
#